data_4XRY
#
_entry.id   4XRY
#
_cell.length_a   57.064
_cell.length_b   192.341
_cell.length_c   247.304
_cell.angle_alpha   90.00
_cell.angle_beta   90.00
_cell.angle_gamma   90.00
#
_symmetry.space_group_name_H-M   'P 21 21 21'
#
loop_
_entity.id
_entity.type
_entity.pdbx_description
1 polymer 'Cytochrome P450 2D6'
2 non-polymer 'PROTOPORPHYRIN IX CONTAINING FE'
3 non-polymer (4aR,6R,8aS)-8a-(2,4-difluorophenyl)-6-(1-methyl-1H-pyrazol-4-yl)-4,4a,5,6,8,8a-hexahydropyrano[3,4-d][1,3]thiazin-2-amine
4 non-polymer 'ZINC ION'
5 water water
#
_entity_poly.entity_id   1
_entity_poly.type   'polypeptide(L)'
_entity_poly.pdbx_seq_one_letter_code
;MAKKTSSKGKLPPGPLPLPGLGNLLHVDFQNTPYCFDQLRRRFGDVFSLQLAWTPVVVLNGLAAVREALVTHGEDTADRP
PVPITQILGFGPRSQGVFLARYGPAWREQRRFSVSTLRNLGLGKKSLEQWVTEEAACLCAAFANHSGRPFRPNGLLDKAV
SNVIASLTCGRRFEYDDPRFLRLLDLAQEGLKEESGFLREVLNAVPVLLHIPALAGKVLRFQKAFLTQLDELLTEHRMTW
DPAQPPRDLTEAFLAEMEKAKGNPESSFNDENLRIVVADLFSAGMVTTSTTLAWGLLLMILHPDVQRRVQQEIDDVIGQV
RRPEMGDQAHMPYTTAVIHEVQRFGDIVPLGVTHMTSRDIEVQGFRIPKGTTLITNLSSVLKDEAVWEKPFRFHPEHFLD
AQGHFVKPEAFLPFSAGRRACLGEPLARMELFLFFTSLLQHFSFSVPTGQPRPSHHGVFAFLVSPSPYELCAVPRHHHH
;
_entity_poly.pdbx_strand_id   A,B,C,D
#
loop_
_chem_comp.id
_chem_comp.type
_chem_comp.name
_chem_comp.formula
HEM non-polymer 'PROTOPORPHYRIN IX CONTAINING FE' 'C34 H32 Fe N4 O4'
SI5 non-polymer (4aR,6R,8aS)-8a-(2,4-difluorophenyl)-6-(1-methyl-1H-pyrazol-4-yl)-4,4a,5,6,8,8a-hexahydropyrano[3,4-d][1,3]thiazin-2-amine 'C17 H18 F2 N4 O S'
ZN non-polymer 'ZINC ION' 'Zn 2'
#
# COMPACT_ATOMS: atom_id res chain seq x y z
N GLY A 9 36.42 -15.94 25.82
CA GLY A 9 36.03 -15.34 24.56
C GLY A 9 36.48 -13.90 24.44
N LYS A 10 36.10 -13.27 23.34
CA LYS A 10 36.44 -11.87 23.11
C LYS A 10 35.58 -10.93 23.95
N LEU A 11 36.22 -10.01 24.66
CA LEU A 11 35.49 -8.97 25.36
C LEU A 11 35.05 -7.91 24.36
N PRO A 12 33.90 -7.27 24.61
CA PRO A 12 33.39 -6.21 23.72
C PRO A 12 34.39 -5.07 23.54
N PRO A 13 34.46 -4.51 22.32
CA PRO A 13 35.35 -3.38 22.02
C PRO A 13 34.95 -2.10 22.72
N GLY A 14 35.74 -1.04 22.56
CA GLY A 14 35.42 0.24 23.17
C GLY A 14 36.56 1.24 23.00
N PRO A 15 36.26 2.53 23.22
CA PRO A 15 37.26 3.60 23.10
C PRO A 15 38.42 3.42 24.07
N LEU A 16 39.52 4.11 23.81
CA LEU A 16 40.75 3.95 24.60
C LEU A 16 40.54 4.35 26.07
N PRO A 17 40.89 3.44 26.99
CA PRO A 17 40.78 3.66 28.43
C PRO A 17 41.94 4.46 29.01
N LEU A 18 41.65 5.66 29.51
CA LEU A 18 42.65 6.48 30.18
C LEU A 18 43.05 5.84 31.51
N PRO A 19 44.22 6.21 32.05
CA PRO A 19 44.71 5.56 33.29
C PRO A 19 43.76 5.68 34.48
N GLY A 20 43.40 6.90 34.86
CA GLY A 20 42.60 7.11 36.05
C GLY A 20 41.10 7.17 35.81
N LEU A 21 40.69 7.94 34.81
CA LEU A 21 39.27 8.16 34.55
C LEU A 21 38.70 7.14 33.57
N GLY A 22 39.58 6.43 32.87
CA GLY A 22 39.15 5.43 31.91
C GLY A 22 38.42 6.06 30.73
N ASN A 23 37.14 5.72 30.59
CA ASN A 23 36.32 6.26 29.52
C ASN A 23 35.34 7.32 30.02
N LEU A 24 35.65 7.91 31.17
CA LEU A 24 34.77 8.91 31.77
C LEU A 24 34.78 10.21 30.96
N LEU A 25 35.89 10.47 30.26
CA LEU A 25 36.00 11.65 29.42
C LEU A 25 35.67 11.33 27.97
N HIS A 26 35.33 10.06 27.72
CA HIS A 26 34.86 9.64 26.41
C HIS A 26 33.34 9.56 26.40
N VAL A 27 32.73 9.93 27.52
CA VAL A 27 31.27 10.01 27.64
C VAL A 27 30.86 11.25 28.42
N ASP A 28 30.14 12.15 27.76
CA ASP A 28 29.68 13.38 28.42
C ASP A 28 28.29 13.19 29.02
N THR A 32 24.22 11.52 27.04
CA THR A 32 24.75 10.17 27.14
C THR A 32 24.16 9.20 26.12
N PRO A 33 22.83 9.23 25.90
CA PRO A 33 22.32 8.36 24.83
C PRO A 33 22.82 8.80 23.45
N TYR A 34 22.92 10.10 23.23
CA TYR A 34 23.50 10.63 21.99
C TYR A 34 24.93 10.16 21.84
N CYS A 35 25.68 10.23 22.94
CA CYS A 35 27.08 9.80 22.94
C CYS A 35 27.22 8.31 22.70
N PHE A 36 26.24 7.54 23.18
CA PHE A 36 26.26 6.10 23.02
C PHE A 36 25.95 5.69 21.58
N ASP A 37 25.15 6.52 20.90
CA ASP A 37 24.80 6.26 19.50
C ASP A 37 26.03 6.34 18.60
N GLN A 38 26.92 7.29 18.91
CA GLN A 38 28.16 7.43 18.17
C GLN A 38 29.07 6.23 18.41
N LEU A 39 29.11 5.77 19.67
CA LEU A 39 29.90 4.61 20.03
C LEU A 39 29.32 3.35 19.40
N ARG A 40 28.00 3.29 19.31
CA ARG A 40 27.33 2.17 18.68
C ARG A 40 27.66 2.13 17.20
N ARG A 41 27.78 3.31 16.59
CA ARG A 41 28.11 3.42 15.17
C ARG A 41 29.61 3.35 14.93
N ARG A 42 30.38 3.12 16.00
CA ARG A 42 31.83 3.06 15.88
C ARG A 42 32.39 1.72 16.38
N PHE A 43 31.70 1.10 17.34
CA PHE A 43 32.20 -0.13 17.95
C PHE A 43 31.21 -1.29 17.86
N GLY A 44 29.98 -1.00 17.45
CA GLY A 44 28.97 -2.04 17.35
C GLY A 44 27.92 -1.95 18.44
N ASP A 45 27.00 -2.91 18.45
CA ASP A 45 25.87 -2.87 19.36
C ASP A 45 26.22 -3.28 20.78
N VAL A 46 27.39 -3.90 20.95
CA VAL A 46 27.86 -4.28 22.28
C VAL A 46 29.26 -3.75 22.53
N PHE A 47 29.37 -2.57 23.13
CA PHE A 47 30.68 -2.02 23.45
C PHE A 47 30.91 -1.92 24.96
N SER A 48 32.18 -1.78 25.34
CA SER A 48 32.55 -1.71 26.74
C SER A 48 32.95 -0.30 27.16
N LEU A 49 32.82 -0.02 28.44
CA LEU A 49 33.25 1.25 29.02
C LEU A 49 33.85 1.02 30.40
N GLN A 50 34.85 1.81 30.74
CA GLN A 50 35.45 1.75 32.07
C GLN A 50 35.16 3.04 32.82
N LEU A 51 34.03 3.06 33.51
CA LEU A 51 33.64 4.23 34.29
C LEU A 51 34.31 4.18 35.65
N ALA A 52 35.48 4.80 35.74
CA ALA A 52 36.31 4.77 36.95
C ALA A 52 36.59 3.34 37.39
N TRP A 53 36.04 2.96 38.53
CA TRP A 53 36.28 1.63 39.10
C TRP A 53 35.37 0.56 38.50
N THR A 54 34.27 0.98 37.88
CA THR A 54 33.25 0.05 37.45
C THR A 54 33.36 -0.35 35.97
N PRO A 55 33.47 -1.67 35.71
CA PRO A 55 33.42 -2.21 34.36
C PRO A 55 31.99 -2.23 33.82
N VAL A 56 31.78 -1.59 32.68
CA VAL A 56 30.43 -1.44 32.13
C VAL A 56 30.34 -1.92 30.69
N VAL A 57 29.30 -2.70 30.39
CA VAL A 57 28.99 -3.10 29.02
C VAL A 57 27.64 -2.51 28.60
N VAL A 58 27.64 -1.73 27.53
CA VAL A 58 26.41 -1.15 27.01
C VAL A 58 25.79 -2.06 25.95
N LEU A 59 24.49 -2.31 26.07
CA LEU A 59 23.78 -3.14 25.11
C LEU A 59 22.89 -2.29 24.22
N ASN A 60 22.98 -2.49 22.91
CA ASN A 60 22.22 -1.68 21.97
C ASN A 60 21.42 -2.54 20.98
N GLY A 61 20.19 -2.13 20.70
CA GLY A 61 19.35 -2.86 19.79
C GLY A 61 18.59 -4.00 20.45
N LEU A 62 17.48 -4.39 19.83
CA LEU A 62 16.60 -5.41 20.38
C LEU A 62 17.31 -6.73 20.66
N ALA A 63 18.17 -7.14 19.73
CA ALA A 63 18.82 -8.44 19.79
C ALA A 63 19.78 -8.54 20.98
N ALA A 64 20.66 -7.54 21.11
CA ALA A 64 21.60 -7.51 22.23
C ALA A 64 20.87 -7.43 23.57
N VAL A 65 19.85 -6.58 23.63
CA VAL A 65 19.05 -6.41 24.85
C VAL A 65 18.27 -7.68 25.18
N ARG A 66 17.63 -8.29 24.19
CA ARG A 66 16.89 -9.53 24.42
C ARG A 66 17.80 -10.67 24.85
N GLU A 67 18.94 -10.79 24.18
CA GLU A 67 19.89 -11.87 24.46
C GLU A 67 20.37 -11.81 25.91
N ALA A 68 20.54 -10.60 26.41
CA ALA A 68 20.97 -10.41 27.80
C ALA A 68 19.84 -10.72 28.78
N LEU A 69 18.69 -10.08 28.58
CA LEU A 69 17.61 -10.12 29.56
C LEU A 69 16.68 -11.32 29.44
N VAL A 70 16.64 -11.96 28.27
CA VAL A 70 15.76 -13.11 28.07
C VAL A 70 16.56 -14.42 28.02
N THR A 71 17.44 -14.53 27.04
CA THR A 71 18.27 -15.72 26.87
C THR A 71 19.12 -15.97 28.11
N HIS A 72 19.70 -14.91 28.66
CA HIS A 72 20.48 -15.01 29.89
C HIS A 72 19.75 -14.35 31.07
N GLY A 73 18.42 -14.47 31.08
CA GLY A 73 17.60 -13.86 32.11
C GLY A 73 17.97 -14.21 33.53
N GLU A 74 18.31 -15.46 33.78
CA GLU A 74 18.72 -15.90 35.11
C GLU A 74 19.99 -15.21 35.57
N ASP A 75 20.84 -14.85 34.60
CA ASP A 75 22.17 -14.37 34.92
C ASP A 75 22.32 -12.85 34.83
N THR A 76 21.26 -12.15 34.41
CA THR A 76 21.33 -10.69 34.27
C THR A 76 20.26 -9.97 35.07
N ALA A 77 19.61 -10.69 35.99
CA ALA A 77 18.48 -10.12 36.72
C ALA A 77 18.93 -9.45 38.02
N ASP A 78 20.23 -9.37 38.23
CA ASP A 78 20.76 -8.78 39.45
C ASP A 78 21.00 -7.27 39.31
N ARG A 79 21.11 -6.59 40.44
CA ARG A 79 21.41 -5.15 40.45
C ARG A 79 22.84 -4.94 40.95
N PRO A 80 23.50 -3.88 40.46
CA PRO A 80 24.79 -3.49 41.04
C PRO A 80 24.61 -3.07 42.48
N PRO A 81 25.58 -3.36 43.34
CA PRO A 81 25.45 -2.99 44.76
C PRO A 81 25.46 -1.48 44.95
N VAL A 82 24.56 -0.98 45.78
CA VAL A 82 24.54 0.43 46.14
C VAL A 82 24.68 0.55 47.66
N PRO A 83 25.92 0.62 48.15
CA PRO A 83 26.24 0.63 49.58
C PRO A 83 25.56 1.74 50.39
N ILE A 84 25.42 2.93 49.82
CA ILE A 84 24.88 4.06 50.57
C ILE A 84 23.41 3.88 50.96
N THR A 85 22.77 2.84 50.44
CA THR A 85 21.39 2.54 50.78
C THR A 85 21.26 2.14 52.25
N GLN A 86 22.39 1.90 52.91
CA GLN A 86 22.41 1.60 54.34
C GLN A 86 21.92 2.78 55.16
N ILE A 87 22.11 3.98 54.64
CA ILE A 87 21.61 5.20 55.28
C ILE A 87 20.09 5.18 55.34
N LEU A 88 19.47 4.57 54.33
CA LEU A 88 18.02 4.52 54.23
C LEU A 88 17.44 3.28 54.91
N GLY A 89 18.30 2.49 55.53
CA GLY A 89 17.86 1.34 56.30
C GLY A 89 17.78 0.05 55.51
N PHE A 90 18.49 -0.02 54.39
CA PHE A 90 18.54 -1.25 53.60
C PHE A 90 19.32 -2.34 54.34
N GLY A 91 18.84 -3.56 54.23
CA GLY A 91 19.48 -4.71 54.84
C GLY A 91 19.16 -5.96 54.03
N PRO A 92 19.79 -7.08 54.36
CA PRO A 92 19.66 -8.34 53.60
C PRO A 92 18.21 -8.75 53.36
N ARG A 93 17.35 -8.59 54.36
CA ARG A 93 15.94 -8.94 54.21
C ARG A 93 15.07 -7.69 54.07
N SER A 94 15.68 -6.60 53.64
CA SER A 94 14.95 -5.35 53.46
C SER A 94 15.60 -4.49 52.37
N GLN A 95 15.36 -4.84 51.12
CA GLN A 95 15.97 -4.13 50.00
C GLN A 95 14.92 -3.58 49.04
N GLY A 96 13.66 -3.65 49.44
CA GLY A 96 12.56 -3.26 48.58
C GLY A 96 12.46 -4.19 47.39
N VAL A 97 12.19 -3.62 46.22
CA VAL A 97 12.13 -4.39 44.99
C VAL A 97 13.06 -3.82 43.95
N PHE A 98 13.01 -2.50 43.80
CA PHE A 98 13.70 -1.79 42.74
C PHE A 98 15.20 -2.04 42.72
N LEU A 99 15.85 -1.80 43.86
CA LEU A 99 17.31 -1.93 43.94
C LEU A 99 17.73 -3.25 44.58
N ALA A 100 16.76 -4.09 44.94
CA ALA A 100 17.02 -5.35 45.60
C ALA A 100 17.96 -6.24 44.78
N ARG A 101 18.89 -6.88 45.46
CA ARG A 101 19.75 -7.87 44.81
C ARG A 101 18.92 -9.03 44.31
N TYR A 102 19.36 -9.68 43.25
CA TYR A 102 18.67 -10.87 42.76
C TYR A 102 18.77 -11.95 43.82
N GLY A 103 17.62 -12.48 44.23
CA GLY A 103 17.58 -13.44 45.32
C GLY A 103 16.19 -13.47 45.94
N PRO A 104 16.07 -14.15 47.10
CA PRO A 104 14.78 -14.38 47.76
C PRO A 104 14.12 -13.09 48.24
N ALA A 105 14.90 -12.16 48.78
CA ALA A 105 14.37 -10.89 49.26
C ALA A 105 13.68 -10.13 48.13
N TRP A 106 14.30 -10.13 46.94
CA TRP A 106 13.71 -9.51 45.77
C TRP A 106 12.49 -10.30 45.27
N ARG A 107 12.64 -11.61 45.17
CA ARG A 107 11.61 -12.45 44.59
C ARG A 107 10.32 -12.47 45.41
N GLU A 108 10.46 -12.52 46.73
CA GLU A 108 9.30 -12.53 47.62
C GLU A 108 8.52 -11.23 47.49
N GLN A 109 9.22 -10.10 47.54
CA GLN A 109 8.58 -8.80 47.37
C GLN A 109 8.04 -8.61 45.95
N ARG A 110 8.79 -9.06 44.96
CA ARG A 110 8.36 -8.99 43.56
C ARG A 110 7.06 -9.76 43.36
N ARG A 111 7.02 -10.99 43.84
CA ARG A 111 5.84 -11.83 43.69
C ARG A 111 4.67 -11.27 44.50
N PHE A 112 4.99 -10.69 45.66
CA PHE A 112 3.97 -10.09 46.52
C PHE A 112 3.31 -8.89 45.85
N SER A 113 4.13 -7.96 45.37
CA SER A 113 3.60 -6.75 44.71
C SER A 113 2.80 -7.10 43.47
N VAL A 114 3.36 -7.95 42.61
CA VAL A 114 2.71 -8.37 41.38
C VAL A 114 1.35 -9.03 41.65
N SER A 115 1.32 -9.97 42.59
CA SER A 115 0.09 -10.70 42.89
C SER A 115 -0.93 -9.83 43.62
N THR A 116 -0.46 -8.92 44.48
CA THR A 116 -1.36 -8.05 45.22
C THR A 116 -1.97 -7.00 44.28
N LEU A 117 -1.19 -6.51 43.33
CA LEU A 117 -1.72 -5.62 42.30
C LEU A 117 -2.85 -6.30 41.55
N ARG A 118 -2.63 -7.56 41.19
CA ARG A 118 -3.61 -8.36 40.47
C ARG A 118 -4.86 -8.60 41.31
N ASN A 119 -4.66 -8.97 42.58
CA ASN A 119 -5.78 -9.26 43.48
C ASN A 119 -6.66 -8.04 43.71
N LEU A 120 -6.04 -6.88 43.91
CA LEU A 120 -6.78 -5.63 44.03
C LEU A 120 -7.30 -5.22 42.66
N GLY A 121 -6.62 -5.67 41.60
CA GLY A 121 -6.98 -5.35 40.24
C GLY A 121 -8.27 -6.01 39.77
N LEU A 122 -8.35 -7.32 39.97
CA LEU A 122 -9.55 -8.07 39.59
C LEU A 122 -10.55 -8.12 40.75
N GLY A 123 -11.65 -8.82 40.54
CA GLY A 123 -12.70 -8.88 41.53
C GLY A 123 -13.71 -7.77 41.31
N LYS A 124 -13.53 -6.65 42.01
CA LYS A 124 -14.44 -5.52 41.90
C LYS A 124 -13.73 -4.31 41.29
N LYS A 125 -12.65 -4.58 40.57
CA LYS A 125 -11.90 -3.56 39.82
C LYS A 125 -11.50 -2.35 40.66
N SER A 126 -10.87 -2.60 41.81
CA SER A 126 -10.44 -1.52 42.70
C SER A 126 -9.48 -0.57 42.00
N LEU A 127 -8.53 -1.13 41.25
CA LEU A 127 -7.57 -0.32 40.49
C LEU A 127 -8.29 0.57 39.48
N GLU A 128 -9.06 -0.05 38.59
CA GLU A 128 -9.78 0.67 37.55
C GLU A 128 -10.70 1.75 38.13
N GLN A 129 -11.30 1.45 39.28
CA GLN A 129 -12.20 2.37 39.94
C GLN A 129 -11.44 3.57 40.49
N TRP A 130 -10.33 3.32 41.18
CA TRP A 130 -9.51 4.40 41.73
C TRP A 130 -8.94 5.29 40.64
N VAL A 131 -8.55 4.70 39.51
CA VAL A 131 -8.00 5.47 38.40
C VAL A 131 -9.09 6.32 37.75
N THR A 132 -10.22 5.68 37.43
CA THR A 132 -11.36 6.36 36.83
C THR A 132 -11.84 7.53 37.70
N GLU A 133 -11.88 7.32 39.02
CA GLU A 133 -12.30 8.35 39.94
C GLU A 133 -11.26 9.47 40.04
N GLU A 134 -9.98 9.10 40.00
CA GLU A 134 -8.92 10.10 40.07
C GLU A 134 -8.86 10.88 38.75
N ALA A 135 -9.24 10.23 37.67
CA ALA A 135 -9.32 10.88 36.36
C ALA A 135 -10.35 12.00 36.41
N ALA A 136 -11.43 11.77 37.15
CA ALA A 136 -12.48 12.77 37.32
C ALA A 136 -11.97 14.01 38.04
N CYS A 137 -11.17 13.79 39.09
CA CYS A 137 -10.57 14.90 39.83
C CYS A 137 -9.61 15.67 38.93
N LEU A 138 -8.86 14.93 38.12
CA LEU A 138 -7.88 15.54 37.22
C LEU A 138 -8.59 16.43 36.20
N CYS A 139 -9.73 15.95 35.69
CA CYS A 139 -10.55 16.73 34.77
C CYS A 139 -11.02 18.03 35.41
N ALA A 140 -11.53 17.95 36.63
CA ALA A 140 -12.05 19.11 37.34
C ALA A 140 -10.94 20.14 37.60
N ALA A 141 -9.78 19.65 38.06
CA ALA A 141 -8.64 20.51 38.30
C ALA A 141 -8.19 21.20 37.01
N PHE A 142 -8.36 20.49 35.88
CA PHE A 142 -8.06 21.05 34.57
C PHE A 142 -9.08 22.13 34.21
N ALA A 143 -10.34 21.89 34.54
CA ALA A 143 -11.42 22.83 34.25
C ALA A 143 -11.20 24.17 34.95
N ASN A 144 -10.64 24.13 36.15
CA ASN A 144 -10.34 25.35 36.90
C ASN A 144 -9.20 26.15 36.29
N HIS A 145 -8.32 25.47 35.56
CA HIS A 145 -7.21 26.13 34.88
C HIS A 145 -7.58 26.51 33.44
N SER A 146 -8.84 26.81 33.20
CA SER A 146 -9.30 27.08 31.83
C SER A 146 -9.40 28.57 31.51
N GLY A 147 -9.12 28.90 30.26
CA GLY A 147 -9.09 30.30 29.82
C GLY A 147 -7.76 30.91 30.20
N ARG A 148 -6.83 30.05 30.60
CA ARG A 148 -5.56 30.49 31.13
C ARG A 148 -4.48 29.45 30.84
N PRO A 149 -3.39 29.87 30.19
CA PRO A 149 -2.29 28.93 29.93
C PRO A 149 -1.67 28.44 31.23
N PHE A 150 -1.35 27.15 31.29
CA PHE A 150 -0.80 26.57 32.51
C PHE A 150 0.00 25.30 32.24
N ARG A 151 1.08 25.12 33.00
CA ARG A 151 1.83 23.87 32.97
C ARG A 151 1.01 22.78 33.64
N PRO A 152 0.77 21.67 32.93
CA PRO A 152 -0.07 20.58 33.44
C PRO A 152 0.71 19.56 34.28
N ASN A 153 2.03 19.72 34.37
CA ASN A 153 2.89 18.74 35.02
C ASN A 153 2.50 18.45 36.47
N GLY A 154 2.32 19.53 37.24
CA GLY A 154 1.96 19.42 38.64
C GLY A 154 0.69 18.63 38.88
N LEU A 155 -0.32 18.88 38.06
CA LEU A 155 -1.60 18.19 38.19
C LEU A 155 -1.48 16.71 37.79
N LEU A 156 -0.63 16.43 36.82
CA LEU A 156 -0.39 15.05 36.39
C LEU A 156 0.29 14.26 37.50
N ASP A 157 1.32 14.84 38.09
CA ASP A 157 2.02 14.24 39.23
C ASP A 157 1.06 13.86 40.36
N LYS A 158 0.17 14.78 40.71
CA LYS A 158 -0.77 14.56 41.81
C LYS A 158 -1.74 13.42 41.53
N ALA A 159 -2.33 13.43 40.34
CA ALA A 159 -3.32 12.41 39.97
C ALA A 159 -2.66 11.04 39.89
N VAL A 160 -1.46 11.00 39.31
CA VAL A 160 -0.72 9.75 39.19
C VAL A 160 -0.28 9.27 40.58
N SER A 161 0.12 10.20 41.44
CA SER A 161 0.51 9.89 42.80
C SER A 161 -0.66 9.34 43.61
N ASN A 162 -1.85 9.90 43.40
CA ASN A 162 -3.02 9.46 44.14
C ASN A 162 -3.43 8.03 43.80
N VAL A 163 -3.18 7.62 42.57
CA VAL A 163 -3.50 6.26 42.14
C VAL A 163 -2.64 5.25 42.89
N ILE A 164 -1.37 5.59 43.09
CA ILE A 164 -0.46 4.73 43.82
C ILE A 164 -0.82 4.72 45.30
N ALA A 165 -1.08 5.90 45.86
CA ALA A 165 -1.51 6.02 47.25
C ALA A 165 -2.76 5.19 47.49
N SER A 166 -3.64 5.15 46.50
CA SER A 166 -4.87 4.37 46.59
C SER A 166 -4.57 2.88 46.65
N LEU A 167 -3.56 2.46 45.91
CA LEU A 167 -3.18 1.06 45.88
C LEU A 167 -2.40 0.68 47.12
N THR A 168 -1.46 1.54 47.52
CA THR A 168 -0.64 1.28 48.69
C THR A 168 -1.40 1.50 49.99
N CYS A 169 -1.92 2.71 50.19
CA CYS A 169 -2.53 3.05 51.48
C CYS A 169 -4.06 3.16 51.46
N GLY A 170 -4.67 2.92 50.31
CA GLY A 170 -6.11 2.93 50.21
C GLY A 170 -6.77 4.28 50.43
N ARG A 171 -6.05 5.35 50.12
CA ARG A 171 -6.62 6.69 50.22
C ARG A 171 -6.09 7.57 49.09
N ARG A 172 -6.73 8.72 48.91
CA ARG A 172 -6.17 9.75 48.03
C ARG A 172 -5.96 11.00 48.85
N PHE A 173 -5.24 11.96 48.27
CA PHE A 173 -5.01 13.24 48.91
C PHE A 173 -5.57 14.36 48.05
N GLU A 174 -6.11 15.39 48.69
CA GLU A 174 -6.56 16.56 47.95
C GLU A 174 -5.36 17.23 47.29
N TYR A 175 -5.59 17.94 46.19
CA TYR A 175 -4.50 18.52 45.41
C TYR A 175 -3.83 19.69 46.13
N ASP A 176 -4.41 20.14 47.24
CA ASP A 176 -3.85 21.24 48.00
C ASP A 176 -3.47 20.82 49.42
N ASP A 177 -3.53 19.51 49.67
CA ASP A 177 -3.11 18.95 50.94
C ASP A 177 -1.62 19.22 51.19
N PRO A 178 -1.31 19.95 52.28
CA PRO A 178 0.08 20.32 52.64
C PRO A 178 1.04 19.14 52.70
N ARG A 179 0.65 18.06 53.39
CA ARG A 179 1.54 16.91 53.52
C ARG A 179 1.75 16.22 52.17
N PHE A 180 0.70 16.22 51.34
CA PHE A 180 0.77 15.65 50.01
C PHE A 180 1.79 16.39 49.15
N LEU A 181 1.71 17.71 49.16
CA LEU A 181 2.63 18.54 48.38
C LEU A 181 4.07 18.35 48.83
N ARG A 182 4.28 18.28 50.14
CA ARG A 182 5.63 18.08 50.67
C ARG A 182 6.17 16.73 50.23
N LEU A 183 5.32 15.72 50.24
CA LEU A 183 5.68 14.38 49.79
C LEU A 183 6.14 14.42 48.33
N LEU A 184 5.32 15.03 47.48
CA LEU A 184 5.62 15.12 46.05
C LEU A 184 6.87 15.96 45.81
N ASP A 185 7.04 17.01 46.60
CA ASP A 185 8.20 17.88 46.49
C ASP A 185 9.47 17.12 46.87
N LEU A 186 9.42 16.44 48.01
CA LEU A 186 10.57 15.68 48.50
C LEU A 186 10.95 14.56 47.55
N ALA A 187 9.95 14.01 46.85
CA ALA A 187 10.17 12.91 45.93
C ALA A 187 10.94 13.35 44.69
N GLN A 188 10.63 14.54 44.19
CA GLN A 188 11.26 15.05 42.97
C GLN A 188 12.67 15.55 43.25
N GLU A 189 12.90 16.02 44.48
CA GLU A 189 14.24 16.42 44.90
C GLU A 189 15.11 15.18 45.08
N GLY A 190 14.53 14.12 45.63
CA GLY A 190 15.23 12.88 45.86
C GLY A 190 15.69 12.25 44.56
N LEU A 191 14.86 12.36 43.52
CA LEU A 191 15.21 11.83 42.21
C LEU A 191 16.47 12.51 41.68
N LYS A 192 16.61 13.79 41.97
CA LYS A 192 17.80 14.55 41.58
C LYS A 192 19.03 14.06 42.32
N GLU A 193 18.84 13.57 43.54
CA GLU A 193 19.94 13.10 44.36
C GLU A 193 20.53 11.79 43.87
N GLU A 194 19.75 11.03 43.11
CA GLU A 194 20.25 9.79 42.54
C GLU A 194 21.29 10.08 41.45
N SER A 195 21.06 11.13 40.70
CA SER A 195 22.00 11.55 39.66
C SER A 195 22.98 12.58 40.21
N GLY A 196 23.62 12.26 41.33
CA GLY A 196 24.61 13.14 41.93
C GLY A 196 25.99 12.52 41.90
N PHE A 197 27.01 13.36 41.80
CA PHE A 197 28.39 12.89 41.70
C PHE A 197 28.87 12.27 43.02
N LEU A 198 28.40 12.82 44.13
CA LEU A 198 28.83 12.35 45.45
C LEU A 198 28.31 10.95 45.75
N ARG A 199 27.26 10.55 45.06
CA ARG A 199 26.71 9.20 45.21
C ARG A 199 27.73 8.15 44.80
N GLU A 200 28.50 8.44 43.75
CA GLU A 200 29.47 7.50 43.21
C GLU A 200 30.66 7.29 44.16
N VAL A 201 31.17 8.38 44.70
CA VAL A 201 32.34 8.33 45.59
C VAL A 201 32.05 7.54 46.86
N LEU A 202 30.85 7.73 47.41
CA LEU A 202 30.47 7.09 48.67
C LEU A 202 30.05 5.63 48.46
N ASN A 203 29.49 5.34 47.30
CA ASN A 203 29.16 3.96 46.94
C ASN A 203 30.43 3.13 46.75
N ALA A 204 31.46 3.76 46.20
CA ALA A 204 32.73 3.10 45.98
C ALA A 204 33.41 2.78 47.31
N VAL A 205 33.45 3.77 48.20
CA VAL A 205 34.08 3.60 49.50
C VAL A 205 33.06 3.82 50.63
N PRO A 206 32.42 2.73 51.07
CA PRO A 206 31.37 2.76 52.11
C PRO A 206 31.83 3.34 53.46
N VAL A 207 33.11 3.20 53.78
CA VAL A 207 33.61 3.65 55.08
C VAL A 207 33.66 5.17 55.16
N LEU A 208 33.43 5.85 54.04
CA LEU A 208 33.35 7.30 54.02
C LEU A 208 32.06 7.78 54.70
N LEU A 209 31.14 6.85 54.93
CA LEU A 209 29.87 7.16 55.59
C LEU A 209 30.03 7.23 57.10
N HIS A 210 31.21 6.85 57.59
CA HIS A 210 31.52 6.95 59.02
C HIS A 210 31.80 8.40 59.40
N ILE A 211 31.81 9.28 58.40
CA ILE A 211 31.91 10.72 58.62
C ILE A 211 30.52 11.33 58.68
N PRO A 212 30.03 11.64 59.89
CA PRO A 212 28.69 12.18 60.09
C PRO A 212 28.42 13.46 59.31
N ALA A 213 29.48 14.21 59.01
CA ALA A 213 29.37 15.42 58.23
C ALA A 213 28.87 15.12 56.82
N LEU A 214 29.42 14.06 56.23
CA LEU A 214 29.03 13.65 54.89
C LEU A 214 27.69 12.91 54.89
N ALA A 215 27.54 11.97 55.83
CA ALA A 215 26.38 11.08 55.88
C ALA A 215 25.05 11.83 55.92
N GLY A 216 25.04 13.00 56.54
CA GLY A 216 23.83 13.80 56.65
C GLY A 216 23.58 14.68 55.45
N LYS A 217 24.43 14.56 54.44
CA LYS A 217 24.34 15.37 53.23
C LYS A 217 23.95 14.52 52.02
N VAL A 218 24.36 13.25 52.05
CA VAL A 218 24.19 12.34 50.93
C VAL A 218 22.75 12.27 50.41
N LEU A 219 21.85 11.84 51.27
CA LEU A 219 20.47 11.58 50.87
C LEU A 219 19.48 12.31 51.79
N ARG A 220 19.65 13.62 51.92
CA ARG A 220 18.80 14.41 52.80
C ARG A 220 17.35 14.41 52.33
N PHE A 221 17.14 14.52 51.03
CA PHE A 221 15.78 14.54 50.48
C PHE A 221 15.18 13.14 50.44
N GLN A 222 16.04 12.13 50.27
CA GLN A 222 15.59 10.75 50.35
C GLN A 222 15.10 10.43 51.76
N LYS A 223 15.92 10.79 52.75
CA LYS A 223 15.58 10.55 54.15
C LYS A 223 14.35 11.33 54.58
N ALA A 224 14.22 12.55 54.07
CA ALA A 224 13.06 13.37 54.36
C ALA A 224 11.81 12.71 53.80
N PHE A 225 11.92 12.23 52.56
CA PHE A 225 10.81 11.56 51.90
C PHE A 225 10.35 10.32 52.66
N LEU A 226 11.31 9.53 53.12
CA LEU A 226 11.00 8.33 53.90
C LEU A 226 10.40 8.69 55.26
N THR A 227 10.83 9.82 55.82
CA THR A 227 10.28 10.30 57.08
C THR A 227 8.82 10.71 56.95
N GLN A 228 8.53 11.47 55.90
CA GLN A 228 7.16 11.89 55.60
C GLN A 228 6.28 10.66 55.35
N LEU A 229 6.86 9.63 54.74
CA LEU A 229 6.15 8.41 54.44
C LEU A 229 5.86 7.59 55.71
N ASP A 230 6.86 7.51 56.59
CA ASP A 230 6.70 6.84 57.88
C ASP A 230 5.47 7.34 58.62
N GLU A 231 5.37 8.67 58.70
CA GLU A 231 4.26 9.33 59.37
C GLU A 231 2.92 8.90 58.78
N LEU A 232 2.87 8.78 57.45
CA LEU A 232 1.64 8.40 56.76
C LEU A 232 1.35 6.91 56.95
N LEU A 233 2.42 6.10 57.03
CA LEU A 233 2.28 4.67 57.28
C LEU A 233 1.75 4.42 58.68
N THR A 234 2.23 5.21 59.65
CA THR A 234 1.81 5.07 61.03
C THR A 234 0.31 5.33 61.18
N GLU A 235 -0.18 6.37 60.50
CA GLU A 235 -1.60 6.67 60.50
C GLU A 235 -2.39 5.51 59.90
N HIS A 236 -1.87 4.95 58.82
CA HIS A 236 -2.52 3.86 58.11
C HIS A 236 -2.61 2.61 58.99
N ARG A 237 -1.57 2.39 59.79
CA ARG A 237 -1.52 1.24 60.68
C ARG A 237 -2.59 1.37 61.78
N MET A 238 -2.94 2.61 62.10
CA MET A 238 -3.97 2.87 63.10
C MET A 238 -5.37 2.58 62.57
N THR A 239 -5.64 2.92 61.32
CA THR A 239 -6.98 2.76 60.76
C THR A 239 -7.20 1.36 60.19
N TRP A 240 -6.13 0.59 60.08
CA TRP A 240 -6.18 -0.76 59.50
C TRP A 240 -7.07 -1.70 60.31
N ASP A 241 -8.04 -2.31 59.63
CA ASP A 241 -8.93 -3.28 60.25
C ASP A 241 -8.56 -4.69 59.82
N PRO A 242 -7.80 -5.41 60.66
CA PRO A 242 -7.26 -6.73 60.34
C PRO A 242 -8.34 -7.82 60.30
N ALA A 243 -9.54 -7.49 60.76
CA ALA A 243 -10.65 -8.43 60.77
C ALA A 243 -11.34 -8.50 59.41
N GLN A 244 -10.93 -7.60 58.51
CA GLN A 244 -11.48 -7.59 57.15
C GLN A 244 -10.36 -7.89 56.16
N PRO A 245 -10.72 -8.42 54.98
CA PRO A 245 -9.73 -8.64 53.92
C PRO A 245 -8.98 -7.35 53.59
N PRO A 246 -7.65 -7.43 53.44
CA PRO A 246 -6.79 -6.30 53.10
C PRO A 246 -7.39 -5.44 51.98
N ARG A 247 -7.44 -4.14 52.20
CA ARG A 247 -8.09 -3.24 51.25
C ARG A 247 -7.08 -2.59 50.31
N ASP A 248 -5.80 -2.73 50.66
CA ASP A 248 -4.72 -2.11 49.91
C ASP A 248 -3.42 -2.86 50.16
N LEU A 249 -2.37 -2.55 49.40
CA LEU A 249 -1.13 -3.31 49.45
C LEU A 249 -0.46 -3.25 50.82
N THR A 250 -0.53 -2.09 51.46
CA THR A 250 0.08 -1.92 52.78
C THR A 250 -0.59 -2.82 53.82
N GLU A 251 -1.91 -2.98 53.73
CA GLU A 251 -2.62 -3.87 54.64
C GLU A 251 -2.24 -5.31 54.38
N ALA A 252 -2.13 -5.67 53.11
CA ALA A 252 -1.70 -7.00 52.73
C ALA A 252 -0.30 -7.29 53.26
N PHE A 253 0.56 -6.26 53.20
CA PHE A 253 1.92 -6.37 53.70
C PHE A 253 1.92 -6.56 55.21
N LEU A 254 1.09 -5.77 55.91
CA LEU A 254 1.01 -5.83 57.37
C LEU A 254 0.50 -7.19 57.85
N ALA A 255 -0.46 -7.76 57.12
CA ALA A 255 -0.99 -9.08 57.46
C ALA A 255 0.10 -10.14 57.31
N GLU A 256 0.90 -10.02 56.25
CA GLU A 256 2.02 -10.93 56.04
C GLU A 256 3.07 -10.77 57.14
N MET A 257 3.20 -9.55 57.66
CA MET A 257 4.17 -9.26 58.70
C MET A 257 3.79 -9.99 59.99
N GLU A 258 2.50 -9.99 60.31
CA GLU A 258 1.99 -10.70 61.46
C GLU A 258 2.33 -12.18 61.40
N LYS A 259 2.03 -12.81 60.26
CA LYS A 259 2.32 -14.21 60.05
C LYS A 259 3.80 -14.52 60.10
N ALA A 260 4.62 -13.54 59.74
CA ALA A 260 6.07 -13.73 59.66
C ALA A 260 6.80 -13.44 60.98
N LYS A 261 6.06 -13.11 62.03
CA LYS A 261 6.67 -12.88 63.33
C LYS A 261 7.35 -14.15 63.82
N GLY A 262 8.66 -14.06 64.09
CA GLY A 262 9.44 -15.21 64.48
C GLY A 262 10.26 -15.76 63.35
N ASN A 263 10.15 -15.16 62.16
CA ASN A 263 10.89 -15.63 61.00
C ASN A 263 11.89 -14.59 60.50
N PRO A 264 13.17 -14.77 60.85
CA PRO A 264 14.25 -13.86 60.45
C PRO A 264 14.55 -13.92 58.95
N GLU A 265 13.92 -14.84 58.24
CA GLU A 265 14.17 -15.00 56.81
C GLU A 265 13.19 -14.19 55.97
N SER A 266 12.09 -13.76 56.58
CA SER A 266 11.06 -13.03 55.85
C SER A 266 11.51 -11.61 55.51
N SER A 267 11.12 -11.13 54.34
CA SER A 267 11.38 -9.75 53.97
C SER A 267 10.17 -8.89 54.33
N PHE A 268 9.18 -9.51 54.94
CA PHE A 268 8.03 -8.77 55.46
C PHE A 268 8.32 -8.24 56.85
N ASN A 269 8.94 -7.08 56.91
CA ASN A 269 9.29 -6.44 58.18
C ASN A 269 9.13 -4.92 58.09
N ASP A 270 9.28 -4.25 59.23
CA ASP A 270 9.09 -2.80 59.31
C ASP A 270 10.02 -2.04 58.38
N GLU A 271 11.29 -2.41 58.40
CA GLU A 271 12.29 -1.71 57.59
C GLU A 271 11.99 -1.82 56.10
N ASN A 272 11.40 -2.95 55.69
CA ASN A 272 11.16 -3.21 54.29
C ASN A 272 9.83 -2.63 53.83
N LEU A 273 8.90 -2.44 54.77
CA LEU A 273 7.61 -1.85 54.45
C LEU A 273 7.76 -0.44 53.88
N ARG A 274 8.55 0.39 54.56
CA ARG A 274 8.73 1.77 54.12
C ARG A 274 9.53 1.83 52.83
N ILE A 275 10.43 0.87 52.62
CA ILE A 275 11.21 0.84 51.40
C ILE A 275 10.37 0.37 50.21
N VAL A 276 9.60 -0.69 50.41
CA VAL A 276 8.74 -1.21 49.35
C VAL A 276 7.73 -0.15 48.90
N VAL A 277 7.05 0.46 49.87
CA VAL A 277 6.09 1.52 49.57
C VAL A 277 6.75 2.69 48.83
N ALA A 278 7.93 3.09 49.29
CA ALA A 278 8.65 4.20 48.67
C ALA A 278 9.05 3.87 47.23
N ASP A 279 9.44 2.63 47.00
CA ASP A 279 9.75 2.15 45.65
C ASP A 279 8.52 2.25 44.74
N LEU A 280 7.42 1.68 45.21
CA LEU A 280 6.18 1.66 44.45
C LEU A 280 5.64 3.06 44.21
N PHE A 281 5.63 3.86 45.28
CA PHE A 281 5.02 5.18 45.23
C PHE A 281 5.73 6.09 44.24
N SER A 282 7.06 6.02 44.21
CA SER A 282 7.85 6.94 43.40
C SER A 282 8.09 6.43 41.97
N ALA A 283 8.42 5.15 41.82
CA ALA A 283 8.73 4.59 40.50
C ALA A 283 7.57 4.74 39.53
N GLY A 284 6.35 4.77 40.06
CA GLY A 284 5.17 4.94 39.24
C GLY A 284 4.51 6.28 39.45
N MET A 285 5.34 7.30 39.65
CA MET A 285 4.85 8.66 39.87
C MET A 285 5.53 9.61 38.91
N VAL A 286 6.83 9.43 38.74
CA VAL A 286 7.61 10.30 37.88
C VAL A 286 7.64 9.72 36.46
N THR A 287 7.38 8.43 36.34
CA THR A 287 7.38 7.77 35.04
C THR A 287 6.04 7.96 34.32
N THR A 288 4.96 7.56 34.98
CA THR A 288 3.63 7.67 34.39
C THR A 288 3.23 9.12 34.13
N SER A 289 3.65 10.01 35.01
CA SER A 289 3.28 11.41 34.90
C SER A 289 4.06 12.09 33.78
N THR A 290 5.33 11.76 33.66
CA THR A 290 6.17 12.32 32.59
C THR A 290 5.66 11.83 31.24
N THR A 291 5.24 10.58 31.17
CA THR A 291 4.68 10.02 29.96
C THR A 291 3.43 10.79 29.53
N LEU A 292 2.56 11.08 30.50
CA LEU A 292 1.35 11.86 30.22
C LEU A 292 1.69 13.31 29.88
N ALA A 293 2.78 13.80 30.44
CA ALA A 293 3.25 15.14 30.12
C ALA A 293 3.77 15.19 28.68
N TRP A 294 4.45 14.12 28.25
CA TRP A 294 4.84 13.98 26.85
C TRP A 294 3.61 13.84 25.98
N GLY A 295 2.62 13.09 26.47
CA GLY A 295 1.39 12.86 25.74
C GLY A 295 0.68 14.15 25.38
N LEU A 296 0.50 15.02 26.36
CA LEU A 296 -0.21 16.28 26.13
C LEU A 296 0.60 17.25 25.28
N LEU A 297 1.93 17.19 25.37
CA LEU A 297 2.78 18.03 24.54
C LEU A 297 2.69 17.63 23.08
N LEU A 298 2.72 16.33 22.83
CA LEU A 298 2.64 15.80 21.48
C LEU A 298 1.26 16.06 20.86
N MET A 299 0.25 16.27 21.70
CA MET A 299 -1.09 16.51 21.21
C MET A 299 -1.29 17.94 20.73
N ILE A 300 -0.54 18.88 21.30
CA ILE A 300 -0.65 20.27 20.84
C ILE A 300 0.31 20.53 19.67
N LEU A 301 1.36 19.73 19.58
CA LEU A 301 2.28 19.80 18.45
C LEU A 301 1.66 19.12 17.23
N HIS A 302 0.72 18.21 17.48
CA HIS A 302 0.08 17.47 16.42
C HIS A 302 -1.44 17.45 16.59
N PRO A 303 -2.09 18.60 16.35
CA PRO A 303 -3.53 18.79 16.57
C PRO A 303 -4.39 17.81 15.76
N ASP A 304 -3.92 17.43 14.58
CA ASP A 304 -4.65 16.51 13.73
C ASP A 304 -4.71 15.13 14.37
N VAL A 305 -3.62 14.74 15.01
CA VAL A 305 -3.60 13.49 15.76
C VAL A 305 -4.60 13.57 16.91
N GLN A 306 -4.64 14.72 17.57
CA GLN A 306 -5.54 14.94 18.69
C GLN A 306 -7.01 14.82 18.25
N ARG A 307 -7.31 15.31 17.06
CA ARG A 307 -8.69 15.29 16.55
C ARG A 307 -9.16 13.87 16.21
N ARG A 308 -8.28 13.07 15.60
CA ARG A 308 -8.61 11.70 15.28
C ARG A 308 -8.89 10.88 16.54
N VAL A 309 -8.12 11.15 17.59
CA VAL A 309 -8.33 10.48 18.87
C VAL A 309 -9.69 10.84 19.46
N GLN A 310 -9.96 12.14 19.54
CA GLN A 310 -11.23 12.63 20.06
C GLN A 310 -12.41 12.13 19.22
N GLN A 311 -12.17 11.95 17.93
CA GLN A 311 -13.19 11.39 17.05
C GLN A 311 -13.49 9.95 17.44
N GLU A 312 -12.43 9.16 17.63
CA GLU A 312 -12.57 7.75 18.00
C GLU A 312 -13.21 7.62 19.38
N ILE A 313 -12.88 8.54 20.27
CA ILE A 313 -13.47 8.59 21.60
C ILE A 313 -14.99 8.76 21.50
N ASP A 314 -15.43 9.67 20.65
CA ASP A 314 -16.85 9.89 20.43
C ASP A 314 -17.52 8.68 19.78
N ASP A 315 -16.86 8.11 18.77
CA ASP A 315 -17.41 6.97 18.04
C ASP A 315 -17.57 5.72 18.90
N VAL A 316 -16.76 5.59 19.94
CA VAL A 316 -16.72 4.36 20.74
C VAL A 316 -17.26 4.56 22.16
N ILE A 317 -16.94 5.69 22.76
CA ILE A 317 -17.32 5.94 24.14
C ILE A 317 -18.40 7.01 24.27
N GLY A 318 -18.23 8.12 23.55
CA GLY A 318 -19.13 9.25 23.66
C GLY A 318 -18.43 10.41 24.33
N GLN A 319 -19.21 11.37 24.82
CA GLN A 319 -18.63 12.54 25.47
C GLN A 319 -19.21 12.75 26.88
N VAL A 320 -19.73 11.68 27.48
CA VAL A 320 -20.25 11.77 28.84
C VAL A 320 -19.83 10.58 29.70
N ARG A 321 -20.10 9.37 29.22
CA ARG A 321 -19.76 8.16 29.95
C ARG A 321 -18.26 8.01 30.14
N ARG A 322 -17.84 7.73 31.37
CA ARG A 322 -16.42 7.57 31.68
C ARG A 322 -15.82 6.39 30.95
N PRO A 323 -14.60 6.56 30.43
CA PRO A 323 -13.88 5.50 29.71
C PRO A 323 -13.63 4.28 30.60
N GLU A 324 -13.69 3.10 29.99
CA GLU A 324 -13.39 1.86 30.69
C GLU A 324 -12.33 1.09 29.93
N MET A 325 -11.62 0.20 30.62
CA MET A 325 -10.55 -0.58 29.99
C MET A 325 -11.09 -1.50 28.89
N GLY A 326 -12.39 -1.78 28.94
CA GLY A 326 -13.03 -2.59 27.93
C GLY A 326 -13.14 -1.86 26.60
N ASP A 327 -13.05 -0.53 26.65
CA ASP A 327 -13.18 0.28 25.43
C ASP A 327 -11.94 0.21 24.54
N GLN A 328 -10.79 -0.06 25.15
CA GLN A 328 -9.51 -0.05 24.43
C GLN A 328 -9.47 -1.02 23.27
N ALA A 329 -10.09 -2.19 23.45
CA ALA A 329 -10.11 -3.23 22.42
C ALA A 329 -10.80 -2.76 21.14
N HIS A 330 -11.57 -1.68 21.24
CA HIS A 330 -12.27 -1.12 20.09
C HIS A 330 -11.76 0.26 19.73
N MET A 331 -10.60 0.63 20.29
CA MET A 331 -10.00 1.92 19.99
C MET A 331 -8.53 1.77 19.57
N PRO A 332 -8.30 1.18 18.38
CA PRO A 332 -6.92 0.93 17.93
C PRO A 332 -6.10 2.21 17.75
N TYR A 333 -6.71 3.27 17.25
CA TYR A 333 -5.97 4.49 16.96
C TYR A 333 -5.46 5.18 18.22
N THR A 334 -6.34 5.33 19.21
CA THR A 334 -5.95 5.95 20.49
C THR A 334 -4.87 5.10 21.15
N THR A 335 -5.00 3.79 21.04
CA THR A 335 -4.02 2.86 21.60
C THR A 335 -2.67 3.03 20.91
N ALA A 336 -2.72 3.27 19.59
CA ALA A 336 -1.51 3.47 18.81
C ALA A 336 -0.81 4.77 19.24
N VAL A 337 -1.61 5.81 19.41
CA VAL A 337 -1.11 7.11 19.84
C VAL A 337 -0.41 7.02 21.19
N ILE A 338 -1.03 6.32 22.13
CA ILE A 338 -0.48 6.17 23.47
C ILE A 338 0.86 5.43 23.42
N HIS A 339 0.90 4.34 22.65
CA HIS A 339 2.13 3.59 22.45
C HIS A 339 3.21 4.47 21.82
N GLU A 340 2.83 5.26 20.82
CA GLU A 340 3.77 6.12 20.14
C GLU A 340 4.27 7.23 21.08
N VAL A 341 3.45 7.60 22.05
CA VAL A 341 3.89 8.56 23.07
C VAL A 341 5.02 7.96 23.90
N GLN A 342 4.84 6.72 24.33
CA GLN A 342 5.88 6.04 25.09
C GLN A 342 7.13 5.84 24.24
N ARG A 343 6.93 5.45 22.98
CA ARG A 343 8.05 5.20 22.07
C ARG A 343 8.84 6.48 21.79
N PHE A 344 8.14 7.51 21.33
CA PHE A 344 8.79 8.79 21.05
C PHE A 344 9.26 9.45 22.33
N GLY A 345 8.45 9.34 23.39
CA GLY A 345 8.78 9.89 24.69
C GLY A 345 10.10 9.35 25.21
N ASP A 346 10.25 8.03 25.20
CA ASP A 346 11.55 7.40 25.45
C ASP A 346 12.12 7.85 26.79
N ILE A 347 11.29 7.81 27.83
CA ILE A 347 11.57 8.52 29.07
C ILE A 347 12.62 7.88 29.97
N VAL A 348 12.93 6.60 29.74
CA VAL A 348 14.05 5.96 30.43
C VAL A 348 15.02 5.40 29.41
N PRO A 349 15.79 6.28 28.75
CA PRO A 349 16.59 5.88 27.59
C PRO A 349 17.62 4.80 27.89
N LEU A 350 18.21 4.83 29.08
CA LEU A 350 19.22 3.84 29.45
C LEU A 350 18.70 2.85 30.49
N GLY A 351 17.38 2.81 30.64
CA GLY A 351 16.73 1.88 31.55
C GLY A 351 17.25 1.97 32.97
N VAL A 352 17.22 0.84 33.67
CA VAL A 352 17.80 0.72 34.99
C VAL A 352 18.91 -0.32 34.93
N THR A 353 20.04 -0.03 35.54
CA THR A 353 21.23 -0.87 35.37
C THR A 353 21.03 -2.28 35.89
N HIS A 354 21.57 -3.25 35.16
CA HIS A 354 21.59 -4.64 35.60
C HIS A 354 23.02 -5.04 35.92
N MET A 355 23.19 -6.24 36.47
CA MET A 355 24.51 -6.79 36.68
C MET A 355 24.51 -8.28 36.41
N THR A 356 25.57 -8.76 35.77
CA THR A 356 25.73 -10.19 35.52
C THR A 356 26.13 -10.91 36.80
N SER A 357 25.39 -11.96 37.13
CA SER A 357 25.70 -12.78 38.30
C SER A 357 26.52 -14.00 37.89
N ARG A 358 26.69 -14.18 36.59
CA ARG A 358 27.53 -15.24 36.04
C ARG A 358 28.27 -14.74 34.81
N ASP A 359 29.20 -15.56 34.31
CA ASP A 359 29.82 -15.30 33.02
C ASP A 359 28.83 -15.61 31.91
N ILE A 360 28.53 -14.61 31.09
CA ILE A 360 27.57 -14.79 29.99
C ILE A 360 28.17 -14.39 28.66
N GLU A 361 27.43 -14.68 27.59
CA GLU A 361 27.87 -14.38 26.24
C GLU A 361 26.80 -13.59 25.47
N VAL A 362 27.15 -12.40 25.04
CA VAL A 362 26.23 -11.56 24.27
C VAL A 362 26.81 -11.19 22.92
N GLN A 363 26.08 -11.52 21.86
CA GLN A 363 26.50 -11.22 20.48
C GLN A 363 27.92 -11.71 20.22
N GLY A 364 28.23 -12.91 20.69
CA GLY A 364 29.53 -13.50 20.52
C GLY A 364 30.51 -13.11 21.61
N PHE A 365 30.41 -11.87 22.08
CA PHE A 365 31.33 -11.36 23.08
C PHE A 365 31.12 -11.99 24.44
N ARG A 366 32.15 -11.90 25.28
CA ARG A 366 32.09 -12.47 26.63
C ARG A 366 31.84 -11.36 27.65
N ILE A 367 30.92 -11.60 28.57
CA ILE A 367 30.66 -10.66 29.64
C ILE A 367 30.99 -11.30 30.98
N PRO A 368 32.04 -10.82 31.64
CA PRO A 368 32.49 -11.37 32.93
C PRO A 368 31.44 -11.16 34.01
N LYS A 369 31.40 -12.06 34.98
CA LYS A 369 30.52 -11.91 36.13
C LYS A 369 30.79 -10.57 36.85
N GLY A 370 29.74 -9.95 37.36
CA GLY A 370 29.88 -8.72 38.12
C GLY A 370 29.96 -7.48 37.24
N THR A 371 29.77 -7.67 35.94
CA THR A 371 29.79 -6.57 35.01
C THR A 371 28.49 -5.76 35.10
N THR A 372 28.61 -4.45 35.09
CA THR A 372 27.43 -3.59 35.09
C THR A 372 26.86 -3.52 33.68
N LEU A 373 25.59 -3.90 33.55
CA LEU A 373 24.91 -3.91 32.27
C LEU A 373 24.03 -2.68 32.10
N ILE A 374 24.21 -1.97 31.00
CA ILE A 374 23.31 -0.87 30.66
C ILE A 374 22.47 -1.25 29.46
N THR A 375 21.16 -1.34 29.67
CA THR A 375 20.23 -1.64 28.59
C THR A 375 19.79 -0.34 27.92
N ASN A 376 20.33 -0.07 26.73
CA ASN A 376 20.00 1.14 25.99
C ASN A 376 18.62 1.04 25.34
N LEU A 377 17.58 1.21 26.16
CA LEU A 377 16.21 1.06 25.70
C LEU A 377 15.89 2.03 24.57
N SER A 378 16.52 3.20 24.60
CA SER A 378 16.39 4.20 23.55
C SER A 378 16.77 3.64 22.17
N SER A 379 17.84 2.86 22.13
CA SER A 379 18.31 2.28 20.88
C SER A 379 17.34 1.26 20.32
N VAL A 380 16.43 0.77 21.16
CA VAL A 380 15.40 -0.16 20.72
C VAL A 380 14.17 0.60 20.22
N LEU A 381 13.69 1.55 21.03
CA LEU A 381 12.53 2.35 20.69
C LEU A 381 12.76 3.24 19.45
N LYS A 382 14.02 3.56 19.19
CA LYS A 382 14.36 4.47 18.11
C LYS A 382 15.17 3.79 16.99
N ASP A 383 15.11 2.46 16.94
CA ASP A 383 15.85 1.69 15.96
C ASP A 383 15.39 2.01 14.53
N GLU A 384 16.28 2.59 13.74
CA GLU A 384 15.97 2.93 12.35
C GLU A 384 15.69 1.69 11.49
N ALA A 385 16.26 0.55 11.86
CA ALA A 385 16.03 -0.67 11.11
C ALA A 385 14.64 -1.25 11.37
N VAL A 386 14.02 -0.82 12.47
CA VAL A 386 12.73 -1.38 12.88
C VAL A 386 11.56 -0.45 12.62
N TRP A 387 11.69 0.81 13.03
CA TRP A 387 10.61 1.77 12.91
C TRP A 387 10.72 2.58 11.61
N GLU A 388 9.57 2.93 11.04
CA GLU A 388 9.55 3.64 9.77
C GLU A 388 10.24 5.01 9.85
N LYS A 389 9.84 5.82 10.84
CA LYS A 389 10.46 7.12 11.04
C LYS A 389 10.62 7.40 12.54
N PRO A 390 11.63 6.75 13.15
CA PRO A 390 11.79 6.68 14.61
C PRO A 390 12.00 8.02 15.31
N PHE A 391 12.42 9.04 14.59
CA PHE A 391 12.67 10.34 15.21
C PHE A 391 11.53 11.30 14.94
N ARG A 392 10.43 10.77 14.41
CA ARG A 392 9.21 11.55 14.24
C ARG A 392 8.11 11.02 15.15
N PHE A 393 7.17 11.89 15.53
CA PHE A 393 5.97 11.44 16.20
C PHE A 393 5.01 10.92 15.14
N HIS A 394 4.77 9.62 15.16
CA HIS A 394 4.16 8.92 14.05
C HIS A 394 3.36 7.72 14.56
N PRO A 395 2.07 7.95 14.87
CA PRO A 395 1.19 6.92 15.43
C PRO A 395 1.09 5.66 14.56
N GLU A 396 1.30 5.80 13.27
CA GLU A 396 1.21 4.67 12.34
C GLU A 396 2.35 3.67 12.54
N HIS A 397 3.25 3.96 13.48
CA HIS A 397 4.23 2.98 13.94
C HIS A 397 3.55 1.78 14.58
N PHE A 398 2.31 1.96 15.00
CA PHE A 398 1.55 0.89 15.64
C PHE A 398 0.23 0.61 14.92
N LEU A 399 0.16 1.04 13.66
CA LEU A 399 -1.03 0.82 12.84
C LEU A 399 -0.67 0.23 11.48
N ASP A 400 -1.53 -0.64 10.97
CA ASP A 400 -1.40 -1.09 9.59
C ASP A 400 -2.30 -0.24 8.71
N ALA A 401 -2.24 -0.46 7.41
CA ALA A 401 -3.03 0.32 6.44
C ALA A 401 -4.53 0.26 6.72
N GLN A 402 -4.97 -0.82 7.35
CA GLN A 402 -6.38 -1.04 7.63
C GLN A 402 -6.83 -0.32 8.90
N GLY A 403 -5.87 0.18 9.67
CA GLY A 403 -6.18 0.92 10.88
C GLY A 403 -6.14 0.07 12.13
N HIS A 404 -5.71 -1.18 11.99
CA HIS A 404 -5.59 -2.09 13.12
C HIS A 404 -4.36 -1.75 13.94
N PHE A 405 -4.46 -1.93 15.25
CA PHE A 405 -3.32 -1.74 16.14
C PHE A 405 -2.36 -2.92 16.01
N VAL A 406 -1.08 -2.61 15.83
CA VAL A 406 -0.05 -3.64 15.81
C VAL A 406 1.09 -3.21 16.73
N LYS A 407 1.57 -4.15 17.55
CA LYS A 407 2.69 -3.84 18.44
C LYS A 407 3.95 -4.62 18.06
N PRO A 408 4.97 -3.90 17.57
CA PRO A 408 6.24 -4.52 17.22
C PRO A 408 6.99 -5.06 18.43
N GLU A 409 7.83 -6.06 18.20
CA GLU A 409 8.66 -6.65 19.25
C GLU A 409 9.54 -5.60 19.93
N ALA A 410 9.91 -4.56 19.18
CA ALA A 410 10.85 -3.55 19.65
C ALA A 410 10.22 -2.53 20.58
N PHE A 411 8.92 -2.65 20.84
CA PHE A 411 8.29 -1.79 21.84
C PHE A 411 8.66 -2.26 23.23
N LEU A 412 9.78 -1.74 23.75
CA LEU A 412 10.29 -2.17 25.05
C LEU A 412 10.49 -1.04 26.06
N PRO A 413 9.48 -0.17 26.25
CA PRO A 413 9.73 0.92 27.20
C PRO A 413 9.76 0.44 28.65
N PHE A 414 9.19 -0.72 28.93
CA PHE A 414 9.20 -1.28 30.27
C PHE A 414 10.32 -2.29 30.46
N SER A 415 11.29 -2.27 29.55
CA SER A 415 12.39 -3.24 29.50
C SER A 415 11.86 -4.65 29.26
N ALA A 416 12.60 -5.65 29.73
CA ALA A 416 12.23 -7.04 29.48
C ALA A 416 12.90 -8.01 30.46
N GLY A 417 12.32 -9.20 30.59
CA GLY A 417 12.89 -10.22 31.45
C GLY A 417 12.36 -10.19 32.87
N ARG A 418 13.04 -10.91 33.76
CA ARG A 418 12.63 -11.05 35.15
C ARG A 418 12.44 -9.70 35.86
N ARG A 419 13.23 -8.70 35.47
CA ARG A 419 13.21 -7.40 36.14
C ARG A 419 12.36 -6.36 35.42
N ALA A 420 11.69 -6.76 34.35
CA ALA A 420 10.82 -5.84 33.61
C ALA A 420 9.80 -5.21 34.56
N CYS A 421 9.46 -3.95 34.29
CA CYS A 421 8.58 -3.14 35.14
C CYS A 421 7.38 -3.92 35.70
N LEU A 422 7.30 -4.04 37.02
CA LEU A 422 6.19 -4.78 37.61
C LEU A 422 4.92 -3.95 37.59
N GLY A 423 5.06 -2.64 37.36
CA GLY A 423 3.93 -1.74 37.36
C GLY A 423 3.27 -1.54 36.01
N GLU A 424 3.78 -2.19 34.98
CA GLU A 424 3.28 -2.03 33.61
C GLU A 424 1.76 -2.16 33.48
N PRO A 425 1.14 -3.21 34.06
CA PRO A 425 -0.33 -3.31 33.92
C PRO A 425 -1.05 -2.06 34.43
N LEU A 426 -0.65 -1.59 35.60
CA LEU A 426 -1.20 -0.37 36.17
C LEU A 426 -0.90 0.83 35.27
N ALA A 427 0.33 0.90 34.78
CA ALA A 427 0.75 1.98 33.89
C ALA A 427 -0.11 2.02 32.63
N ARG A 428 -0.34 0.84 32.03
CA ARG A 428 -1.21 0.72 30.87
C ARG A 428 -2.59 1.27 31.17
N MET A 429 -3.06 1.02 32.39
CA MET A 429 -4.37 1.45 32.82
C MET A 429 -4.40 2.95 33.03
N GLU A 430 -3.42 3.46 33.77
CA GLU A 430 -3.33 4.89 34.04
C GLU A 430 -3.22 5.70 32.76
N LEU A 431 -2.38 5.24 31.83
CA LEU A 431 -2.17 5.94 30.57
C LEU A 431 -3.45 6.01 29.75
N PHE A 432 -4.09 4.88 29.51
CA PHE A 432 -5.30 4.85 28.70
C PHE A 432 -6.45 5.65 29.31
N LEU A 433 -6.69 5.49 30.62
CA LEU A 433 -7.84 6.13 31.26
C LEU A 433 -7.64 7.63 31.46
N PHE A 434 -6.45 8.06 31.88
CA PHE A 434 -6.17 9.49 32.04
C PHE A 434 -6.15 10.21 30.68
N PHE A 435 -5.52 9.60 29.69
CA PHE A 435 -5.37 10.21 28.37
C PHE A 435 -6.73 10.39 27.70
N THR A 436 -7.50 9.31 27.64
CA THR A 436 -8.84 9.37 27.04
C THR A 436 -9.74 10.34 27.77
N SER A 437 -9.73 10.30 29.09
CA SER A 437 -10.59 11.18 29.90
C SER A 437 -10.28 12.65 29.68
N LEU A 438 -9.00 12.98 29.58
CA LEU A 438 -8.59 14.36 29.34
C LEU A 438 -8.97 14.83 27.93
N LEU A 439 -8.80 13.95 26.95
CA LEU A 439 -9.12 14.29 25.57
C LEU A 439 -10.61 14.20 25.30
N GLN A 440 -11.33 13.46 26.17
CA GLN A 440 -12.77 13.33 26.03
C GLN A 440 -13.47 14.65 26.33
N HIS A 441 -12.89 15.44 27.24
CA HIS A 441 -13.54 16.65 27.74
C HIS A 441 -12.79 17.93 27.40
N PHE A 442 -11.56 17.80 26.92
CA PHE A 442 -10.77 18.99 26.62
C PHE A 442 -10.12 18.95 25.25
N SER A 443 -9.90 20.13 24.68
CA SER A 443 -9.13 20.29 23.47
C SER A 443 -7.88 21.09 23.80
N PHE A 444 -6.71 20.50 23.54
CA PHE A 444 -5.46 21.14 23.94
C PHE A 444 -4.78 21.80 22.75
N SER A 445 -4.10 22.91 23.03
CA SER A 445 -3.43 23.69 21.99
C SER A 445 -2.34 24.58 22.57
N VAL A 446 -1.39 24.98 21.72
CA VAL A 446 -0.37 25.94 22.15
C VAL A 446 -1.03 27.28 22.42
N PRO A 447 -0.54 27.99 23.45
CA PRO A 447 -1.07 29.33 23.72
C PRO A 447 -0.64 30.32 22.62
N THR A 448 -1.61 31.01 22.02
CA THR A 448 -1.31 32.00 20.99
C THR A 448 -0.38 33.08 21.52
N GLY A 449 0.73 33.30 20.83
CA GLY A 449 1.71 34.29 21.24
C GLY A 449 2.98 33.64 21.72
N GLN A 450 2.94 32.33 21.90
CA GLN A 450 4.09 31.60 22.40
C GLN A 450 4.76 30.77 21.32
N PRO A 451 6.09 30.59 21.41
CA PRO A 451 6.85 29.77 20.47
C PRO A 451 6.45 28.29 20.51
N ARG A 452 6.49 27.64 19.35
CA ARG A 452 6.26 26.21 19.27
C ARG A 452 7.18 25.49 20.24
N PRO A 453 6.61 24.80 21.23
CA PRO A 453 7.41 24.10 22.23
C PRO A 453 8.28 23.02 21.60
N SER A 454 9.50 22.87 22.09
CA SER A 454 10.42 21.87 21.56
C SER A 454 9.91 20.45 21.81
N HIS A 455 10.29 19.54 20.92
CA HIS A 455 9.96 18.14 21.08
C HIS A 455 11.16 17.36 21.61
N HIS A 456 12.25 18.09 21.85
CA HIS A 456 13.45 17.52 22.45
C HIS A 456 13.39 17.64 23.96
N GLY A 457 13.60 16.52 24.66
CA GLY A 457 13.48 16.50 26.11
C GLY A 457 14.79 16.85 26.82
N VAL A 458 14.67 17.12 28.10
CA VAL A 458 15.83 17.42 28.94
C VAL A 458 16.38 16.13 29.55
N PHE A 459 17.59 15.74 29.15
CA PHE A 459 18.15 14.45 29.54
C PHE A 459 18.49 14.36 31.03
N ALA A 460 18.14 13.22 31.61
CA ALA A 460 18.50 12.87 32.98
C ALA A 460 18.43 11.36 33.08
N PHE A 461 18.27 10.83 34.30
CA PHE A 461 17.98 9.41 34.42
C PHE A 461 16.59 9.16 33.87
N LEU A 462 15.77 10.21 33.91
CA LEU A 462 14.44 10.19 33.33
C LEU A 462 14.27 11.42 32.44
N VAL A 463 13.90 11.20 31.18
CA VAL A 463 13.80 12.30 30.21
C VAL A 463 12.41 12.93 30.19
N SER A 464 12.33 14.16 30.70
CA SER A 464 11.08 14.90 30.73
C SER A 464 10.97 15.83 29.53
N PRO A 465 9.73 16.17 29.13
CA PRO A 465 9.55 17.21 28.11
C PRO A 465 10.14 18.52 28.58
N SER A 466 10.59 19.35 27.64
CA SER A 466 10.99 20.70 27.98
C SER A 466 9.76 21.40 28.56
N PRO A 467 9.96 22.31 29.52
CA PRO A 467 8.81 23.01 30.13
C PRO A 467 7.96 23.73 29.09
N TYR A 468 6.64 23.58 29.20
CA TYR A 468 5.71 24.18 28.25
C TYR A 468 4.38 24.50 28.92
N GLU A 469 3.64 25.43 28.34
CA GLU A 469 2.28 25.74 28.80
C GLU A 469 1.28 25.35 27.73
N LEU A 470 0.02 25.20 28.12
CA LEU A 470 -1.01 24.88 27.14
C LEU A 470 -2.36 25.49 27.54
N CYS A 471 -3.28 25.48 26.59
CA CYS A 471 -4.65 25.89 26.85
C CYS A 471 -5.56 24.67 26.82
N ALA A 472 -6.40 24.54 27.84
CA ALA A 472 -7.36 23.46 27.88
C ALA A 472 -8.77 24.03 27.79
N VAL A 473 -9.33 24.02 26.59
CA VAL A 473 -10.69 24.49 26.39
C VAL A 473 -11.66 23.31 26.43
N PRO A 474 -12.70 23.42 27.26
CA PRO A 474 -13.71 22.37 27.44
C PRO A 474 -14.44 22.03 26.14
N ARG A 475 -14.98 20.82 26.07
CA ARG A 475 -15.74 20.39 24.90
C ARG A 475 -17.19 20.08 25.29
N GLY B 9 -47.74 3.15 -2.89
CA GLY B 9 -46.50 3.59 -3.49
C GLY B 9 -46.20 2.89 -4.80
N LYS B 10 -45.01 3.12 -5.33
CA LYS B 10 -44.60 2.52 -6.60
C LYS B 10 -44.26 1.04 -6.42
N LEU B 11 -45.02 0.16 -7.05
CA LEU B 11 -44.65 -1.24 -7.14
C LEU B 11 -43.37 -1.35 -7.97
N PRO B 12 -42.49 -2.30 -7.62
CA PRO B 12 -41.22 -2.45 -8.33
C PRO B 12 -41.43 -2.74 -9.82
N PRO B 13 -40.60 -2.11 -10.68
CA PRO B 13 -40.69 -2.32 -12.13
C PRO B 13 -40.30 -3.74 -12.54
N GLY B 14 -40.41 -4.05 -13.82
CA GLY B 14 -40.07 -5.37 -14.32
C GLY B 14 -40.56 -5.54 -15.75
N PRO B 15 -40.08 -6.60 -16.43
CA PRO B 15 -40.48 -6.90 -17.81
C PRO B 15 -42.01 -7.00 -17.94
N LEU B 16 -42.53 -6.56 -19.08
CA LEU B 16 -43.97 -6.57 -19.30
C LEU B 16 -44.50 -8.00 -19.36
N PRO B 17 -45.43 -8.34 -18.46
CA PRO B 17 -46.01 -9.70 -18.40
C PRO B 17 -46.91 -10.01 -19.60
N GLY B 22 -46.85 -15.18 -18.08
CA GLY B 22 -46.33 -14.01 -17.41
C GLY B 22 -44.91 -13.70 -17.83
N ASN B 23 -43.95 -14.01 -16.96
CA ASN B 23 -42.54 -13.76 -17.23
C ASN B 23 -41.72 -15.04 -17.20
N LEU B 24 -42.38 -16.17 -17.43
CA LEU B 24 -41.70 -17.47 -17.43
C LEU B 24 -40.72 -17.59 -18.58
N LEU B 25 -41.10 -17.03 -19.73
CA LEU B 25 -40.23 -17.07 -20.91
C LEU B 25 -39.42 -15.78 -21.04
N HIS B 26 -39.45 -14.96 -19.99
CA HIS B 26 -38.60 -13.79 -19.89
C HIS B 26 -37.49 -14.04 -18.87
N VAL B 27 -37.44 -15.27 -18.36
CA VAL B 27 -36.41 -15.67 -17.41
C VAL B 27 -35.79 -17.02 -17.79
N THR B 32 -30.54 -18.65 -14.21
CA THR B 32 -31.48 -17.69 -13.65
C THR B 32 -30.79 -16.47 -12.99
N PRO B 33 -29.70 -16.68 -12.23
CA PRO B 33 -29.06 -15.48 -11.68
C PRO B 33 -28.34 -14.68 -12.76
N TYR B 34 -27.82 -15.36 -13.77
CA TYR B 34 -27.24 -14.69 -14.92
C TYR B 34 -28.31 -13.87 -15.63
N CYS B 35 -29.54 -14.36 -15.59
CA CYS B 35 -30.67 -13.66 -16.18
C CYS B 35 -31.07 -12.46 -15.33
N PHE B 36 -31.12 -12.66 -14.01
CA PHE B 36 -31.52 -11.61 -13.08
C PHE B 36 -30.57 -10.42 -13.10
N ASP B 37 -29.27 -10.70 -13.28
CA ASP B 37 -28.26 -9.65 -13.29
C ASP B 37 -28.47 -8.69 -14.46
N GLN B 38 -28.97 -9.22 -15.57
CA GLN B 38 -29.32 -8.39 -16.71
C GLN B 38 -30.59 -7.61 -16.40
N LEU B 39 -31.49 -8.24 -15.66
CA LEU B 39 -32.76 -7.60 -15.30
C LEU B 39 -32.52 -6.46 -14.30
N ARG B 40 -31.59 -6.65 -13.37
CA ARG B 40 -31.32 -5.61 -12.38
C ARG B 40 -30.54 -4.46 -13.02
N ARG B 41 -29.76 -4.77 -14.05
CA ARG B 41 -29.07 -3.74 -14.81
C ARG B 41 -30.05 -3.01 -15.72
N ARG B 42 -31.27 -3.53 -15.81
CA ARG B 42 -32.29 -2.95 -16.67
C ARG B 42 -33.41 -2.28 -15.89
N PHE B 43 -33.66 -2.75 -14.66
CA PHE B 43 -34.77 -2.23 -13.86
C PHE B 43 -34.35 -1.72 -12.49
N GLY B 44 -33.16 -2.11 -12.03
CA GLY B 44 -32.70 -1.73 -10.72
C GLY B 44 -32.63 -2.88 -9.74
N ASP B 45 -32.23 -2.59 -8.51
CA ASP B 45 -31.97 -3.64 -7.52
C ASP B 45 -33.23 -4.35 -7.04
N VAL B 46 -34.39 -3.69 -7.17
CA VAL B 46 -35.65 -4.30 -6.75
C VAL B 46 -36.66 -4.35 -7.90
N PHE B 47 -36.69 -5.46 -8.62
CA PHE B 47 -37.65 -5.60 -9.71
C PHE B 47 -38.70 -6.66 -9.44
N SER B 48 -39.66 -6.78 -10.35
CA SER B 48 -40.78 -7.70 -10.19
C SER B 48 -40.86 -8.73 -11.30
N LEU B 49 -41.55 -9.84 -11.01
CA LEU B 49 -41.77 -10.90 -11.99
C LEU B 49 -43.11 -11.57 -11.74
N GLN B 50 -43.78 -11.99 -12.81
CA GLN B 50 -45.01 -12.73 -12.69
C GLN B 50 -44.78 -14.17 -13.14
N LEU B 51 -44.27 -15.00 -12.23
CA LEU B 51 -44.06 -16.40 -12.52
C LEU B 51 -45.38 -17.16 -12.37
N ALA B 52 -46.02 -17.43 -13.51
CA ALA B 52 -47.33 -18.06 -13.55
C ALA B 52 -48.34 -17.26 -12.74
N TRP B 53 -48.83 -17.85 -11.66
CA TRP B 53 -49.83 -17.20 -10.81
C TRP B 53 -49.21 -16.47 -9.64
N THR B 54 -47.89 -16.61 -9.49
CA THR B 54 -47.20 -16.07 -8.32
C THR B 54 -46.50 -14.74 -8.60
N PRO B 55 -46.85 -13.71 -7.83
CA PRO B 55 -46.16 -12.41 -7.90
C PRO B 55 -44.83 -12.45 -7.15
N VAL B 56 -43.73 -12.22 -7.85
CA VAL B 56 -42.41 -12.31 -7.25
C VAL B 56 -41.65 -10.99 -7.31
N VAL B 57 -41.10 -10.58 -6.17
CA VAL B 57 -40.16 -9.46 -6.14
C VAL B 57 -38.76 -9.98 -5.85
N VAL B 58 -37.81 -9.66 -6.73
CA VAL B 58 -36.43 -10.08 -6.54
C VAL B 58 -35.62 -8.97 -5.88
N LEU B 59 -34.84 -9.34 -4.87
CA LEU B 59 -33.99 -8.39 -4.16
C LEU B 59 -32.53 -8.60 -4.53
N ASN B 60 -31.85 -7.52 -4.93
CA ASN B 60 -30.48 -7.60 -5.41
C ASN B 60 -29.55 -6.63 -4.69
N GLY B 61 -28.39 -7.12 -4.28
CA GLY B 61 -27.43 -6.30 -3.56
C GLY B 61 -27.71 -6.27 -2.06
N LEU B 62 -26.68 -5.96 -1.30
CA LEU B 62 -26.74 -6.03 0.16
C LEU B 62 -27.82 -5.14 0.76
N ALA B 63 -27.95 -3.92 0.25
CA ALA B 63 -28.87 -2.93 0.81
C ALA B 63 -30.32 -3.39 0.76
N ALA B 64 -30.76 -3.87 -0.40
CA ALA B 64 -32.13 -4.33 -0.58
C ALA B 64 -32.39 -5.58 0.25
N VAL B 65 -31.47 -6.55 0.18
CA VAL B 65 -31.56 -7.77 0.97
C VAL B 65 -31.64 -7.45 2.45
N ARG B 66 -30.71 -6.64 2.93
CA ARG B 66 -30.66 -6.26 4.34
C ARG B 66 -31.92 -5.54 4.75
N GLU B 67 -32.38 -4.62 3.91
CA GLU B 67 -33.57 -3.84 4.21
C GLU B 67 -34.78 -4.74 4.38
N ALA B 68 -34.88 -5.77 3.56
CA ALA B 68 -35.99 -6.71 3.63
C ALA B 68 -35.87 -7.65 4.83
N LEU B 69 -34.68 -8.26 5.00
CA LEU B 69 -34.51 -9.31 5.99
C LEU B 69 -34.21 -8.81 7.40
N VAL B 70 -33.64 -7.61 7.52
CA VAL B 70 -33.32 -7.07 8.84
C VAL B 70 -34.28 -5.96 9.26
N THR B 71 -34.42 -4.94 8.42
CA THR B 71 -35.27 -3.80 8.74
C THR B 71 -36.75 -4.19 8.79
N HIS B 72 -37.14 -5.11 7.91
CA HIS B 72 -38.50 -5.64 7.93
C HIS B 72 -38.51 -7.12 8.30
N GLY B 73 -37.61 -7.50 9.21
CA GLY B 73 -37.43 -8.89 9.60
C GLY B 73 -38.69 -9.60 10.06
N GLU B 74 -39.51 -8.91 10.83
CA GLU B 74 -40.75 -9.48 11.34
C GLU B 74 -41.74 -9.75 10.21
N ASP B 75 -41.58 -9.01 9.12
CA ASP B 75 -42.57 -9.03 8.05
C ASP B 75 -42.14 -9.85 6.83
N THR B 76 -40.90 -10.30 6.81
CA THR B 76 -40.39 -11.08 5.68
C THR B 76 -39.91 -12.47 6.09
N ALA B 77 -40.27 -12.89 7.30
CA ALA B 77 -39.75 -14.12 7.88
C ALA B 77 -40.66 -15.31 7.61
N ASP B 78 -41.63 -15.12 6.73
CA ASP B 78 -42.58 -16.19 6.40
C ASP B 78 -42.18 -16.92 5.12
N ARG B 79 -42.70 -18.12 4.93
CA ARG B 79 -42.46 -18.89 3.72
C ARG B 79 -43.71 -18.90 2.86
N PRO B 80 -43.54 -18.90 1.53
CA PRO B 80 -44.69 -19.13 0.65
C PRO B 80 -45.23 -20.53 0.91
N PRO B 81 -46.56 -20.70 0.87
CA PRO B 81 -47.14 -22.01 1.18
C PRO B 81 -46.77 -23.05 0.14
N VAL B 82 -46.51 -24.28 0.58
CA VAL B 82 -46.20 -25.38 -0.33
C VAL B 82 -47.21 -26.51 -0.10
N PRO B 83 -48.32 -26.50 -0.86
CA PRO B 83 -49.44 -27.44 -0.72
C PRO B 83 -49.04 -28.92 -0.75
N ILE B 84 -48.06 -29.27 -1.57
CA ILE B 84 -47.69 -30.67 -1.74
C ILE B 84 -47.06 -31.28 -0.49
N THR B 85 -46.70 -30.43 0.47
CA THR B 85 -46.12 -30.90 1.72
C THR B 85 -47.10 -31.75 2.52
N GLN B 86 -48.38 -31.66 2.18
CA GLN B 86 -49.41 -32.48 2.80
C GLN B 86 -49.13 -33.97 2.61
N ILE B 87 -48.51 -34.31 1.49
CA ILE B 87 -48.17 -35.68 1.16
C ILE B 87 -47.14 -36.25 2.15
N LEU B 88 -46.27 -35.39 2.66
CA LEU B 88 -45.18 -35.81 3.52
C LEU B 88 -45.57 -35.79 5.01
N GLY B 89 -46.79 -35.38 5.30
CA GLY B 89 -47.30 -35.41 6.66
C GLY B 89 -47.31 -34.07 7.37
N PHE B 90 -47.23 -32.99 6.60
CA PHE B 90 -47.24 -31.65 7.16
C PHE B 90 -48.62 -31.27 7.70
N GLY B 91 -48.62 -30.62 8.87
CA GLY B 91 -49.84 -30.12 9.49
C GLY B 91 -49.50 -28.90 10.29
N PRO B 92 -50.52 -28.17 10.78
CA PRO B 92 -50.36 -26.89 11.49
C PRO B 92 -49.31 -26.93 12.61
N ARG B 93 -49.26 -28.01 13.38
CA ARG B 93 -48.26 -28.13 14.44
C ARG B 93 -47.15 -29.10 14.03
N SER B 94 -47.04 -29.37 12.75
CA SER B 94 -46.02 -30.28 12.25
C SER B 94 -45.48 -29.81 10.89
N GLN B 95 -44.62 -28.81 10.91
CA GLN B 95 -44.09 -28.23 9.67
C GLN B 95 -42.57 -28.22 9.63
N GLY B 96 -41.94 -28.86 10.61
CA GLY B 96 -40.50 -28.83 10.74
C GLY B 96 -40.00 -27.42 10.97
N VAL B 97 -38.89 -27.07 10.34
CA VAL B 97 -38.34 -25.73 10.47
C VAL B 97 -38.24 -25.04 9.12
N PHE B 98 -37.56 -25.72 8.19
CA PHE B 98 -37.19 -25.15 6.89
C PHE B 98 -38.33 -24.46 6.16
N LEU B 99 -39.40 -25.21 5.90
CA LEU B 99 -40.53 -24.68 5.14
C LEU B 99 -41.65 -24.13 6.02
N ALA B 100 -41.51 -24.29 7.33
CA ALA B 100 -42.54 -23.90 8.29
C ALA B 100 -42.99 -22.45 8.10
N ARG B 101 -44.28 -22.20 8.27
CA ARG B 101 -44.81 -20.85 8.23
C ARG B 101 -44.28 -20.06 9.41
N TYR B 102 -44.16 -18.74 9.25
CA TYR B 102 -43.77 -17.89 10.37
C TYR B 102 -44.84 -17.95 11.44
N GLY B 103 -44.44 -18.37 12.64
CA GLY B 103 -45.38 -18.56 13.73
C GLY B 103 -44.80 -19.44 14.83
N PRO B 104 -45.63 -19.82 15.80
CA PRO B 104 -45.21 -20.62 16.97
C PRO B 104 -44.57 -21.96 16.60
N ALA B 105 -45.16 -22.68 15.65
CA ALA B 105 -44.64 -23.97 15.25
C ALA B 105 -43.21 -23.85 14.71
N TRP B 106 -42.95 -22.82 13.92
CA TRP B 106 -41.60 -22.56 13.43
C TRP B 106 -40.69 -22.13 14.57
N ARG B 107 -41.17 -21.19 15.37
CA ARG B 107 -40.36 -20.62 16.44
C ARG B 107 -39.97 -21.64 17.49
N GLU B 108 -40.90 -22.50 17.87
CA GLU B 108 -40.63 -23.52 18.88
C GLU B 108 -39.52 -24.46 18.40
N GLN B 109 -39.68 -24.99 17.20
CA GLN B 109 -38.69 -25.88 16.63
C GLN B 109 -37.36 -25.18 16.36
N ARG B 110 -37.42 -23.94 15.89
CA ARG B 110 -36.22 -23.15 15.63
C ARG B 110 -35.41 -22.95 16.91
N ARG B 111 -36.06 -22.47 17.96
CA ARG B 111 -35.37 -22.24 19.22
C ARG B 111 -34.90 -23.55 19.86
N PHE B 112 -35.71 -24.60 19.72
CA PHE B 112 -35.33 -25.92 20.23
C PHE B 112 -34.06 -26.42 19.55
N SER B 113 -34.04 -26.36 18.22
CA SER B 113 -32.88 -26.81 17.45
C SER B 113 -31.65 -25.98 17.75
N VAL B 114 -31.79 -24.67 17.71
CA VAL B 114 -30.68 -23.75 17.99
C VAL B 114 -30.05 -24.02 19.36
N SER B 115 -30.89 -24.21 20.38
CA SER B 115 -30.39 -24.37 21.74
C SER B 115 -29.95 -25.80 22.05
N THR B 116 -30.58 -26.79 21.40
CA THR B 116 -30.19 -28.19 21.60
C THR B 116 -28.81 -28.43 20.99
N LEU B 117 -28.53 -27.78 19.88
CA LEU B 117 -27.21 -27.85 19.28
C LEU B 117 -26.18 -27.26 20.23
N ARG B 118 -26.45 -26.05 20.70
CA ARG B 118 -25.58 -25.34 21.63
C ARG B 118 -25.30 -26.18 22.88
N ASN B 119 -26.36 -26.73 23.46
CA ASN B 119 -26.25 -27.56 24.65
C ASN B 119 -25.38 -28.80 24.40
N LEU B 120 -25.53 -29.38 23.22
CA LEU B 120 -24.68 -30.51 22.83
C LEU B 120 -23.30 -29.99 22.43
N LYS B 125 -17.95 -30.82 24.50
CA LYS B 125 -17.84 -30.45 23.10
C LYS B 125 -18.15 -31.62 22.19
N SER B 126 -19.29 -32.27 22.43
CA SER B 126 -19.67 -33.46 21.65
C SER B 126 -19.87 -33.11 20.18
N LEU B 127 -20.23 -31.85 19.92
CA LEU B 127 -20.23 -31.35 18.54
C LEU B 127 -18.82 -31.40 17.98
N GLU B 128 -17.93 -30.64 18.61
CA GLU B 128 -16.53 -30.56 18.20
C GLU B 128 -15.88 -31.93 18.09
N GLN B 129 -16.13 -32.79 19.07
CA GLN B 129 -15.54 -34.12 19.11
C GLN B 129 -16.00 -34.98 17.94
N TRP B 130 -17.30 -34.99 17.69
CA TRP B 130 -17.88 -35.79 16.61
C TRP B 130 -17.43 -35.32 15.23
N VAL B 131 -17.01 -34.06 15.13
CA VAL B 131 -16.50 -33.54 13.86
C VAL B 131 -15.05 -33.97 13.65
N THR B 132 -14.21 -33.76 14.67
CA THR B 132 -12.79 -34.12 14.59
C THR B 132 -12.60 -35.61 14.37
N GLU B 133 -13.45 -36.41 15.01
CA GLU B 133 -13.40 -37.86 14.84
C GLU B 133 -13.84 -38.26 13.44
N GLU B 134 -14.89 -37.62 12.94
CA GLU B 134 -15.36 -37.92 11.59
C GLU B 134 -14.35 -37.42 10.56
N ALA B 135 -13.60 -36.40 10.93
CA ALA B 135 -12.52 -35.89 10.08
C ALA B 135 -11.41 -36.93 9.94
N ALA B 136 -11.19 -37.67 11.02
CA ALA B 136 -10.20 -38.75 11.03
C ALA B 136 -10.63 -39.87 10.07
N CYS B 137 -11.91 -40.22 10.11
CA CYS B 137 -12.45 -41.23 9.22
C CYS B 137 -12.36 -40.79 7.77
N LEU B 138 -12.57 -39.49 7.54
CA LEU B 138 -12.53 -38.94 6.20
C LEU B 138 -11.12 -39.00 5.62
N CYS B 139 -10.13 -38.62 6.42
CA CYS B 139 -8.73 -38.69 6.01
C CYS B 139 -8.34 -40.12 5.63
N ALA B 140 -8.77 -41.09 6.44
CA ALA B 140 -8.45 -42.49 6.21
C ALA B 140 -9.08 -42.99 4.91
N ALA B 141 -10.32 -42.60 4.67
CA ALA B 141 -10.99 -42.99 3.43
C ALA B 141 -10.30 -42.36 2.23
N PHE B 142 -9.82 -41.13 2.42
CA PHE B 142 -9.04 -40.45 1.38
C PHE B 142 -7.74 -41.20 1.14
N ALA B 143 -7.11 -41.66 2.22
CA ALA B 143 -5.89 -42.44 2.13
C ALA B 143 -6.08 -43.68 1.26
N ASN B 144 -7.18 -44.39 1.46
CA ASN B 144 -7.47 -45.60 0.68
C ASN B 144 -7.64 -45.30 -0.81
N HIS B 145 -8.25 -44.17 -1.12
CA HIS B 145 -8.47 -43.78 -2.52
C HIS B 145 -7.21 -43.20 -3.15
N SER B 146 -6.25 -42.82 -2.31
CA SER B 146 -5.02 -42.20 -2.79
C SER B 146 -4.20 -43.19 -3.61
N GLY B 147 -3.58 -42.70 -4.68
CA GLY B 147 -2.84 -43.55 -5.59
C GLY B 147 -3.42 -43.46 -6.99
N ARG B 148 -4.65 -43.01 -7.08
CA ARG B 148 -5.34 -42.87 -8.36
C ARG B 148 -6.35 -41.71 -8.30
N PRO B 149 -6.75 -41.18 -9.46
CA PRO B 149 -7.75 -40.11 -9.43
C PRO B 149 -9.11 -40.58 -8.93
N PHE B 150 -9.80 -39.72 -8.19
CA PHE B 150 -11.13 -40.04 -7.68
C PHE B 150 -11.94 -38.78 -7.37
N ARG B 151 -13.22 -38.81 -7.72
CA ARG B 151 -14.15 -37.77 -7.31
C ARG B 151 -14.31 -37.83 -5.79
N PRO B 152 -14.13 -36.68 -5.11
CA PRO B 152 -14.14 -36.66 -3.66
C PRO B 152 -15.53 -36.45 -3.04
N ASN B 153 -16.53 -36.19 -3.88
CA ASN B 153 -17.86 -35.79 -3.40
C ASN B 153 -18.51 -36.81 -2.48
N GLY B 154 -18.53 -38.08 -2.92
CA GLY B 154 -19.15 -39.15 -2.15
C GLY B 154 -18.64 -39.25 -0.73
N LEU B 155 -17.33 -39.11 -0.56
CA LEU B 155 -16.72 -39.16 0.76
C LEU B 155 -17.10 -37.95 1.60
N LEU B 156 -17.18 -36.79 0.95
CA LEU B 156 -17.58 -35.57 1.64
C LEU B 156 -19.04 -35.65 2.11
N ASP B 157 -19.92 -36.16 1.25
CA ASP B 157 -21.30 -36.42 1.62
C ASP B 157 -21.40 -37.26 2.88
N LYS B 158 -20.72 -38.39 2.88
CA LYS B 158 -20.78 -39.34 3.98
C LYS B 158 -20.29 -38.76 5.29
N ALA B 159 -19.17 -38.04 5.23
CA ALA B 159 -18.58 -37.47 6.44
C ALA B 159 -19.48 -36.39 7.03
N VAL B 160 -19.99 -35.51 6.18
CA VAL B 160 -20.86 -34.43 6.63
C VAL B 160 -22.18 -34.99 7.14
N SER B 161 -22.67 -36.05 6.51
CA SER B 161 -23.90 -36.71 6.93
C SER B 161 -23.76 -37.31 8.33
N ASN B 162 -22.63 -37.97 8.57
CA ASN B 162 -22.39 -38.60 9.87
C ASN B 162 -22.35 -37.59 11.00
N VAL B 163 -21.94 -36.36 10.68
CA VAL B 163 -21.91 -35.29 11.67
C VAL B 163 -23.32 -34.95 12.11
N ILE B 164 -24.22 -34.80 11.12
CA ILE B 164 -25.61 -34.53 11.41
C ILE B 164 -26.22 -35.70 12.19
N ALA B 165 -26.04 -36.91 11.63
CA ALA B 165 -26.51 -38.13 12.26
C ALA B 165 -26.01 -38.27 13.69
N SER B 166 -24.80 -37.78 13.93
CA SER B 166 -24.22 -37.81 15.27
C SER B 166 -24.97 -36.89 16.21
N LEU B 167 -25.39 -35.74 15.69
CA LEU B 167 -26.09 -34.76 16.52
C LEU B 167 -27.57 -35.13 16.67
N THR B 168 -28.16 -35.59 15.58
CA THR B 168 -29.58 -35.93 15.60
C THR B 168 -29.85 -37.29 16.25
N CYS B 169 -29.10 -38.33 15.87
CA CYS B 169 -29.41 -39.67 16.37
C CYS B 169 -28.32 -40.29 17.24
N GLY B 170 -27.20 -39.59 17.42
CA GLY B 170 -26.17 -40.05 18.32
C GLY B 170 -25.33 -41.21 17.81
N ARG B 171 -25.25 -41.35 16.49
CA ARG B 171 -24.43 -42.40 15.90
C ARG B 171 -23.82 -41.94 14.59
N ARG B 172 -22.85 -42.71 14.10
CA ARG B 172 -22.36 -42.54 12.75
C ARG B 172 -22.60 -43.83 11.98
N PHE B 173 -22.41 -43.78 10.66
CA PHE B 173 -22.52 -44.98 9.84
C PHE B 173 -21.19 -45.22 9.12
N GLU B 174 -20.86 -46.49 8.91
CA GLU B 174 -19.69 -46.83 8.12
C GLU B 174 -19.93 -46.40 6.67
N TYR B 175 -18.85 -46.08 5.96
CA TYR B 175 -18.97 -45.55 4.61
C TYR B 175 -19.45 -46.60 3.60
N ASP B 176 -19.48 -47.86 4.04
CA ASP B 176 -19.92 -48.94 3.18
C ASP B 176 -21.24 -49.53 3.65
N ASP B 177 -21.80 -48.91 4.69
CA ASP B 177 -23.09 -49.32 5.24
C ASP B 177 -24.19 -49.21 4.20
N PRO B 178 -24.82 -50.35 3.86
CA PRO B 178 -25.93 -50.45 2.89
C PRO B 178 -27.05 -49.44 3.11
N ARG B 179 -27.57 -49.35 4.34
CA ARG B 179 -28.67 -48.45 4.62
C ARG B 179 -28.23 -46.99 4.56
N PHE B 180 -26.97 -46.73 4.91
CA PHE B 180 -26.42 -45.38 4.87
C PHE B 180 -26.33 -44.88 3.44
N LEU B 181 -25.87 -45.75 2.54
CA LEU B 181 -25.75 -45.39 1.13
C LEU B 181 -27.12 -45.14 0.52
N ARG B 182 -28.11 -45.91 0.95
CA ARG B 182 -29.48 -45.73 0.46
C ARG B 182 -30.06 -44.42 0.98
N LEU B 183 -29.78 -44.11 2.24
CA LEU B 183 -30.25 -42.87 2.84
C LEU B 183 -29.68 -41.67 2.07
N LEU B 184 -28.41 -41.74 1.73
CA LEU B 184 -27.75 -40.67 0.99
C LEU B 184 -28.24 -40.58 -0.44
N ASP B 185 -28.41 -41.73 -1.08
CA ASP B 185 -28.89 -41.78 -2.45
C ASP B 185 -30.29 -41.17 -2.57
N LEU B 186 -31.19 -41.61 -1.71
CA LEU B 186 -32.56 -41.10 -1.70
C LEU B 186 -32.62 -39.61 -1.42
N ALA B 187 -31.74 -39.13 -0.55
CA ALA B 187 -31.70 -37.72 -0.19
C ALA B 187 -31.26 -36.85 -1.36
N GLN B 188 -30.32 -37.36 -2.16
CA GLN B 188 -29.85 -36.63 -3.34
C GLN B 188 -30.93 -36.61 -4.42
N GLU B 189 -31.62 -37.73 -4.59
CA GLU B 189 -32.73 -37.81 -5.53
C GLU B 189 -33.89 -36.94 -5.05
N GLY B 190 -34.09 -36.92 -3.74
CA GLY B 190 -35.15 -36.12 -3.15
C GLY B 190 -34.95 -34.64 -3.37
N LEU B 191 -33.69 -34.21 -3.38
CA LEU B 191 -33.35 -32.83 -3.66
C LEU B 191 -33.68 -32.47 -5.11
N LYS B 192 -33.40 -33.39 -6.01
CA LYS B 192 -33.67 -33.19 -7.44
C LYS B 192 -35.17 -33.07 -7.70
N GLU B 193 -35.97 -33.59 -6.78
CA GLU B 193 -37.42 -33.52 -6.91
C GLU B 193 -37.98 -32.17 -6.48
N GLU B 194 -37.19 -31.40 -5.76
CA GLU B 194 -37.66 -30.11 -5.27
C GLU B 194 -37.61 -29.03 -6.36
N SER B 195 -36.88 -29.32 -7.42
CA SER B 195 -36.76 -28.39 -8.55
C SER B 195 -37.09 -29.09 -9.86
N GLY B 196 -37.79 -30.22 -9.77
CA GLY B 196 -38.04 -31.05 -10.93
C GLY B 196 -39.12 -30.58 -11.88
N PHE B 197 -39.67 -29.39 -11.62
CA PHE B 197 -40.73 -28.79 -12.43
C PHE B 197 -42.05 -29.58 -12.40
N LEU B 198 -41.98 -30.87 -12.08
CA LEU B 198 -43.19 -31.63 -11.80
C LEU B 198 -43.75 -31.10 -10.49
N ARG B 199 -42.85 -30.85 -9.54
CA ARG B 199 -43.21 -30.29 -8.25
C ARG B 199 -43.92 -28.95 -8.41
N GLU B 200 -43.33 -28.06 -9.21
CA GLU B 200 -43.88 -26.72 -9.41
C GLU B 200 -45.31 -26.75 -9.95
N VAL B 201 -45.53 -27.56 -10.99
CA VAL B 201 -46.85 -27.67 -11.61
C VAL B 201 -47.89 -28.14 -10.61
N LEU B 202 -47.59 -29.22 -9.89
CA LEU B 202 -48.51 -29.76 -8.90
C LEU B 202 -48.57 -28.88 -7.65
N ASN B 203 -47.56 -28.02 -7.49
CA ASN B 203 -47.56 -27.07 -6.38
C ASN B 203 -48.49 -25.91 -6.67
N ALA B 204 -48.64 -25.60 -7.96
CA ALA B 204 -49.48 -24.50 -8.40
C ALA B 204 -50.96 -24.75 -8.11
N VAL B 205 -51.35 -26.03 -8.10
CA VAL B 205 -52.74 -26.39 -7.85
C VAL B 205 -52.87 -27.63 -6.96
N PRO B 206 -53.32 -27.44 -5.71
CA PRO B 206 -53.55 -28.53 -4.76
C PRO B 206 -54.64 -29.48 -5.22
N VAL B 207 -55.53 -29.01 -6.08
CA VAL B 207 -56.62 -29.83 -6.61
C VAL B 207 -56.08 -30.93 -7.52
N LEU B 208 -54.89 -30.70 -8.08
CA LEU B 208 -54.26 -31.66 -8.96
C LEU B 208 -53.71 -32.84 -8.16
N LEU B 209 -53.61 -32.67 -6.84
CA LEU B 209 -53.11 -33.70 -5.96
C LEU B 209 -54.17 -34.74 -5.61
N HIS B 210 -55.40 -34.50 -6.08
CA HIS B 210 -56.48 -35.46 -5.87
C HIS B 210 -56.32 -36.67 -6.77
N ILE B 211 -55.59 -36.49 -7.87
CA ILE B 211 -55.25 -37.60 -8.75
C ILE B 211 -54.22 -38.50 -8.09
N PRO B 212 -54.61 -39.73 -7.73
CA PRO B 212 -53.70 -40.65 -7.04
C PRO B 212 -52.54 -41.09 -7.93
N ALA B 213 -52.73 -41.00 -9.24
CA ALA B 213 -51.67 -41.34 -10.19
C ALA B 213 -50.56 -40.30 -10.13
N LEU B 214 -50.93 -39.05 -9.89
CA LEU B 214 -49.96 -37.96 -9.78
C LEU B 214 -49.46 -37.81 -8.35
N ALA B 215 -50.27 -38.25 -7.40
CA ALA B 215 -49.97 -38.07 -5.97
C ALA B 215 -48.72 -38.82 -5.52
N GLY B 216 -48.43 -39.94 -6.18
CA GLY B 216 -47.31 -40.78 -5.78
C GLY B 216 -45.98 -40.40 -6.39
N LYS B 217 -45.96 -40.25 -7.72
CA LYS B 217 -44.71 -40.06 -8.44
C LYS B 217 -44.10 -38.67 -8.26
N VAL B 218 -44.86 -37.73 -7.72
CA VAL B 218 -44.38 -36.36 -7.56
C VAL B 218 -43.21 -36.29 -6.57
N LEU B 219 -43.32 -37.01 -5.46
CA LEU B 219 -42.30 -37.00 -4.43
C LEU B 219 -41.97 -38.43 -4.00
N ARG B 220 -41.67 -39.28 -4.98
CA ARG B 220 -41.41 -40.68 -4.71
C ARG B 220 -40.17 -40.89 -3.86
N PHE B 221 -39.08 -40.22 -4.21
CA PHE B 221 -37.81 -40.39 -3.51
C PHE B 221 -37.80 -39.69 -2.16
N GLN B 222 -38.57 -38.62 -2.04
CA GLN B 222 -38.66 -37.89 -0.78
C GLN B 222 -39.42 -38.71 0.26
N LYS B 223 -40.46 -39.41 -0.18
CA LYS B 223 -41.22 -40.27 0.71
C LYS B 223 -40.39 -41.48 1.12
N ALA B 224 -39.62 -42.01 0.17
CA ALA B 224 -38.73 -43.13 0.44
C ALA B 224 -37.65 -42.73 1.43
N PHE B 225 -37.17 -41.50 1.30
CA PHE B 225 -36.18 -40.94 2.21
C PHE B 225 -36.75 -40.86 3.63
N LEU B 226 -37.94 -40.27 3.74
CA LEU B 226 -38.65 -40.18 5.00
C LEU B 226 -38.96 -41.57 5.57
N THR B 227 -39.29 -42.51 4.69
CA THR B 227 -39.56 -43.88 5.11
C THR B 227 -38.31 -44.54 5.68
N GLN B 228 -37.20 -44.43 4.96
CA GLN B 228 -35.93 -44.95 5.43
C GLN B 228 -35.56 -44.34 6.77
N LEU B 229 -35.85 -43.05 6.92
CA LEU B 229 -35.55 -42.33 8.15
C LEU B 229 -36.37 -42.87 9.33
N ASP B 230 -37.64 -43.18 9.08
CA ASP B 230 -38.52 -43.72 10.10
C ASP B 230 -37.96 -45.00 10.72
N GLU B 231 -37.33 -45.82 9.90
CA GLU B 231 -36.72 -47.06 10.38
C GLU B 231 -35.60 -46.77 11.38
N LEU B 232 -34.80 -45.76 11.07
CA LEU B 232 -33.66 -45.40 11.93
C LEU B 232 -34.12 -44.73 13.22
N LEU B 233 -35.18 -43.93 13.11
CA LEU B 233 -35.77 -43.28 14.29
C LEU B 233 -36.38 -44.32 15.23
N THR B 234 -37.07 -45.30 14.65
CA THR B 234 -37.68 -46.37 15.45
C THR B 234 -36.64 -47.19 16.20
N GLU B 235 -35.51 -47.48 15.56
CA GLU B 235 -34.40 -48.14 16.23
C GLU B 235 -33.87 -47.26 17.36
N HIS B 236 -33.71 -45.98 17.07
CA HIS B 236 -33.17 -45.04 18.03
C HIS B 236 -34.08 -44.93 19.25
N ARG B 237 -35.39 -44.95 19.00
CA ARG B 237 -36.37 -44.89 20.09
C ARG B 237 -36.25 -46.10 21.01
N MET B 238 -35.70 -47.19 20.49
CA MET B 238 -35.52 -48.42 21.26
C MET B 238 -34.27 -48.37 22.16
N THR B 239 -33.23 -47.69 21.70
CA THR B 239 -31.98 -47.63 22.45
C THR B 239 -31.95 -46.44 23.41
N TRP B 240 -32.92 -45.54 23.27
CA TRP B 240 -33.00 -44.35 24.09
C TRP B 240 -33.13 -44.67 25.58
N ASP B 241 -32.26 -44.09 26.38
CA ASP B 241 -32.31 -44.25 27.83
C ASP B 241 -32.85 -42.98 28.49
N PRO B 242 -34.14 -42.96 28.82
CA PRO B 242 -34.82 -41.78 29.36
C PRO B 242 -34.29 -41.40 30.75
N ALA B 243 -33.65 -42.33 31.42
CA ALA B 243 -33.12 -42.10 32.76
C ALA B 243 -31.89 -41.20 32.72
N GLN B 244 -31.27 -41.10 31.55
CA GLN B 244 -30.09 -40.26 31.39
C GLN B 244 -30.42 -39.01 30.60
N PRO B 245 -29.64 -37.94 30.80
CA PRO B 245 -29.79 -36.72 30.01
C PRO B 245 -29.64 -37.00 28.51
N PRO B 246 -30.47 -36.36 27.67
CA PRO B 246 -30.45 -36.51 26.22
C PRO B 246 -29.03 -36.48 25.66
N ARG B 247 -28.69 -37.47 24.85
CA ARG B 247 -27.34 -37.60 24.31
C ARG B 247 -27.25 -36.93 22.93
N ASP B 248 -28.43 -36.66 22.37
CA ASP B 248 -28.53 -36.14 21.01
C ASP B 248 -29.86 -35.43 20.83
N LEU B 249 -30.07 -34.81 19.68
CA LEU B 249 -31.24 -33.96 19.47
C LEU B 249 -32.56 -34.75 19.45
N THR B 250 -32.54 -35.95 18.90
CA THR B 250 -33.76 -36.77 18.82
C THR B 250 -34.24 -37.15 20.22
N GLU B 251 -33.30 -37.43 21.12
CA GLU B 251 -33.64 -37.78 22.48
C GLU B 251 -34.23 -36.59 23.22
N ALA B 252 -33.64 -35.41 23.03
CA ALA B 252 -34.18 -34.19 23.59
C ALA B 252 -35.60 -33.98 23.11
N PHE B 253 -35.82 -34.26 21.83
CA PHE B 253 -37.12 -34.13 21.21
C PHE B 253 -38.14 -35.11 21.81
N LEU B 254 -37.72 -36.36 21.99
CA LEU B 254 -38.61 -37.39 22.55
C LEU B 254 -38.99 -37.07 23.99
N ALA B 255 -38.06 -36.52 24.75
CA ALA B 255 -38.33 -36.10 26.13
C ALA B 255 -39.38 -34.99 26.15
N GLU B 256 -39.22 -33.99 25.29
CA GLU B 256 -40.20 -32.91 25.18
C GLU B 256 -41.54 -33.46 24.76
N MET B 257 -41.51 -34.45 23.87
CA MET B 257 -42.74 -35.08 23.37
C MET B 257 -43.52 -35.72 24.50
N GLU B 258 -42.81 -36.36 25.42
CA GLU B 258 -43.44 -36.98 26.59
C GLU B 258 -44.12 -35.92 27.46
N LYS B 259 -43.40 -34.85 27.77
CA LYS B 259 -43.96 -33.73 28.52
C LYS B 259 -45.16 -33.09 27.82
N ALA B 260 -45.19 -33.20 26.49
CA ALA B 260 -46.21 -32.52 25.70
C ALA B 260 -47.44 -33.37 25.46
N LYS B 261 -47.43 -34.61 25.95
CA LYS B 261 -48.60 -35.47 25.84
C LYS B 261 -49.79 -34.80 26.51
N GLY B 262 -50.87 -34.62 25.75
CA GLY B 262 -52.05 -33.93 26.23
C GLY B 262 -52.16 -32.50 25.73
N ASN B 263 -51.09 -32.02 25.07
CA ASN B 263 -51.05 -30.64 24.59
C ASN B 263 -51.11 -30.55 23.07
N PRO B 264 -52.30 -30.25 22.53
CA PRO B 264 -52.50 -30.13 21.08
C PRO B 264 -51.81 -28.92 20.46
N GLU B 265 -51.27 -28.02 21.29
CA GLU B 265 -50.58 -26.85 20.78
C GLU B 265 -49.09 -27.09 20.53
N SER B 266 -48.56 -28.17 21.10
CA SER B 266 -47.14 -28.45 20.97
C SER B 266 -46.76 -28.91 19.57
N SER B 267 -45.57 -28.52 19.12
CA SER B 267 -45.05 -28.97 17.84
C SER B 267 -44.21 -30.24 18.04
N PHE B 268 -44.02 -30.63 19.29
CA PHE B 268 -43.31 -31.87 19.61
C PHE B 268 -44.23 -33.08 19.51
N ASN B 269 -44.38 -33.61 18.30
CA ASN B 269 -45.24 -34.76 18.05
C ASN B 269 -44.55 -35.73 17.08
N ASP B 270 -45.15 -36.91 16.90
CA ASP B 270 -44.56 -37.94 16.04
C ASP B 270 -44.33 -37.43 14.62
N GLU B 271 -45.34 -36.76 14.06
CA GLU B 271 -45.28 -36.30 12.68
C GLU B 271 -44.18 -35.28 12.45
N ASN B 272 -43.92 -34.45 13.46
CA ASN B 272 -42.94 -33.37 13.31
C ASN B 272 -41.52 -33.83 13.57
N LEU B 273 -41.37 -34.88 14.38
CA LEU B 273 -40.06 -35.45 14.67
C LEU B 273 -39.33 -35.85 13.39
N ARG B 274 -40.02 -36.60 12.54
CA ARG B 274 -39.42 -37.08 11.31
C ARG B 274 -39.16 -35.94 10.34
N ILE B 275 -39.99 -34.90 10.39
CA ILE B 275 -39.81 -33.76 9.50
C ILE B 275 -38.64 -32.89 9.96
N VAL B 276 -38.56 -32.66 11.27
CA VAL B 276 -37.46 -31.86 11.82
C VAL B 276 -36.12 -32.54 11.56
N VAL B 277 -36.05 -33.85 11.84
CA VAL B 277 -34.83 -34.61 11.60
C VAL B 277 -34.46 -34.61 10.12
N ALA B 278 -35.46 -34.80 9.26
CA ALA B 278 -35.23 -34.83 7.82
C ALA B 278 -34.73 -33.48 7.31
N ASP B 279 -35.35 -32.40 7.81
CA ASP B 279 -34.92 -31.05 7.48
C ASP B 279 -33.46 -30.82 7.89
N LEU B 280 -33.13 -31.21 9.12
CA LEU B 280 -31.78 -31.04 9.64
C LEU B 280 -30.76 -31.87 8.88
N PHE B 281 -31.10 -33.14 8.66
CA PHE B 281 -30.20 -34.08 8.02
C PHE B 281 -29.83 -33.62 6.62
N SER B 282 -30.84 -33.40 5.79
CA SER B 282 -30.64 -33.09 4.39
C SER B 282 -30.05 -31.69 4.15
N ALA B 283 -30.58 -30.69 4.85
CA ALA B 283 -30.08 -29.33 4.68
C ALA B 283 -28.63 -29.22 5.12
N GLY B 284 -28.29 -29.94 6.18
CA GLY B 284 -26.96 -29.89 6.75
C GLY B 284 -25.93 -30.72 6.02
N MET B 285 -26.33 -31.37 4.95
CA MET B 285 -25.44 -32.26 4.20
C MET B 285 -25.05 -31.67 2.85
N VAL B 286 -26.02 -31.59 1.95
CA VAL B 286 -25.78 -31.21 0.57
C VAL B 286 -25.17 -29.81 0.44
N THR B 287 -25.37 -28.98 1.46
CA THR B 287 -24.80 -27.64 1.47
C THR B 287 -23.33 -27.65 1.91
N THR B 288 -23.08 -28.21 3.09
CA THR B 288 -21.73 -28.27 3.65
C THR B 288 -20.81 -29.10 2.74
N SER B 289 -21.33 -30.22 2.25
CA SER B 289 -20.58 -31.12 1.40
C SER B 289 -20.19 -30.45 0.08
N THR B 290 -21.16 -29.79 -0.54
CA THR B 290 -20.91 -29.10 -1.82
C THR B 290 -19.88 -28.01 -1.63
N THR B 291 -19.96 -27.30 -0.50
CA THR B 291 -18.99 -26.26 -0.18
C THR B 291 -17.58 -26.85 -0.12
N LEU B 292 -17.43 -27.96 0.59
CA LEU B 292 -16.16 -28.64 0.70
C LEU B 292 -15.69 -29.16 -0.65
N ALA B 293 -16.64 -29.50 -1.52
CA ALA B 293 -16.31 -29.95 -2.86
C ALA B 293 -15.79 -28.79 -3.71
N TRP B 294 -16.32 -27.59 -3.47
CA TRP B 294 -15.79 -26.38 -4.10
C TRP B 294 -14.40 -26.09 -3.56
N GLY B 295 -14.23 -26.27 -2.25
CA GLY B 295 -12.96 -26.01 -1.61
C GLY B 295 -11.82 -26.80 -2.21
N LEU B 296 -12.00 -28.11 -2.32
CA LEU B 296 -10.97 -28.97 -2.88
C LEU B 296 -10.72 -28.67 -4.35
N LEU B 297 -11.78 -28.33 -5.08
CA LEU B 297 -11.63 -27.93 -6.48
C LEU B 297 -10.78 -26.67 -6.58
N LEU B 298 -11.11 -25.68 -5.76
CA LEU B 298 -10.41 -24.41 -5.78
C LEU B 298 -8.96 -24.56 -5.29
N MET B 299 -8.67 -25.65 -4.60
CA MET B 299 -7.32 -25.89 -4.10
C MET B 299 -6.41 -26.54 -5.15
N ILE B 300 -7.00 -27.22 -6.12
CA ILE B 300 -6.20 -27.84 -7.18
C ILE B 300 -6.08 -26.89 -8.37
N LEU B 301 -6.94 -25.87 -8.41
CA LEU B 301 -6.84 -24.83 -9.41
C LEU B 301 -5.89 -23.74 -8.95
N HIS B 302 -5.70 -23.66 -7.64
CA HIS B 302 -4.82 -22.65 -7.06
C HIS B 302 -3.87 -23.27 -6.04
N PRO B 303 -2.89 -24.05 -6.52
CA PRO B 303 -1.95 -24.80 -5.67
C PRO B 303 -1.14 -23.86 -4.76
N ASP B 304 -0.89 -22.65 -5.25
CA ASP B 304 -0.20 -21.63 -4.47
C ASP B 304 -0.97 -21.34 -3.19
N VAL B 305 -2.28 -21.13 -3.35
CA VAL B 305 -3.15 -20.90 -2.21
C VAL B 305 -3.14 -22.13 -1.30
N GLN B 306 -3.17 -23.32 -1.90
CA GLN B 306 -3.14 -24.55 -1.13
C GLN B 306 -1.87 -24.67 -0.30
N ARG B 307 -0.74 -24.26 -0.87
CA ARG B 307 0.54 -24.33 -0.18
C ARG B 307 0.61 -23.38 1.00
N ARG B 308 0.08 -22.16 0.82
CA ARG B 308 0.09 -21.18 1.89
C ARG B 308 -0.79 -21.63 3.06
N VAL B 309 -1.89 -22.31 2.76
CA VAL B 309 -2.75 -22.86 3.80
C VAL B 309 -2.00 -23.92 4.58
N GLN B 310 -1.37 -24.84 3.86
CA GLN B 310 -0.59 -25.90 4.48
C GLN B 310 0.58 -25.35 5.28
N GLN B 311 1.14 -24.24 4.81
CA GLN B 311 2.23 -23.57 5.52
C GLN B 311 1.73 -23.06 6.87
N GLU B 312 0.56 -22.43 6.86
CA GLU B 312 -0.03 -21.88 8.08
C GLU B 312 -0.43 -23.00 9.05
N ILE B 313 -0.87 -24.13 8.49
CA ILE B 313 -1.25 -25.29 9.31
C ILE B 313 -0.05 -25.81 10.10
N ASP B 314 1.08 -25.95 9.40
CA ASP B 314 2.31 -26.42 10.03
C ASP B 314 2.81 -25.44 11.09
N ASP B 315 2.59 -24.15 10.84
CA ASP B 315 3.07 -23.10 11.73
C ASP B 315 2.23 -22.93 12.99
N VAL B 316 1.04 -23.54 13.02
CA VAL B 316 0.12 -23.35 14.12
C VAL B 316 -0.33 -24.67 14.75
N ILE B 317 -0.48 -25.70 13.93
CA ILE B 317 -1.02 -26.96 14.40
C ILE B 317 0.00 -28.11 14.30
N GLY B 318 0.75 -28.14 13.21
CA GLY B 318 1.67 -29.22 12.95
C GLY B 318 1.08 -30.17 11.94
N GLN B 319 1.64 -31.38 11.83
CA GLN B 319 1.14 -32.35 10.88
C GLN B 319 0.63 -33.62 11.57
N VAL B 320 0.60 -33.62 12.90
CA VAL B 320 0.11 -34.79 13.63
C VAL B 320 -1.07 -34.46 14.51
N ARG B 321 -0.98 -33.36 15.25
CA ARG B 321 -2.06 -32.94 16.15
C ARG B 321 -3.32 -32.59 15.36
N ARG B 322 -4.45 -33.11 15.81
CA ARG B 322 -5.73 -32.82 15.16
C ARG B 322 -6.11 -31.35 15.35
N PRO B 323 -6.62 -30.72 14.30
CA PRO B 323 -7.05 -29.31 14.37
C PRO B 323 -8.16 -29.10 15.39
N GLU B 324 -8.13 -27.95 16.06
CA GLU B 324 -9.16 -27.59 17.04
C GLU B 324 -9.73 -26.21 16.70
N MET B 325 -10.95 -25.95 17.14
CA MET B 325 -11.60 -24.67 16.85
C MET B 325 -10.83 -23.49 17.43
N GLY B 326 -10.02 -23.76 18.45
CA GLY B 326 -9.21 -22.73 19.07
C GLY B 326 -8.07 -22.29 18.17
N ASP B 327 -7.77 -23.10 17.17
CA ASP B 327 -6.66 -22.82 16.25
C ASP B 327 -6.99 -21.72 15.23
N GLN B 328 -8.27 -21.62 14.85
CA GLN B 328 -8.67 -20.74 13.75
C GLN B 328 -8.46 -19.27 14.06
N ALA B 329 -8.42 -18.92 15.35
CA ALA B 329 -8.19 -17.54 15.75
C ALA B 329 -6.76 -17.12 15.40
N HIS B 330 -5.88 -18.10 15.26
CA HIS B 330 -4.49 -17.85 14.94
C HIS B 330 -4.17 -18.31 13.52
N MET B 331 -5.19 -18.47 12.70
CA MET B 331 -5.02 -18.89 11.32
C MET B 331 -5.86 -18.03 10.36
N PRO B 332 -5.49 -16.75 10.20
CA PRO B 332 -6.27 -15.84 9.36
C PRO B 332 -6.32 -16.23 7.88
N TYR B 333 -5.24 -16.80 7.34
CA TYR B 333 -5.20 -17.11 5.92
C TYR B 333 -6.11 -18.27 5.56
N THR B 334 -6.13 -19.29 6.41
CA THR B 334 -7.00 -20.44 6.20
C THR B 334 -8.45 -20.02 6.36
N THR B 335 -8.70 -19.18 7.37
CA THR B 335 -10.02 -18.62 7.61
C THR B 335 -10.51 -17.87 6.39
N ALA B 336 -9.60 -17.11 5.77
CA ALA B 336 -9.94 -16.30 4.60
C ALA B 336 -10.21 -17.18 3.37
N VAL B 337 -9.41 -18.21 3.19
CA VAL B 337 -9.60 -19.13 2.07
C VAL B 337 -10.98 -19.81 2.15
N ILE B 338 -11.34 -20.27 3.34
CA ILE B 338 -12.62 -20.92 3.55
C ILE B 338 -13.78 -19.98 3.23
N HIS B 339 -13.69 -18.75 3.73
CA HIS B 339 -14.67 -17.71 3.42
C HIS B 339 -14.74 -17.46 1.91
N GLU B 340 -13.58 -17.37 1.28
CA GLU B 340 -13.53 -17.10 -0.16
C GLU B 340 -14.09 -18.28 -0.95
N VAL B 341 -13.96 -19.48 -0.39
CA VAL B 341 -14.57 -20.66 -1.00
C VAL B 341 -16.09 -20.52 -0.98
N GLN B 342 -16.63 -20.10 0.17
CA GLN B 342 -18.07 -19.88 0.29
C GLN B 342 -18.53 -18.74 -0.62
N ARG B 343 -17.75 -17.66 -0.68
CA ARG B 343 -18.12 -16.51 -1.49
C ARG B 343 -18.11 -16.85 -2.98
N PHE B 344 -16.99 -17.39 -3.46
CA PHE B 344 -16.86 -17.76 -4.87
C PHE B 344 -17.76 -18.93 -5.21
N GLY B 345 -17.87 -19.89 -4.28
CA GLY B 345 -18.70 -21.07 -4.46
C GLY B 345 -20.17 -20.71 -4.66
N ASP B 346 -20.68 -19.82 -3.80
CA ASP B 346 -21.97 -19.21 -4.04
C ASP B 346 -23.07 -20.26 -4.22
N ILE B 347 -23.07 -21.26 -3.35
CA ILE B 347 -23.83 -22.49 -3.59
C ILE B 347 -25.34 -22.33 -3.48
N VAL B 348 -25.80 -21.28 -2.81
CA VAL B 348 -27.23 -20.97 -2.78
C VAL B 348 -27.48 -19.59 -3.40
N PRO B 349 -27.35 -19.48 -4.72
CA PRO B 349 -27.38 -18.18 -5.40
C PRO B 349 -28.66 -17.38 -5.17
N LEU B 350 -29.81 -18.04 -5.18
CA LEU B 350 -31.09 -17.35 -5.01
C LEU B 350 -31.68 -17.59 -3.61
N GLY B 351 -30.89 -18.19 -2.73
CA GLY B 351 -31.31 -18.42 -1.36
C GLY B 351 -32.52 -19.33 -1.26
N VAL B 352 -33.31 -19.11 -0.22
CA VAL B 352 -34.58 -19.79 -0.03
C VAL B 352 -35.69 -18.73 -0.02
N THR B 353 -36.78 -18.98 -0.74
CA THR B 353 -37.79 -17.96 -0.91
C THR B 353 -38.46 -17.57 0.42
N HIS B 354 -38.68 -16.28 0.59
CA HIS B 354 -39.43 -15.77 1.72
C HIS B 354 -40.79 -15.29 1.24
N MET B 355 -41.63 -14.85 2.18
CA MET B 355 -42.88 -14.20 1.82
C MET B 355 -43.21 -13.10 2.81
N THR B 356 -43.76 -11.99 2.30
CA THR B 356 -44.18 -10.89 3.15
C THR B 356 -45.44 -11.23 3.93
N SER B 357 -45.42 -10.96 5.23
CA SER B 357 -46.60 -11.17 6.07
C SER B 357 -47.39 -9.87 6.19
N ARG B 358 -46.74 -8.76 5.85
CA ARG B 358 -47.38 -7.44 5.84
C ARG B 358 -46.88 -6.62 4.67
N ASP B 359 -47.60 -5.55 4.34
CA ASP B 359 -47.12 -4.60 3.33
C ASP B 359 -45.84 -3.93 3.82
N ILE B 360 -44.80 -3.94 3.00
CA ILE B 360 -43.54 -3.31 3.37
C ILE B 360 -42.99 -2.43 2.27
N GLU B 361 -41.87 -1.79 2.57
CA GLU B 361 -41.21 -0.90 1.63
C GLU B 361 -39.72 -1.20 1.55
N VAL B 362 -39.24 -1.49 0.35
CA VAL B 362 -37.82 -1.73 0.13
C VAL B 362 -37.29 -0.83 -0.99
N GLN B 363 -36.21 -0.09 -0.68
CA GLN B 363 -35.57 0.80 -1.65
C GLN B 363 -36.57 1.76 -2.30
N GLY B 364 -37.55 2.20 -1.51
CA GLY B 364 -38.55 3.13 -2.00
C GLY B 364 -39.83 2.47 -2.46
N PHE B 365 -39.70 1.33 -3.16
CA PHE B 365 -40.85 0.65 -3.72
C PHE B 365 -41.73 -0.01 -2.65
N ARG B 366 -42.98 -0.25 -3.00
CA ARG B 366 -43.93 -0.89 -2.09
C ARG B 366 -44.03 -2.38 -2.38
N ILE B 367 -43.98 -3.20 -1.34
CA ILE B 367 -44.16 -4.64 -1.49
C ILE B 367 -45.41 -5.09 -0.75
N PRO B 368 -46.46 -5.46 -1.50
CA PRO B 368 -47.74 -5.91 -0.92
C PRO B 368 -47.60 -7.20 -0.13
N LYS B 369 -48.41 -7.35 0.91
CA LYS B 369 -48.44 -8.55 1.73
C LYS B 369 -48.75 -9.79 0.89
N GLY B 370 -48.05 -10.88 1.18
CA GLY B 370 -48.27 -12.14 0.47
C GLY B 370 -47.41 -12.25 -0.77
N THR B 371 -46.43 -11.37 -0.88
CA THR B 371 -45.51 -11.39 -2.01
C THR B 371 -44.38 -12.38 -1.77
N THR B 372 -44.07 -13.19 -2.77
CA THR B 372 -42.91 -14.06 -2.69
C THR B 372 -41.64 -13.24 -2.90
N LEU B 373 -40.75 -13.30 -1.93
CA LEU B 373 -39.47 -12.58 -2.02
C LEU B 373 -38.33 -13.52 -2.38
N ILE B 374 -37.59 -13.15 -3.41
CA ILE B 374 -36.39 -13.90 -3.78
C ILE B 374 -35.15 -13.11 -3.41
N THR B 375 -34.36 -13.64 -2.48
CA THR B 375 -33.11 -13.00 -2.08
C THR B 375 -31.98 -13.46 -2.98
N ASN B 376 -31.45 -12.54 -3.78
CA ASN B 376 -30.33 -12.87 -4.66
C ASN B 376 -29.01 -12.77 -3.89
N LEU B 377 -28.70 -13.82 -3.13
CA LEU B 377 -27.50 -13.85 -2.30
C LEU B 377 -26.26 -13.77 -3.17
N SER B 378 -26.34 -14.38 -4.35
CA SER B 378 -25.29 -14.29 -5.34
C SER B 378 -24.90 -12.84 -5.65
N SER B 379 -25.91 -11.98 -5.82
CA SER B 379 -25.67 -10.58 -6.13
C SER B 379 -25.00 -9.84 -4.96
N VAL B 380 -25.07 -10.43 -3.77
CA VAL B 380 -24.40 -9.86 -2.61
C VAL B 380 -22.96 -10.37 -2.53
N LEU B 381 -22.78 -11.67 -2.73
CA LEU B 381 -21.46 -12.29 -2.70
C LEU B 381 -20.58 -11.89 -3.89
N LYS B 382 -21.21 -11.44 -4.97
CA LYS B 382 -20.48 -11.12 -6.20
C LYS B 382 -20.62 -9.64 -6.58
N ASP B 383 -21.02 -8.82 -5.61
CA ASP B 383 -21.22 -7.40 -5.86
C ASP B 383 -19.91 -6.67 -6.16
N GLU B 384 -19.79 -6.15 -7.38
CA GLU B 384 -18.58 -5.47 -7.82
C GLU B 384 -18.28 -4.19 -7.02
N ALA B 385 -19.33 -3.56 -6.50
CA ALA B 385 -19.16 -2.35 -5.70
C ALA B 385 -18.51 -2.65 -4.35
N VAL B 386 -18.57 -3.91 -3.92
CA VAL B 386 -18.04 -4.30 -2.61
C VAL B 386 -16.73 -5.08 -2.72
N TRP B 387 -16.71 -6.12 -3.54
CA TRP B 387 -15.55 -7.00 -3.64
C TRP B 387 -14.55 -6.53 -4.68
N GLU B 388 -13.27 -6.74 -4.40
CA GLU B 388 -12.20 -6.31 -5.30
C GLU B 388 -12.33 -6.95 -6.68
N LYS B 389 -12.44 -8.27 -6.72
CA LYS B 389 -12.59 -8.99 -7.97
C LYS B 389 -13.53 -10.18 -7.79
N PRO B 390 -14.84 -9.90 -7.76
CA PRO B 390 -15.87 -10.87 -7.35
C PRO B 390 -15.98 -12.12 -8.22
N PHE B 391 -15.39 -12.11 -9.41
CA PHE B 391 -15.51 -13.28 -10.28
C PHE B 391 -14.23 -14.09 -10.31
N ARG B 392 -13.30 -13.74 -9.43
CA ARG B 392 -12.06 -14.51 -9.26
C ARG B 392 -12.01 -15.17 -7.87
N PHE B 393 -11.27 -16.27 -7.78
CA PHE B 393 -10.95 -16.85 -6.47
C PHE B 393 -9.79 -16.05 -5.87
N HIS B 394 -10.07 -15.35 -4.79
CA HIS B 394 -9.16 -14.33 -4.27
C HIS B 394 -9.31 -14.20 -2.76
N PRO B 395 -8.53 -15.00 -2.01
CA PRO B 395 -8.57 -15.02 -0.54
C PRO B 395 -8.39 -13.64 0.10
N GLU B 396 -7.69 -12.74 -0.60
CA GLU B 396 -7.44 -11.40 -0.09
C GLU B 396 -8.72 -10.56 -0.03
N HIS B 397 -9.83 -11.15 -0.48
CA HIS B 397 -11.14 -10.57 -0.25
C HIS B 397 -11.41 -10.46 1.24
N PHE B 398 -10.75 -11.32 2.02
CA PHE B 398 -10.94 -11.37 3.46
C PHE B 398 -9.65 -11.10 4.23
N LEU B 399 -8.66 -10.52 3.55
CA LEU B 399 -7.39 -10.18 4.18
C LEU B 399 -7.01 -8.73 3.89
N ASP B 400 -6.30 -8.11 4.84
CA ASP B 400 -5.69 -6.82 4.58
C ASP B 400 -4.21 -7.01 4.26
N ALA B 401 -3.51 -5.92 3.96
CA ALA B 401 -2.11 -5.99 3.60
C ALA B 401 -1.25 -6.64 4.70
N GLN B 402 -1.62 -6.38 5.95
CA GLN B 402 -0.88 -6.93 7.08
C GLN B 402 -1.09 -8.44 7.21
N GLY B 403 -2.17 -8.94 6.62
CA GLY B 403 -2.46 -10.36 6.63
C GLY B 403 -3.53 -10.74 7.64
N HIS B 404 -4.15 -9.73 8.25
CA HIS B 404 -5.24 -9.96 9.18
C HIS B 404 -6.50 -10.38 8.43
N PHE B 405 -7.28 -11.25 9.05
CA PHE B 405 -8.57 -11.64 8.48
C PHE B 405 -9.60 -10.55 8.71
N VAL B 406 -10.29 -10.15 7.65
CA VAL B 406 -11.37 -9.17 7.75
C VAL B 406 -12.60 -9.70 7.02
N LYS B 407 -13.76 -9.52 7.63
CA LYS B 407 -15.00 -10.02 7.02
C LYS B 407 -15.93 -8.88 6.65
N PRO B 408 -16.13 -8.66 5.34
CA PRO B 408 -17.03 -7.62 4.86
C PRO B 408 -18.48 -7.91 5.21
N GLU B 409 -19.29 -6.86 5.31
CA GLU B 409 -20.73 -7.00 5.57
C GLU B 409 -21.43 -7.86 4.52
N ALA B 410 -20.90 -7.83 3.29
CA ALA B 410 -21.53 -8.49 2.17
C ALA B 410 -21.35 -10.01 2.20
N PHE B 411 -20.68 -10.53 3.22
CA PHE B 411 -20.53 -11.97 3.36
C PHE B 411 -21.81 -12.56 3.93
N LEU B 412 -22.72 -12.97 3.04
CA LEU B 412 -24.01 -13.51 3.46
C LEU B 412 -24.37 -14.86 2.83
N PRO B 413 -23.46 -15.85 2.90
CA PRO B 413 -23.86 -17.13 2.27
C PRO B 413 -24.94 -17.85 3.09
N PHE B 414 -25.17 -17.40 4.32
CA PHE B 414 -26.18 -18.01 5.18
C PHE B 414 -27.44 -17.15 5.26
N SER B 415 -27.53 -16.17 4.35
CA SER B 415 -28.61 -15.18 4.34
C SER B 415 -28.59 -14.36 5.63
N ALA B 416 -29.74 -13.82 6.01
CA ALA B 416 -29.81 -12.95 7.19
C ALA B 416 -31.24 -12.85 7.74
N GLY B 417 -31.37 -12.24 8.91
CA GLY B 417 -32.67 -12.09 9.53
C GLY B 417 -33.09 -13.33 10.29
N ARG B 418 -34.34 -13.34 10.73
CA ARG B 418 -34.88 -14.41 11.59
C ARG B 418 -34.74 -15.81 10.99
N ARG B 419 -34.73 -15.92 9.67
CA ARG B 419 -34.67 -17.21 9.01
C ARG B 419 -33.27 -17.60 8.55
N ALA B 420 -32.27 -16.80 8.90
CA ALA B 420 -30.89 -17.12 8.55
C ALA B 420 -30.54 -18.52 9.05
N CYS B 421 -29.73 -19.23 8.27
CA CYS B 421 -29.35 -20.62 8.55
C CYS B 421 -29.10 -20.88 10.03
N LEU B 422 -29.82 -21.83 10.60
CA LEU B 422 -29.65 -22.14 12.02
C LEU B 422 -28.43 -23.03 12.21
N GLY B 423 -28.01 -23.69 11.14
CA GLY B 423 -26.89 -24.60 11.20
C GLY B 423 -25.54 -23.96 10.97
N GLU B 424 -25.51 -22.63 10.86
CA GLU B 424 -24.28 -21.91 10.60
C GLU B 424 -23.13 -22.20 11.59
N PRO B 425 -23.41 -22.18 12.91
CA PRO B 425 -22.30 -22.46 13.82
C PRO B 425 -21.71 -23.85 13.61
N LEU B 426 -22.57 -24.82 13.31
CA LEU B 426 -22.12 -26.17 13.01
C LEU B 426 -21.37 -26.22 11.68
N ALA B 427 -21.87 -25.48 10.69
CA ALA B 427 -21.26 -25.45 9.37
C ALA B 427 -19.88 -24.80 9.41
N ARG B 428 -19.75 -23.71 10.16
CA ARG B 428 -18.46 -23.06 10.39
C ARG B 428 -17.46 -24.05 10.96
N MET B 429 -17.93 -24.87 11.89
CA MET B 429 -17.09 -25.86 12.55
C MET B 429 -16.70 -26.97 11.58
N GLU B 430 -17.66 -27.46 10.81
CA GLU B 430 -17.41 -28.52 9.85
C GLU B 430 -16.42 -28.08 8.77
N LEU B 431 -16.65 -26.91 8.20
CA LEU B 431 -15.82 -26.39 7.13
C LEU B 431 -14.38 -26.26 7.59
N PHE B 432 -14.16 -25.64 8.75
CA PHE B 432 -12.81 -25.42 9.24
C PHE B 432 -12.10 -26.73 9.55
N LEU B 433 -12.75 -27.63 10.26
CA LEU B 433 -12.12 -28.86 10.72
C LEU B 433 -11.89 -29.87 9.60
N PHE B 434 -12.85 -30.01 8.69
CA PHE B 434 -12.70 -30.93 7.56
C PHE B 434 -11.66 -30.44 6.56
N PHE B 435 -11.72 -29.14 6.25
CA PHE B 435 -10.81 -28.54 5.27
C PHE B 435 -9.36 -28.59 5.76
N THR B 436 -9.14 -28.17 7.01
CA THR B 436 -7.79 -28.14 7.57
C THR B 436 -7.22 -29.54 7.76
N SER B 437 -8.04 -30.47 8.26
CA SER B 437 -7.57 -31.84 8.48
C SER B 437 -7.18 -32.52 7.18
N LEU B 438 -7.93 -32.24 6.12
CA LEU B 438 -7.62 -32.81 4.81
C LEU B 438 -6.34 -32.22 4.23
N LEU B 439 -6.16 -30.91 4.40
CA LEU B 439 -4.97 -30.25 3.88
C LEU B 439 -3.76 -30.48 4.78
N GLN B 440 -4.04 -30.87 6.02
CA GLN B 440 -2.98 -31.19 6.98
C GLN B 440 -2.20 -32.42 6.53
N HIS B 441 -2.91 -33.41 5.99
CA HIS B 441 -2.30 -34.70 5.67
C HIS B 441 -2.20 -35.00 4.18
N PHE B 442 -2.86 -34.20 3.35
CA PHE B 442 -2.82 -34.45 1.91
C PHE B 442 -2.47 -33.21 1.10
N SER B 443 -1.93 -33.46 -0.10
CA SER B 443 -1.71 -32.41 -1.08
C SER B 443 -2.53 -32.73 -2.32
N PHE B 444 -3.35 -31.79 -2.76
CA PHE B 444 -4.30 -32.06 -3.83
C PHE B 444 -3.90 -31.40 -5.15
N SER B 445 -4.15 -32.09 -6.25
CA SER B 445 -3.84 -31.57 -7.58
C SER B 445 -4.66 -32.24 -8.66
N VAL B 446 -4.75 -31.59 -9.82
CA VAL B 446 -5.38 -32.19 -10.97
C VAL B 446 -4.55 -33.38 -11.45
N PRO B 447 -5.21 -34.42 -11.96
CA PRO B 447 -4.48 -35.58 -12.49
C PRO B 447 -3.84 -35.27 -13.84
N THR B 448 -2.57 -35.62 -13.99
CA THR B 448 -1.85 -35.39 -15.24
C THR B 448 -2.56 -36.05 -16.42
N GLY B 449 -2.71 -35.30 -17.51
CA GLY B 449 -3.38 -35.81 -18.68
C GLY B 449 -4.82 -35.36 -18.79
N GLN B 450 -5.36 -34.87 -17.68
CA GLN B 450 -6.75 -34.40 -17.65
C GLN B 450 -6.81 -32.89 -17.86
N PRO B 451 -7.87 -32.42 -18.55
CA PRO B 451 -8.07 -30.99 -18.75
C PRO B 451 -8.29 -30.24 -17.44
N ARG B 452 -7.92 -28.97 -17.42
CA ARG B 452 -8.21 -28.10 -16.28
C ARG B 452 -9.71 -28.09 -16.04
N PRO B 453 -10.12 -28.51 -14.83
CA PRO B 453 -11.55 -28.51 -14.49
C PRO B 453 -12.12 -27.10 -14.51
N SER B 454 -13.38 -26.96 -14.90
CA SER B 454 -14.01 -25.65 -14.96
C SER B 454 -14.32 -25.11 -13.58
N HIS B 455 -14.19 -23.79 -13.42
CA HIS B 455 -14.53 -23.14 -12.16
C HIS B 455 -15.98 -22.67 -12.18
N HIS B 456 -16.69 -23.05 -13.24
CA HIS B 456 -18.10 -22.72 -13.37
C HIS B 456 -18.97 -23.85 -12.84
N GLY B 457 -19.88 -23.52 -11.93
CA GLY B 457 -20.75 -24.51 -11.35
C GLY B 457 -21.93 -24.84 -12.24
N VAL B 458 -22.61 -25.94 -11.93
CA VAL B 458 -23.84 -26.30 -12.60
C VAL B 458 -25.02 -25.71 -11.83
N PHE B 459 -25.81 -24.87 -12.50
CA PHE B 459 -26.90 -24.18 -11.81
C PHE B 459 -28.03 -25.11 -11.39
N ALA B 460 -28.55 -24.85 -10.20
CA ALA B 460 -29.71 -25.53 -9.66
C ALA B 460 -30.21 -24.69 -8.50
N PHE B 461 -30.91 -25.31 -7.55
CA PHE B 461 -31.19 -24.62 -6.30
C PHE B 461 -29.87 -24.51 -5.57
N LEU B 462 -29.09 -25.58 -5.63
CA LEU B 462 -27.72 -25.59 -5.13
C LEU B 462 -26.72 -25.73 -6.26
N VAL B 463 -25.78 -24.78 -6.33
CA VAL B 463 -24.76 -24.81 -7.37
C VAL B 463 -23.60 -25.71 -6.94
N SER B 464 -23.44 -26.84 -7.63
CA SER B 464 -22.34 -27.75 -7.39
C SER B 464 -21.22 -27.51 -8.39
N PRO B 465 -19.97 -27.81 -7.99
CA PRO B 465 -18.87 -27.75 -8.95
C PRO B 465 -19.12 -28.70 -10.11
N SER B 466 -18.57 -28.38 -11.27
CA SER B 466 -18.60 -29.32 -12.39
C SER B 466 -17.86 -30.58 -11.95
N PRO B 467 -18.31 -31.76 -12.42
CA PRO B 467 -17.68 -33.02 -12.03
C PRO B 467 -16.18 -33.03 -12.33
N TYR B 468 -15.38 -33.34 -11.32
CA TYR B 468 -13.93 -33.35 -11.46
C TYR B 468 -13.30 -34.47 -10.65
N GLU B 469 -12.07 -34.83 -11.01
CA GLU B 469 -11.30 -35.80 -10.23
C GLU B 469 -10.02 -35.15 -9.74
N LEU B 470 -9.51 -35.64 -8.60
CA LEU B 470 -8.26 -35.11 -8.08
C LEU B 470 -7.31 -36.22 -7.63
N CYS B 471 -6.10 -35.82 -7.25
CA CYS B 471 -5.14 -36.73 -6.63
C CYS B 471 -4.88 -36.27 -5.21
N ALA B 472 -4.86 -37.21 -4.28
CA ALA B 472 -4.52 -36.89 -2.90
C ALA B 472 -3.25 -37.63 -2.51
N VAL B 473 -2.15 -36.90 -2.41
CA VAL B 473 -0.89 -37.51 -2.00
C VAL B 473 -0.55 -37.09 -0.57
N PRO B 474 -0.35 -38.08 0.30
CA PRO B 474 0.02 -37.87 1.71
C PRO B 474 1.24 -36.96 1.88
N ARG B 475 1.31 -36.29 3.03
CA ARG B 475 2.41 -35.36 3.31
C ARG B 475 3.36 -35.93 4.35
N LEU C 11 -16.75 -28.00 -37.48
CA LEU C 11 -17.55 -26.79 -37.38
C LEU C 11 -17.93 -26.46 -35.95
N PRO C 12 -18.02 -25.16 -35.62
CA PRO C 12 -18.45 -24.70 -34.30
C PRO C 12 -19.88 -25.14 -33.97
N PRO C 13 -20.14 -25.46 -32.70
CA PRO C 13 -21.47 -25.87 -32.23
C PRO C 13 -22.48 -24.72 -32.29
N GLY C 14 -23.71 -24.99 -31.87
CA GLY C 14 -24.74 -23.96 -31.87
C GLY C 14 -26.13 -24.52 -31.69
N PRO C 15 -27.11 -23.64 -31.46
CA PRO C 15 -28.51 -24.06 -31.26
C PRO C 15 -29.09 -24.68 -32.53
N LEU C 16 -29.96 -25.66 -32.37
CA LEU C 16 -30.55 -26.37 -33.50
C LEU C 16 -31.37 -25.41 -34.37
N PRO C 17 -30.95 -25.23 -35.63
CA PRO C 17 -31.61 -24.30 -36.57
C PRO C 17 -33.03 -24.74 -36.93
N THR C 32 -29.29 -8.47 -28.01
CA THR C 32 -28.44 -9.44 -28.69
C THR C 32 -27.13 -9.74 -27.92
N PRO C 33 -26.38 -8.70 -27.49
CA PRO C 33 -25.15 -9.05 -26.77
C PRO C 33 -25.43 -9.76 -25.45
N TYR C 34 -26.58 -9.45 -24.84
CA TYR C 34 -27.01 -10.13 -23.63
C TYR C 34 -27.51 -11.53 -23.97
N CYS C 35 -27.87 -11.74 -25.23
CA CYS C 35 -28.33 -13.05 -25.68
C CYS C 35 -27.17 -13.94 -26.10
N PHE C 36 -26.10 -13.33 -26.61
CA PHE C 36 -24.92 -14.07 -27.04
C PHE C 36 -24.16 -14.66 -25.86
N ASP C 37 -24.19 -13.97 -24.73
CA ASP C 37 -23.53 -14.45 -23.52
C ASP C 37 -24.11 -15.79 -23.09
N GLN C 38 -25.42 -15.95 -23.29
CA GLN C 38 -26.10 -17.20 -22.99
C GLN C 38 -25.59 -18.30 -23.91
N LEU C 39 -25.27 -17.93 -25.14
CA LEU C 39 -24.79 -18.88 -26.13
C LEU C 39 -23.32 -19.24 -25.91
N ARG C 40 -22.53 -18.27 -25.47
CA ARG C 40 -21.13 -18.53 -25.16
C ARG C 40 -21.03 -19.45 -23.96
N ARG C 41 -21.88 -19.21 -22.97
CA ARG C 41 -21.94 -20.03 -21.77
C ARG C 41 -22.38 -21.46 -22.11
N ARG C 42 -23.15 -21.58 -23.18
CA ARG C 42 -23.74 -22.87 -23.55
C ARG C 42 -22.88 -23.66 -24.53
N PHE C 43 -22.29 -22.99 -25.51
CA PHE C 43 -21.56 -23.68 -26.58
C PHE C 43 -20.05 -23.42 -26.58
N GLY C 44 -19.63 -22.32 -25.96
CA GLY C 44 -18.24 -21.97 -25.94
C GLY C 44 -17.98 -20.64 -26.62
N ASP C 45 -16.70 -20.27 -26.76
CA ASP C 45 -16.33 -18.97 -27.28
C ASP C 45 -16.56 -18.84 -28.79
N VAL C 46 -16.69 -19.97 -29.47
CA VAL C 46 -16.89 -19.98 -30.91
C VAL C 46 -18.08 -20.84 -31.31
N PHE C 47 -19.20 -20.20 -31.64
CA PHE C 47 -20.38 -20.94 -32.05
C PHE C 47 -20.96 -20.44 -33.37
N SER C 48 -21.91 -21.20 -33.90
CA SER C 48 -22.50 -20.89 -35.20
C SER C 48 -23.96 -20.48 -35.06
N LEU C 49 -24.41 -19.62 -35.97
CA LEU C 49 -25.79 -19.19 -36.01
C LEU C 49 -26.27 -19.09 -37.45
N GLN C 50 -27.48 -19.58 -37.71
CA GLN C 50 -28.05 -19.50 -39.03
C GLN C 50 -29.06 -18.35 -39.10
N LEU C 51 -28.55 -17.15 -39.34
CA LEU C 51 -29.41 -15.99 -39.50
C LEU C 51 -30.02 -15.99 -40.89
N ALA C 52 -31.21 -16.58 -41.00
CA ALA C 52 -31.92 -16.75 -42.26
C ALA C 52 -31.08 -17.52 -43.27
N TRP C 53 -30.65 -16.84 -44.34
CA TRP C 53 -29.88 -17.48 -45.40
C TRP C 53 -28.38 -17.40 -45.15
N THR C 54 -27.99 -16.60 -44.16
CA THR C 54 -26.57 -16.33 -43.92
C THR C 54 -25.98 -17.14 -42.78
N PRO C 55 -24.96 -17.96 -43.09
CA PRO C 55 -24.21 -18.70 -42.06
C PRO C 55 -23.29 -17.76 -41.29
N VAL C 56 -23.38 -17.77 -39.96
CA VAL C 56 -22.63 -16.84 -39.14
C VAL C 56 -21.87 -17.53 -38.02
N VAL C 57 -20.59 -17.21 -37.89
CA VAL C 57 -19.79 -17.67 -36.76
C VAL C 57 -19.47 -16.50 -35.84
N VAL C 58 -19.91 -16.59 -34.59
CA VAL C 58 -19.63 -15.56 -33.60
C VAL C 58 -18.33 -15.89 -32.85
N LEU C 59 -17.51 -14.87 -32.64
CA LEU C 59 -16.24 -15.04 -31.93
C LEU C 59 -16.27 -14.30 -30.60
N ASN C 60 -15.95 -15.00 -29.52
CA ASN C 60 -16.01 -14.41 -28.19
C ASN C 60 -14.67 -14.51 -27.45
N GLY C 61 -14.34 -13.46 -26.70
CA GLY C 61 -13.12 -13.44 -25.92
C GLY C 61 -11.90 -13.08 -26.74
N LEU C 62 -10.86 -12.61 -26.04
CA LEU C 62 -9.63 -12.15 -26.68
C LEU C 62 -8.99 -13.21 -27.56
N ALA C 63 -8.99 -14.45 -27.08
CA ALA C 63 -8.34 -15.56 -27.77
C ALA C 63 -8.94 -15.82 -29.15
N ALA C 64 -10.27 -15.95 -29.20
CA ALA C 64 -10.96 -16.22 -30.46
C ALA C 64 -10.85 -15.05 -31.43
N VAL C 65 -10.96 -13.83 -30.91
CA VAL C 65 -10.91 -12.64 -31.75
C VAL C 65 -9.51 -12.44 -32.32
N ARG C 66 -8.49 -12.52 -31.47
CA ARG C 66 -7.11 -12.37 -31.93
C ARG C 66 -6.75 -13.44 -32.95
N GLU C 67 -7.14 -14.67 -32.66
CA GLU C 67 -6.79 -15.80 -33.52
C GLU C 67 -7.31 -15.61 -34.94
N ALA C 68 -8.49 -15.01 -35.06
CA ALA C 68 -9.12 -14.82 -36.36
C ALA C 68 -8.60 -13.56 -37.08
N LEU C 69 -8.48 -12.46 -36.36
CA LEU C 69 -8.16 -11.18 -36.97
C LEU C 69 -6.65 -10.92 -37.08
N VAL C 70 -5.87 -11.56 -36.23
CA VAL C 70 -4.42 -11.39 -36.26
C VAL C 70 -3.72 -12.58 -36.89
N THR C 71 -3.84 -13.74 -36.24
CA THR C 71 -3.19 -14.96 -36.71
C THR C 71 -3.65 -15.34 -38.13
N HIS C 72 -4.96 -15.24 -38.37
CA HIS C 72 -5.51 -15.45 -39.70
C HIS C 72 -5.91 -14.13 -40.35
N GLY C 73 -5.11 -13.09 -40.12
CA GLY C 73 -5.41 -11.74 -40.58
C GLY C 73 -5.68 -11.60 -42.07
N GLU C 74 -4.93 -12.34 -42.88
CA GLU C 74 -5.06 -12.26 -44.33
C GLU C 74 -6.39 -12.83 -44.81
N ASP C 75 -6.94 -13.77 -44.06
CA ASP C 75 -8.10 -14.51 -44.51
C ASP C 75 -9.42 -13.99 -43.92
N THR C 76 -9.33 -13.09 -42.95
CA THR C 76 -10.53 -12.57 -42.29
C THR C 76 -10.68 -11.06 -42.41
N ALA C 77 -9.93 -10.46 -43.34
CA ALA C 77 -9.94 -9.01 -43.50
C ALA C 77 -10.90 -8.57 -44.58
N ASP C 78 -11.89 -9.40 -44.88
CA ASP C 78 -12.86 -9.11 -45.93
C ASP C 78 -14.22 -8.75 -45.32
N ARG C 79 -15.10 -8.17 -46.13
CA ARG C 79 -16.43 -7.80 -45.68
C ARG C 79 -17.49 -8.52 -46.49
N PRO C 80 -18.60 -8.91 -45.84
CA PRO C 80 -19.72 -9.51 -46.56
C PRO C 80 -20.22 -8.57 -47.65
N PRO C 81 -20.57 -9.11 -48.83
CA PRO C 81 -21.10 -8.27 -49.91
C PRO C 81 -22.41 -7.58 -49.50
N VAL C 82 -22.53 -6.31 -49.83
CA VAL C 82 -23.74 -5.55 -49.54
C VAL C 82 -24.31 -4.99 -50.84
N PRO C 83 -25.09 -5.80 -51.56
CA PRO C 83 -25.65 -5.50 -52.89
C PRO C 83 -26.37 -4.15 -52.99
N ILE C 84 -27.03 -3.71 -51.93
CA ILE C 84 -27.81 -2.47 -52.02
C ILE C 84 -26.94 -1.22 -52.10
N THR C 85 -25.64 -1.37 -51.88
CA THR C 85 -24.72 -0.25 -51.99
C THR C 85 -24.61 0.26 -53.42
N GLN C 86 -25.16 -0.51 -54.36
CA GLN C 86 -25.23 -0.09 -55.76
C GLN C 86 -26.01 1.21 -55.90
N ILE C 87 -27.00 1.40 -55.04
CA ILE C 87 -27.83 2.59 -55.05
C ILE C 87 -27.01 3.84 -54.74
N LEU C 88 -25.98 3.68 -53.91
CA LEU C 88 -25.16 4.80 -53.48
C LEU C 88 -24.03 5.10 -54.45
N GLY C 89 -23.88 4.26 -55.47
CA GLY C 89 -22.87 4.47 -56.50
C GLY C 89 -21.63 3.63 -56.32
N PHE C 90 -21.75 2.54 -55.56
CA PHE C 90 -20.63 1.63 -55.34
C PHE C 90 -20.27 0.87 -56.61
N GLY C 91 -18.98 0.68 -56.83
CA GLY C 91 -18.48 -0.08 -57.97
C GLY C 91 -17.17 -0.73 -57.59
N PRO C 92 -16.65 -1.60 -58.47
CA PRO C 92 -15.43 -2.38 -58.17
C PRO C 92 -14.24 -1.52 -57.75
N ARG C 93 -14.08 -0.34 -58.35
CA ARG C 93 -12.98 0.54 -58.00
C ARG C 93 -13.48 1.75 -57.20
N SER C 94 -14.64 1.61 -56.58
CA SER C 94 -15.21 2.67 -55.76
C SER C 94 -16.08 2.11 -54.65
N GLN C 95 -15.44 1.55 -53.63
CA GLN C 95 -16.13 0.89 -52.53
C GLN C 95 -15.88 1.59 -51.20
N GLY C 96 -15.26 2.77 -51.25
CA GLY C 96 -14.87 3.47 -50.05
C GLY C 96 -13.82 2.70 -49.29
N VAL C 97 -13.95 2.66 -47.97
CA VAL C 97 -13.01 1.95 -47.12
C VAL C 97 -13.76 0.99 -46.20
N PHE C 98 -14.79 1.52 -45.55
CA PHE C 98 -15.53 0.82 -44.51
C PHE C 98 -16.11 -0.52 -44.95
N LEU C 99 -16.85 -0.50 -46.06
CA LEU C 99 -17.50 -1.72 -46.56
C LEU C 99 -16.78 -2.33 -47.75
N ALA C 100 -15.64 -1.75 -48.12
CA ALA C 100 -14.88 -2.24 -49.27
C ALA C 100 -14.47 -3.69 -49.10
N ARG C 101 -14.65 -4.49 -50.16
CA ARG C 101 -14.16 -5.85 -50.17
C ARG C 101 -12.66 -5.86 -49.99
N TYR C 102 -12.11 -6.95 -49.45
CA TYR C 102 -10.67 -7.07 -49.30
C TYR C 102 -10.01 -7.11 -50.67
N GLY C 103 -9.03 -6.24 -50.89
CA GLY C 103 -8.39 -6.11 -52.18
C GLY C 103 -7.73 -4.76 -52.41
N PRO C 104 -7.36 -4.46 -53.66
CA PRO C 104 -6.63 -3.24 -54.02
C PRO C 104 -7.43 -1.95 -53.79
N ALA C 105 -8.69 -1.95 -54.20
CA ALA C 105 -9.55 -0.77 -54.01
C ALA C 105 -9.65 -0.42 -52.52
N TRP C 106 -9.75 -1.43 -51.66
CA TRP C 106 -9.74 -1.21 -50.22
C TRP C 106 -8.38 -0.75 -49.73
N ARG C 107 -7.34 -1.45 -50.19
CA ARG C 107 -5.99 -1.21 -49.70
C ARG C 107 -5.48 0.17 -50.09
N GLU C 108 -5.77 0.58 -51.31
CA GLU C 108 -5.35 1.89 -51.80
C GLU C 108 -5.95 3.01 -50.98
N GLN C 109 -7.25 2.95 -50.74
CA GLN C 109 -7.92 3.99 -49.98
C GLN C 109 -7.55 3.92 -48.50
N ARG C 110 -7.35 2.70 -48.01
CA ARG C 110 -6.87 2.49 -46.64
C ARG C 110 -5.54 3.20 -46.44
N ARG C 111 -4.56 2.85 -47.27
CA ARG C 111 -3.23 3.42 -47.18
C ARG C 111 -3.24 4.93 -47.40
N PHE C 112 -4.03 5.38 -48.37
CA PHE C 112 -4.16 6.82 -48.65
C PHE C 112 -4.66 7.59 -47.44
N SER C 113 -5.80 7.18 -46.90
CA SER C 113 -6.39 7.88 -45.75
C SER C 113 -5.44 7.89 -44.55
N VAL C 114 -4.88 6.72 -44.23
CA VAL C 114 -3.96 6.59 -43.12
C VAL C 114 -2.76 7.52 -43.24
N SER C 115 -2.11 7.54 -44.40
CA SER C 115 -0.91 8.34 -44.61
C SER C 115 -1.24 9.83 -44.78
N THR C 116 -2.38 10.13 -45.40
CA THR C 116 -2.79 11.52 -45.59
C THR C 116 -3.07 12.19 -44.24
N LEU C 117 -3.78 11.48 -43.36
CA LEU C 117 -4.01 11.96 -42.01
C LEU C 117 -2.69 12.29 -41.32
N ARG C 118 -1.82 11.29 -41.27
CA ARG C 118 -0.49 11.41 -40.68
C ARG C 118 0.27 12.62 -41.24
N ASN C 119 0.31 12.73 -42.57
CA ASN C 119 1.02 13.82 -43.22
C ASN C 119 0.50 15.20 -42.83
N LEU C 120 -0.82 15.32 -42.73
CA LEU C 120 -1.44 16.57 -42.31
C LEU C 120 -1.12 16.84 -40.84
N SER C 126 0.85 19.91 -36.17
CA SER C 126 -0.27 20.85 -36.21
C SER C 126 -1.60 20.11 -36.25
N LEU C 127 -1.56 18.80 -36.03
CA LEU C 127 -2.76 17.97 -36.05
C LEU C 127 -3.68 18.35 -34.89
N GLU C 128 -3.07 18.73 -33.77
CA GLU C 128 -3.82 19.14 -32.59
C GLU C 128 -4.62 20.41 -32.84
N GLN C 129 -4.06 21.29 -33.68
CA GLN C 129 -4.63 22.61 -33.91
C GLN C 129 -6.10 22.54 -34.32
N TRP C 130 -6.39 21.68 -35.29
CA TRP C 130 -7.77 21.47 -35.73
C TRP C 130 -8.65 20.99 -34.57
N VAL C 131 -8.06 20.20 -33.67
CA VAL C 131 -8.78 19.66 -32.53
C VAL C 131 -8.84 20.63 -31.36
N THR C 132 -7.69 21.16 -30.96
CA THR C 132 -7.63 22.09 -29.83
C THR C 132 -8.46 23.36 -30.07
N GLU C 133 -8.44 23.85 -31.30
CA GLU C 133 -9.23 25.04 -31.65
C GLU C 133 -10.72 24.73 -31.62
N GLU C 134 -11.08 23.51 -31.98
CA GLU C 134 -12.49 23.12 -31.94
C GLU C 134 -12.91 22.88 -30.48
N ALA C 135 -11.96 22.43 -29.67
CA ALA C 135 -12.20 22.26 -28.24
C ALA C 135 -12.55 23.60 -27.61
N ALA C 136 -11.88 24.66 -28.07
CA ALA C 136 -12.17 26.01 -27.61
C ALA C 136 -13.60 26.41 -27.96
N CYS C 137 -13.99 26.15 -29.21
CA CYS C 137 -15.35 26.46 -29.66
C CYS C 137 -16.38 25.61 -28.91
N LEU C 138 -15.95 24.45 -28.44
CA LEU C 138 -16.84 23.57 -27.70
C LEU C 138 -17.04 24.06 -26.26
N CYS C 139 -15.93 24.46 -25.62
CA CYS C 139 -15.99 25.02 -24.28
C CYS C 139 -16.88 26.25 -24.22
N ALA C 140 -16.75 27.13 -25.21
CA ALA C 140 -17.52 28.37 -25.26
C ALA C 140 -19.00 28.10 -25.45
N ALA C 141 -19.31 27.11 -26.29
CA ALA C 141 -20.71 26.72 -26.52
C ALA C 141 -21.31 26.15 -25.24
N PHE C 142 -20.49 25.46 -24.45
CA PHE C 142 -20.91 24.93 -23.16
C PHE C 142 -21.25 26.08 -22.22
N ALA C 143 -20.34 27.05 -22.14
CA ALA C 143 -20.53 28.24 -21.31
C ALA C 143 -21.85 28.95 -21.59
N ASN C 144 -22.26 28.95 -22.86
CA ASN C 144 -23.55 29.52 -23.25
C ASN C 144 -24.72 28.73 -22.69
N HIS C 145 -24.48 27.46 -22.37
CA HIS C 145 -25.51 26.57 -21.84
C HIS C 145 -25.42 26.40 -20.33
N SER C 146 -24.46 27.08 -19.72
CA SER C 146 -24.08 26.81 -18.32
C SER C 146 -25.20 27.12 -17.31
N GLY C 147 -26.07 28.08 -17.66
CA GLY C 147 -27.12 28.52 -16.75
C GLY C 147 -28.12 27.45 -16.36
N ARG C 148 -28.56 26.67 -17.35
CA ARG C 148 -29.61 25.68 -17.13
C ARG C 148 -29.12 24.29 -17.51
N PRO C 149 -29.82 23.23 -17.05
CA PRO C 149 -29.45 21.88 -17.49
C PRO C 149 -29.63 21.70 -18.99
N PHE C 150 -28.79 20.88 -19.62
CA PHE C 150 -28.84 20.70 -21.05
C PHE C 150 -28.18 19.38 -21.49
N ARG C 151 -28.71 18.79 -22.56
CA ARG C 151 -28.09 17.60 -23.15
C ARG C 151 -26.84 18.01 -23.92
N PRO C 152 -25.70 17.38 -23.59
CA PRO C 152 -24.41 17.73 -24.23
C PRO C 152 -24.22 17.04 -25.58
N ASN C 153 -25.14 16.16 -25.94
CA ASN C 153 -24.99 15.31 -27.13
C ASN C 153 -24.84 16.09 -28.42
N GLY C 154 -25.78 17.00 -28.68
CA GLY C 154 -25.78 17.80 -29.88
C GLY C 154 -24.48 18.57 -30.07
N LEU C 155 -24.00 19.19 -29.00
CA LEU C 155 -22.76 19.96 -29.07
C LEU C 155 -21.56 19.07 -29.36
N LEU C 156 -21.56 17.86 -28.80
CA LEU C 156 -20.45 16.95 -28.99
C LEU C 156 -20.37 16.47 -30.43
N ASP C 157 -21.53 16.19 -31.03
CA ASP C 157 -21.59 15.82 -32.44
C ASP C 157 -20.95 16.88 -33.33
N LYS C 158 -21.29 18.14 -33.09
CA LYS C 158 -20.79 19.25 -33.90
C LYS C 158 -19.29 19.43 -33.78
N ALA C 159 -18.78 19.34 -32.55
CA ALA C 159 -17.35 19.53 -32.32
C ALA C 159 -16.54 18.45 -33.02
N VAL C 160 -17.00 17.20 -32.87
CA VAL C 160 -16.33 16.06 -33.49
C VAL C 160 -16.48 16.09 -35.01
N SER C 161 -17.66 16.49 -35.49
CA SER C 161 -17.91 16.61 -36.92
C SER C 161 -16.99 17.64 -37.56
N ASN C 162 -16.79 18.76 -36.87
CA ASN C 162 -15.93 19.82 -37.40
C ASN C 162 -14.46 19.43 -37.45
N VAL C 163 -14.05 18.52 -36.57
CA VAL C 163 -12.67 18.05 -36.56
C VAL C 163 -12.35 17.32 -37.85
N ILE C 164 -13.20 16.35 -38.20
CA ILE C 164 -12.97 15.56 -39.39
C ILE C 164 -13.30 16.40 -40.63
N ALA C 165 -14.27 17.28 -40.51
CA ALA C 165 -14.60 18.23 -41.58
C ALA C 165 -13.39 19.10 -41.89
N SER C 166 -12.63 19.45 -40.86
CA SER C 166 -11.42 20.23 -41.02
C SER C 166 -10.34 19.45 -41.76
N LEU C 167 -10.17 18.19 -41.41
CA LEU C 167 -9.11 17.38 -42.02
C LEU C 167 -9.49 16.94 -43.44
N THR C 168 -10.77 16.65 -43.66
CA THR C 168 -11.20 16.21 -44.98
C THR C 168 -11.50 17.38 -45.92
N CYS C 169 -12.09 18.46 -45.40
CA CYS C 169 -12.58 19.52 -46.26
C CYS C 169 -11.94 20.88 -45.99
N GLY C 170 -11.08 20.96 -44.97
CA GLY C 170 -10.33 22.17 -44.72
C GLY C 170 -11.16 23.32 -44.16
N ARG C 171 -12.32 22.99 -43.60
CA ARG C 171 -13.17 24.01 -43.01
C ARG C 171 -13.91 23.47 -41.81
N ARG C 172 -14.50 24.38 -41.04
CA ARG C 172 -15.44 24.00 -40.01
C ARG C 172 -16.77 24.68 -40.29
N PHE C 173 -17.79 24.35 -39.52
CA PHE C 173 -19.08 25.01 -39.66
C PHE C 173 -19.49 25.60 -38.32
N GLU C 174 -20.17 26.73 -38.36
CA GLU C 174 -20.72 27.31 -37.14
C GLU C 174 -21.78 26.35 -36.61
N TYR C 175 -21.97 26.35 -35.29
CA TYR C 175 -22.87 25.40 -34.66
C TYR C 175 -24.33 25.63 -35.02
N ASP C 176 -24.63 26.76 -35.64
CA ASP C 176 -25.99 27.08 -36.04
C ASP C 176 -26.15 27.14 -37.55
N ASP C 177 -25.13 26.65 -38.26
CA ASP C 177 -25.15 26.59 -39.72
C ASP C 177 -26.25 25.63 -40.19
N PRO C 178 -27.23 26.16 -40.94
CA PRO C 178 -28.36 25.38 -41.45
C PRO C 178 -27.94 24.14 -42.22
N ARG C 179 -26.93 24.26 -43.07
CA ARG C 179 -26.47 23.12 -43.85
C ARG C 179 -25.74 22.11 -42.96
N PHE C 180 -25.02 22.62 -41.98
CA PHE C 180 -24.28 21.77 -41.04
C PHE C 180 -25.25 20.92 -40.22
N LEU C 181 -26.33 21.54 -39.78
CA LEU C 181 -27.36 20.84 -39.01
C LEU C 181 -28.03 19.76 -39.83
N ARG C 182 -28.38 20.10 -41.08
CA ARG C 182 -29.04 19.15 -41.96
C ARG C 182 -28.12 17.99 -42.29
N LEU C 183 -26.83 18.27 -42.41
CA LEU C 183 -25.84 17.24 -42.66
C LEU C 183 -25.77 16.26 -41.50
N LEU C 184 -25.70 16.80 -40.29
CA LEU C 184 -25.64 15.98 -39.08
C LEU C 184 -26.93 15.23 -38.82
N ASP C 185 -28.05 15.85 -39.19
CA ASP C 185 -29.35 15.21 -39.02
C ASP C 185 -29.48 13.99 -39.93
N LEU C 186 -29.15 14.16 -41.20
CA LEU C 186 -29.23 13.09 -42.18
C LEU C 186 -28.24 11.96 -41.86
N ALA C 187 -27.15 12.30 -41.19
CA ALA C 187 -26.16 11.31 -40.80
C ALA C 187 -26.72 10.36 -39.75
N GLN C 188 -27.46 10.91 -38.78
CA GLN C 188 -28.03 10.11 -37.72
C GLN C 188 -29.26 9.34 -38.18
N GLU C 189 -29.94 9.87 -39.19
CA GLU C 189 -31.07 9.18 -39.79
C GLU C 189 -30.59 8.03 -40.68
N GLY C 190 -29.48 8.26 -41.38
CA GLY C 190 -28.91 7.28 -42.26
C GLY C 190 -28.33 6.08 -41.53
N LEU C 191 -27.87 6.33 -40.30
CA LEU C 191 -27.36 5.26 -39.46
C LEU C 191 -28.49 4.27 -39.12
N LYS C 192 -29.70 4.81 -38.96
CA LYS C 192 -30.88 4.00 -38.69
C LYS C 192 -31.23 3.09 -39.86
N GLU C 193 -30.80 3.48 -41.06
CA GLU C 193 -31.13 2.74 -42.27
C GLU C 193 -30.18 1.57 -42.51
N GLU C 194 -29.07 1.54 -41.79
CA GLU C 194 -28.10 0.45 -41.94
C GLU C 194 -28.53 -0.76 -41.13
N SER C 195 -29.63 -0.62 -40.39
CA SER C 195 -30.18 -1.73 -39.60
C SER C 195 -31.69 -1.81 -39.78
N GLY C 196 -32.13 -2.17 -40.98
CA GLY C 196 -33.55 -2.28 -41.27
C GLY C 196 -33.91 -3.61 -41.90
N PHE C 197 -35.17 -3.99 -41.78
CA PHE C 197 -35.66 -5.24 -42.35
C PHE C 197 -35.55 -5.23 -43.88
N LEU C 198 -35.83 -4.08 -44.48
CA LEU C 198 -35.73 -3.92 -45.92
C LEU C 198 -34.30 -4.08 -46.40
N ARG C 199 -33.35 -3.68 -45.56
CA ARG C 199 -31.93 -3.76 -45.91
C ARG C 199 -31.50 -5.21 -46.12
N GLU C 200 -31.97 -6.10 -45.27
CA GLU C 200 -31.60 -7.51 -45.35
C GLU C 200 -32.24 -8.23 -46.53
N VAL C 201 -33.53 -8.01 -46.72
CA VAL C 201 -34.28 -8.71 -47.77
C VAL C 201 -33.87 -8.22 -49.16
N LEU C 202 -33.49 -6.96 -49.28
CA LEU C 202 -33.12 -6.41 -50.58
C LEU C 202 -31.63 -6.63 -50.86
N ASN C 203 -30.87 -6.96 -49.83
CA ASN C 203 -29.50 -7.42 -50.03
C ASN C 203 -29.51 -8.88 -50.45
N ALA C 204 -30.52 -9.60 -49.99
CA ALA C 204 -30.70 -11.01 -50.35
C ALA C 204 -30.91 -11.16 -51.85
N VAL C 205 -31.85 -10.41 -52.39
CA VAL C 205 -32.16 -10.47 -53.81
C VAL C 205 -31.98 -9.11 -54.46
N PRO C 206 -30.80 -8.89 -55.07
CA PRO C 206 -30.42 -7.61 -55.70
C PRO C 206 -31.36 -7.17 -56.83
N VAL C 207 -32.01 -8.12 -57.50
CA VAL C 207 -32.85 -7.78 -58.64
C VAL C 207 -34.17 -7.14 -58.19
N LEU C 208 -34.43 -7.17 -56.90
CA LEU C 208 -35.60 -6.50 -56.34
C LEU C 208 -35.43 -4.98 -56.37
N LEU C 209 -34.19 -4.54 -56.56
CA LEU C 209 -33.87 -3.12 -56.64
C LEU C 209 -34.32 -2.53 -57.97
N HIS C 210 -34.64 -3.39 -58.93
CA HIS C 210 -35.15 -2.95 -60.23
C HIS C 210 -36.53 -2.33 -60.06
N ILE C 211 -37.16 -2.60 -58.91
CA ILE C 211 -38.43 -1.98 -58.55
C ILE C 211 -38.20 -0.59 -57.96
N PRO C 212 -38.60 0.47 -58.70
CA PRO C 212 -38.37 1.86 -58.30
C PRO C 212 -39.01 2.20 -56.95
N ALA C 213 -40.13 1.58 -56.64
CA ALA C 213 -40.84 1.85 -55.39
C ALA C 213 -40.03 1.39 -54.19
N LEU C 214 -39.25 0.32 -54.37
CA LEU C 214 -38.41 -0.20 -53.30
C LEU C 214 -37.11 0.58 -53.18
N ALA C 215 -36.44 0.79 -54.29
CA ALA C 215 -35.14 1.45 -54.31
C ALA C 215 -35.19 2.91 -53.88
N GLY C 216 -36.39 3.47 -53.87
CA GLY C 216 -36.56 4.89 -53.57
C GLY C 216 -36.82 5.23 -52.11
N LYS C 217 -37.04 4.21 -51.29
CA LYS C 217 -37.40 4.45 -49.89
C LYS C 217 -36.50 3.72 -48.90
N VAL C 218 -35.49 3.02 -49.41
CA VAL C 218 -34.66 2.18 -48.56
C VAL C 218 -33.47 2.92 -47.94
N LEU C 219 -32.78 3.71 -48.76
CA LEU C 219 -31.65 4.49 -48.27
C LEU C 219 -31.86 5.96 -48.60
N ARG C 220 -33.08 6.44 -48.39
CA ARG C 220 -33.43 7.82 -48.70
C ARG C 220 -32.62 8.83 -47.90
N PHE C 221 -32.32 8.50 -46.65
CA PHE C 221 -31.55 9.39 -45.79
C PHE C 221 -30.06 9.32 -46.10
N GLN C 222 -29.60 8.14 -46.51
CA GLN C 222 -28.21 7.99 -46.91
C GLN C 222 -27.98 8.66 -48.26
N LYS C 223 -28.97 8.56 -49.13
CA LYS C 223 -28.92 9.25 -50.42
C LYS C 223 -28.94 10.76 -50.21
N ALA C 224 -29.78 11.19 -49.28
CA ALA C 224 -29.87 12.60 -48.93
C ALA C 224 -28.54 13.09 -48.37
N PHE C 225 -27.93 12.26 -47.52
CA PHE C 225 -26.65 12.60 -46.90
C PHE C 225 -25.57 12.78 -47.96
N LEU C 226 -25.51 11.84 -48.90
CA LEU C 226 -24.54 11.89 -49.98
C LEU C 226 -24.79 13.10 -50.89
N THR C 227 -26.06 13.38 -51.15
CA THR C 227 -26.44 14.52 -51.99
C THR C 227 -25.99 15.83 -51.35
N GLN C 228 -26.24 15.97 -50.05
CA GLN C 228 -25.79 17.13 -49.29
C GLN C 228 -24.27 17.23 -49.36
N LEU C 229 -23.60 16.09 -49.24
CA LEU C 229 -22.15 16.04 -49.24
C LEU C 229 -21.56 16.43 -50.60
N ASP C 230 -22.21 15.99 -51.67
CA ASP C 230 -21.81 16.34 -53.03
C ASP C 230 -21.72 17.85 -53.21
N GLU C 231 -22.76 18.55 -52.74
CA GLU C 231 -22.83 20.00 -52.81
C GLU C 231 -21.64 20.65 -52.11
N LEU C 232 -21.25 20.10 -50.97
CA LEU C 232 -20.12 20.61 -50.21
C LEU C 232 -18.80 20.31 -50.91
N LEU C 233 -18.72 19.14 -51.55
CA LEU C 233 -17.52 18.75 -52.29
C LEU C 233 -17.37 19.58 -53.57
N THR C 234 -18.50 19.87 -54.21
CA THR C 234 -18.49 20.72 -55.41
C THR C 234 -17.98 22.12 -55.08
N GLU C 235 -18.44 22.68 -53.97
CA GLU C 235 -17.96 23.98 -53.49
C GLU C 235 -16.47 23.93 -53.23
N HIS C 236 -16.03 22.85 -52.60
CA HIS C 236 -14.64 22.69 -52.21
C HIS C 236 -13.72 22.60 -53.44
N ARG C 237 -14.20 21.93 -54.49
CA ARG C 237 -13.42 21.76 -55.71
C ARG C 237 -13.22 23.10 -56.41
N MET C 238 -14.11 24.05 -56.13
CA MET C 238 -14.00 25.40 -56.67
C MET C 238 -12.92 26.22 -55.94
N THR C 239 -12.76 25.99 -54.64
CA THR C 239 -11.81 26.79 -53.86
C THR C 239 -10.42 26.15 -53.79
N TRP C 240 -10.32 24.91 -54.25
CA TRP C 240 -9.05 24.20 -54.26
C TRP C 240 -7.99 24.89 -55.11
N ASP C 241 -6.82 25.12 -54.52
CA ASP C 241 -5.67 25.68 -55.24
C ASP C 241 -4.66 24.58 -55.52
N PRO C 242 -4.64 24.07 -56.76
CA PRO C 242 -3.78 22.94 -57.15
C PRO C 242 -2.31 23.31 -57.18
N ALA C 243 -2.00 24.60 -57.24
CA ALA C 243 -0.62 25.06 -57.26
C ALA C 243 0.02 24.99 -55.87
N GLN C 244 -0.79 24.71 -54.87
CA GLN C 244 -0.30 24.60 -53.49
C GLN C 244 -0.44 23.17 -52.99
N PRO C 245 0.40 22.79 -52.01
CA PRO C 245 0.28 21.46 -51.43
C PRO C 245 -1.08 21.25 -50.80
N PRO C 246 -1.69 20.07 -50.99
CA PRO C 246 -3.01 19.74 -50.45
C PRO C 246 -3.14 20.14 -48.98
N ARG C 247 -4.16 20.94 -48.68
CA ARG C 247 -4.39 21.43 -47.33
C ARG C 247 -5.22 20.44 -46.52
N ASP C 248 -5.82 19.48 -47.21
CA ASP C 248 -6.76 18.55 -46.58
C ASP C 248 -6.88 17.27 -47.41
N LEU C 249 -7.59 16.28 -46.86
CA LEU C 249 -7.67 14.97 -47.49
C LEU C 249 -8.36 14.99 -48.85
N THR C 250 -9.36 15.85 -49.00
CA THR C 250 -10.09 15.94 -50.27
C THR C 250 -9.19 16.48 -51.38
N GLU C 251 -8.39 17.49 -51.06
CA GLU C 251 -7.47 18.05 -52.04
C GLU C 251 -6.41 17.02 -52.46
N ALA C 252 -5.89 16.29 -51.48
CA ALA C 252 -4.93 15.22 -51.75
C ALA C 252 -5.53 14.19 -52.71
N PHE C 253 -6.77 13.81 -52.42
CA PHE C 253 -7.52 12.88 -53.24
C PHE C 253 -7.71 13.42 -54.67
N LEU C 254 -8.06 14.70 -54.78
CA LEU C 254 -8.27 15.33 -56.08
C LEU C 254 -6.96 15.38 -56.89
N ALA C 255 -5.85 15.64 -56.21
CA ALA C 255 -4.55 15.65 -56.88
C ALA C 255 -4.20 14.25 -57.35
N GLU C 256 -4.52 13.25 -56.55
CA GLU C 256 -4.34 11.85 -56.95
C GLU C 256 -5.24 11.51 -58.12
N MET C 257 -6.47 12.04 -58.08
CA MET C 257 -7.43 11.82 -59.13
C MET C 257 -6.90 12.32 -60.47
N GLU C 258 -6.22 13.48 -60.44
CA GLU C 258 -5.63 14.08 -61.62
C GLU C 258 -4.55 13.18 -62.22
N LYS C 259 -3.61 12.76 -61.39
CA LYS C 259 -2.55 11.85 -61.81
C LYS C 259 -3.10 10.53 -62.36
N ALA C 260 -4.27 10.13 -61.86
CA ALA C 260 -4.85 8.84 -62.20
C ALA C 260 -5.70 8.88 -63.46
N LYS C 261 -5.91 10.06 -64.02
CA LYS C 261 -6.68 10.18 -65.25
C LYS C 261 -6.08 9.29 -66.34
N GLY C 262 -6.89 8.37 -66.86
CA GLY C 262 -6.42 7.41 -67.84
C GLY C 262 -6.14 6.04 -67.25
N ASN C 263 -6.29 5.89 -65.94
CA ASN C 263 -6.01 4.62 -65.26
C ASN C 263 -7.26 3.99 -64.66
N PRO C 264 -7.85 3.04 -65.39
CA PRO C 264 -9.10 2.35 -64.98
C PRO C 264 -8.94 1.47 -63.75
N GLU C 265 -7.71 1.31 -63.27
CA GLU C 265 -7.45 0.49 -62.09
C GLU C 265 -7.48 1.28 -60.80
N SER C 266 -7.40 2.60 -60.93
CA SER C 266 -7.34 3.48 -59.77
C SER C 266 -8.66 3.51 -59.02
N SER C 267 -8.59 3.66 -57.70
CA SER C 267 -9.78 3.88 -56.89
C SER C 267 -9.98 5.38 -56.68
N PHE C 268 -9.03 6.18 -57.16
CA PHE C 268 -9.14 7.63 -57.08
C PHE C 268 -9.99 8.17 -58.22
N ASN C 269 -11.31 8.18 -58.03
CA ASN C 269 -12.25 8.67 -59.02
C ASN C 269 -13.39 9.44 -58.33
N ASP C 270 -14.25 10.07 -59.13
CA ASP C 270 -15.34 10.90 -58.59
C ASP C 270 -16.31 10.10 -57.73
N GLU C 271 -16.60 8.87 -58.16
CA GLU C 271 -17.57 8.04 -57.46
C GLU C 271 -17.08 7.63 -56.08
N ASN C 272 -15.77 7.45 -55.95
CA ASN C 272 -15.20 6.97 -54.70
C ASN C 272 -14.90 8.12 -53.72
N LEU C 273 -14.62 9.29 -54.27
CA LEU C 273 -14.38 10.48 -53.47
C LEU C 273 -15.52 10.74 -52.49
N ARG C 274 -16.75 10.76 -53.02
CA ARG C 274 -17.90 11.02 -52.19
C ARG C 274 -18.13 9.88 -51.19
N ILE C 275 -17.79 8.65 -51.58
CA ILE C 275 -17.95 7.52 -50.68
C ILE C 275 -16.91 7.54 -49.57
N VAL C 276 -15.65 7.75 -49.94
CA VAL C 276 -14.57 7.81 -48.95
C VAL C 276 -14.83 8.91 -47.93
N VAL C 277 -15.15 10.11 -48.41
CA VAL C 277 -15.44 11.23 -47.52
C VAL C 277 -16.63 10.89 -46.61
N ALA C 278 -17.66 10.27 -47.18
CA ALA C 278 -18.84 9.89 -46.41
C ALA C 278 -18.49 8.86 -45.35
N ASP C 279 -17.57 7.95 -45.68
CA ASP C 279 -17.11 6.97 -44.70
C ASP C 279 -16.37 7.67 -43.56
N LEU C 280 -15.35 8.44 -43.92
CA LEU C 280 -14.50 9.14 -42.95
C LEU C 280 -15.30 10.06 -42.04
N PHE C 281 -16.02 10.99 -42.63
CA PHE C 281 -16.81 11.97 -41.88
C PHE C 281 -17.75 11.29 -40.90
N SER C 282 -18.56 10.38 -41.41
CA SER C 282 -19.59 9.73 -40.62
C SER C 282 -19.01 8.82 -39.52
N ALA C 283 -18.18 7.87 -39.93
CA ALA C 283 -17.60 6.92 -38.98
C ALA C 283 -16.78 7.62 -37.90
N GLY C 284 -16.19 8.76 -38.27
CA GLY C 284 -15.35 9.50 -37.35
C GLY C 284 -16.12 10.37 -36.38
N MET C 285 -17.44 10.40 -36.50
CA MET C 285 -18.25 11.28 -35.67
C MET C 285 -19.13 10.54 -34.66
N VAL C 286 -20.02 9.70 -35.17
CA VAL C 286 -21.01 9.04 -34.33
C VAL C 286 -20.36 8.12 -33.30
N THR C 287 -19.14 7.68 -33.57
CA THR C 287 -18.39 6.86 -32.62
C THR C 287 -17.72 7.72 -31.56
N THR C 288 -17.01 8.75 -32.01
CA THR C 288 -16.22 9.60 -31.12
C THR C 288 -17.09 10.46 -30.19
N SER C 289 -18.18 11.00 -30.72
CA SER C 289 -19.02 11.89 -29.93
C SER C 289 -19.81 11.10 -28.90
N THR C 290 -20.28 9.91 -29.31
CA THR C 290 -20.98 9.00 -28.41
C THR C 290 -20.11 8.63 -27.22
N THR C 291 -18.85 8.31 -27.51
CA THR C 291 -17.88 8.01 -26.47
C THR C 291 -17.76 9.18 -25.48
N LEU C 292 -17.70 10.38 -26.03
CA LEU C 292 -17.62 11.59 -25.21
C LEU C 292 -18.91 11.83 -24.45
N ALA C 293 -20.03 11.40 -25.02
CA ALA C 293 -21.31 11.52 -24.35
C ALA C 293 -21.36 10.54 -23.17
N TRP C 294 -20.70 9.40 -23.33
CA TRP C 294 -20.52 8.44 -22.25
C TRP C 294 -19.59 9.01 -21.18
N GLY C 295 -18.55 9.71 -21.63
CA GLY C 295 -17.57 10.29 -20.74
C GLY C 295 -18.18 11.25 -19.74
N LEU C 296 -19.04 12.14 -20.22
CA LEU C 296 -19.65 13.15 -19.37
C LEU C 296 -20.75 12.58 -18.47
N LEU C 297 -21.37 11.50 -18.93
CA LEU C 297 -22.38 10.81 -18.13
C LEU C 297 -21.72 10.12 -16.95
N LEU C 298 -20.61 9.45 -17.22
CA LEU C 298 -19.88 8.73 -16.17
C LEU C 298 -19.24 9.70 -15.17
N MET C 299 -18.96 10.92 -15.62
CA MET C 299 -18.31 11.91 -14.75
C MET C 299 -19.30 12.52 -13.77
N ILE C 300 -20.58 12.55 -14.13
CA ILE C 300 -21.60 13.08 -13.23
C ILE C 300 -22.20 11.98 -12.36
N LEU C 301 -21.89 10.73 -12.71
CA LEU C 301 -22.31 9.59 -11.91
C LEU C 301 -21.21 9.24 -10.92
N HIS C 302 -19.97 9.53 -11.30
CA HIS C 302 -18.83 9.29 -10.43
C HIS C 302 -18.00 10.56 -10.26
N PRO C 303 -18.54 11.55 -9.55
CA PRO C 303 -17.91 12.87 -9.39
C PRO C 303 -16.53 12.79 -8.76
N ASP C 304 -16.33 11.77 -7.92
CA ASP C 304 -15.04 11.54 -7.29
C ASP C 304 -13.96 11.34 -8.34
N VAL C 305 -14.30 10.61 -9.40
CA VAL C 305 -13.37 10.39 -10.50
C VAL C 305 -13.12 11.70 -11.24
N GLN C 306 -14.18 12.47 -11.44
CA GLN C 306 -14.08 13.77 -12.10
C GLN C 306 -13.14 14.71 -11.33
N ARG C 307 -13.27 14.73 -10.01
CA ARG C 307 -12.44 15.58 -9.16
C ARG C 307 -10.97 15.20 -9.24
N ARG C 308 -10.70 13.90 -9.32
CA ARG C 308 -9.32 13.43 -9.41
C ARG C 308 -8.71 13.79 -10.76
N VAL C 309 -9.51 13.67 -11.83
CA VAL C 309 -9.07 14.08 -13.15
C VAL C 309 -8.82 15.58 -13.16
N GLN C 310 -9.77 16.34 -12.63
CA GLN C 310 -9.66 17.79 -12.55
C GLN C 310 -8.47 18.22 -11.71
N GLN C 311 -8.16 17.43 -10.67
CA GLN C 311 -7.00 17.72 -9.84
C GLN C 311 -5.71 17.47 -10.62
N GLU C 312 -5.71 16.42 -11.42
CA GLU C 312 -4.54 16.07 -12.23
C GLU C 312 -4.28 17.10 -13.32
N ILE C 313 -5.36 17.70 -13.82
CA ILE C 313 -5.27 18.74 -14.84
C ILE C 313 -4.61 20.00 -14.28
N ASP C 314 -5.02 20.36 -13.06
CA ASP C 314 -4.49 21.56 -12.41
C ASP C 314 -3.03 21.41 -12.04
N ASP C 315 -2.60 20.19 -11.79
CA ASP C 315 -1.21 19.92 -11.38
C ASP C 315 -0.26 19.90 -12.57
N VAL C 316 -0.75 19.44 -13.72
CA VAL C 316 0.10 19.25 -14.89
C VAL C 316 -0.06 20.37 -15.91
N ILE C 317 -1.29 20.83 -16.11
CA ILE C 317 -1.58 21.80 -17.15
C ILE C 317 -1.96 23.17 -16.59
N GLY C 318 -2.81 23.19 -15.57
CA GLY C 318 -3.30 24.43 -15.01
C GLY C 318 -4.62 24.81 -15.65
N GLN C 319 -5.25 25.86 -15.15
CA GLN C 319 -6.55 26.27 -15.68
C GLN C 319 -6.45 27.51 -16.56
N VAL C 320 -5.37 27.62 -17.32
CA VAL C 320 -5.19 28.75 -18.22
C VAL C 320 -4.70 28.28 -19.59
N ARG C 321 -3.65 27.47 -19.59
CA ARG C 321 -3.06 26.96 -20.81
C ARG C 321 -3.90 25.83 -21.42
N ARG C 322 -4.02 25.82 -22.75
CA ARG C 322 -4.75 24.78 -23.44
C ARG C 322 -4.01 23.45 -23.38
N PRO C 323 -4.77 22.35 -23.22
CA PRO C 323 -4.20 20.99 -23.17
C PRO C 323 -3.48 20.60 -24.47
N GLU C 324 -2.33 19.95 -24.32
CA GLU C 324 -1.59 19.43 -25.46
C GLU C 324 -1.34 17.94 -25.28
N MET C 325 -1.06 17.24 -26.38
CA MET C 325 -0.87 15.79 -26.34
C MET C 325 0.33 15.39 -25.49
N GLY C 326 1.29 16.31 -25.34
CA GLY C 326 2.47 16.05 -24.54
C GLY C 326 2.16 15.85 -23.08
N ASP C 327 1.01 16.38 -22.64
CA ASP C 327 0.60 16.27 -21.25
C ASP C 327 0.13 14.86 -20.89
N GLN C 328 -0.26 14.09 -21.90
CA GLN C 328 -0.84 12.76 -21.67
C GLN C 328 0.15 11.80 -21.02
N ALA C 329 1.44 11.96 -21.33
CA ALA C 329 2.47 11.10 -20.77
C ALA C 329 2.66 11.36 -19.27
N HIS C 330 2.15 12.49 -18.80
CA HIS C 330 2.28 12.85 -17.40
C HIS C 330 0.91 12.94 -16.72
N MET C 331 -0.09 12.32 -17.33
CA MET C 331 -1.44 12.26 -16.75
C MET C 331 -2.00 10.85 -16.84
N PRO C 332 -1.46 9.93 -16.03
CA PRO C 332 -1.82 8.51 -16.11
C PRO C 332 -3.26 8.20 -15.69
N TYR C 333 -3.80 8.99 -14.77
CA TYR C 333 -5.15 8.75 -14.28
C TYR C 333 -6.20 9.14 -15.32
N THR C 334 -6.04 10.33 -15.90
CA THR C 334 -6.95 10.79 -16.94
C THR C 334 -6.93 9.83 -18.13
N THR C 335 -5.74 9.34 -18.47
CA THR C 335 -5.58 8.36 -19.52
C THR C 335 -6.32 7.08 -19.17
N ALA C 336 -6.31 6.72 -17.90
CA ALA C 336 -6.98 5.53 -17.42
C ALA C 336 -8.49 5.69 -17.50
N VAL C 337 -8.97 6.86 -17.12
CA VAL C 337 -10.40 7.16 -17.16
C VAL C 337 -10.94 7.08 -18.59
N ILE C 338 -10.24 7.75 -19.51
CA ILE C 338 -10.67 7.78 -20.90
C ILE C 338 -10.75 6.37 -21.47
N HIS C 339 -9.75 5.55 -21.19
CA HIS C 339 -9.75 4.16 -21.62
C HIS C 339 -10.91 3.40 -21.00
N GLU C 340 -11.21 3.68 -19.74
CA GLU C 340 -12.28 2.98 -19.04
C GLU C 340 -13.65 3.40 -19.56
N VAL C 341 -13.76 4.67 -19.97
CA VAL C 341 -15.00 5.15 -20.58
C VAL C 341 -15.30 4.34 -21.84
N GLN C 342 -14.26 4.07 -22.63
CA GLN C 342 -14.42 3.28 -23.84
C GLN C 342 -14.75 1.83 -23.50
N ARG C 343 -14.04 1.26 -22.53
CA ARG C 343 -14.25 -0.13 -22.14
C ARG C 343 -15.67 -0.33 -21.60
N PHE C 344 -16.10 0.59 -20.76
CA PHE C 344 -17.42 0.53 -20.16
C PHE C 344 -18.49 0.94 -21.17
N GLY C 345 -18.22 2.01 -21.91
CA GLY C 345 -19.13 2.52 -22.92
C GLY C 345 -19.47 1.45 -23.94
N ASP C 346 -18.45 0.76 -24.44
CA ASP C 346 -18.65 -0.44 -25.27
C ASP C 346 -19.59 -0.15 -26.44
N ILE C 347 -19.28 0.92 -27.17
CA ILE C 347 -20.25 1.49 -28.11
C ILE C 347 -20.43 0.68 -29.39
N VAL C 348 -19.47 -0.18 -29.70
CA VAL C 348 -19.64 -1.11 -30.82
C VAL C 348 -19.53 -2.55 -30.32
N PRO C 349 -20.60 -3.05 -29.69
CA PRO C 349 -20.57 -4.36 -29.02
C PRO C 349 -20.29 -5.54 -29.96
N LEU C 350 -20.90 -5.54 -31.14
CA LEU C 350 -20.71 -6.65 -32.08
C LEU C 350 -19.75 -6.25 -33.21
N GLY C 351 -19.08 -5.12 -33.03
CA GLY C 351 -18.10 -4.66 -34.00
C GLY C 351 -18.69 -4.45 -35.38
N VAL C 352 -17.85 -4.65 -36.39
CA VAL C 352 -18.30 -4.64 -37.78
C VAL C 352 -18.03 -6.01 -38.35
N THR C 353 -18.99 -6.58 -39.07
CA THR C 353 -18.87 -7.95 -39.53
C THR C 353 -17.73 -8.14 -40.52
N HIS C 354 -17.02 -9.26 -40.39
CA HIS C 354 -15.99 -9.64 -41.32
C HIS C 354 -16.46 -10.85 -42.13
N MET C 355 -15.68 -11.22 -43.13
CA MET C 355 -15.93 -12.46 -43.86
C MET C 355 -14.62 -13.16 -44.16
N THR C 356 -14.65 -14.48 -44.13
CA THR C 356 -13.47 -15.28 -44.44
C THR C 356 -13.27 -15.41 -45.95
N SER C 357 -12.10 -15.01 -46.42
CA SER C 357 -11.76 -15.14 -47.83
C SER C 357 -11.19 -16.53 -48.11
N ARG C 358 -10.87 -17.25 -47.04
CA ARG C 358 -10.36 -18.61 -47.14
C ARG C 358 -10.91 -19.50 -46.04
N ASP C 359 -10.53 -20.77 -46.06
CA ASP C 359 -10.83 -21.67 -44.95
C ASP C 359 -9.85 -21.43 -43.82
N ILE C 360 -10.36 -21.23 -42.61
CA ILE C 360 -9.50 -21.00 -41.45
C ILE C 360 -9.87 -21.90 -40.28
N GLU C 361 -9.07 -21.82 -39.22
CA GLU C 361 -9.25 -22.64 -38.04
C GLU C 361 -9.12 -21.79 -36.78
N VAL C 362 -10.19 -21.75 -35.98
CA VAL C 362 -10.20 -20.96 -34.76
C VAL C 362 -10.65 -21.80 -33.57
N GLN C 363 -9.85 -21.79 -32.51
CA GLN C 363 -10.12 -22.56 -31.29
C GLN C 363 -10.37 -24.03 -31.62
N GLY C 364 -9.66 -24.54 -32.61
CA GLY C 364 -9.82 -25.91 -33.05
C GLY C 364 -10.83 -26.08 -34.16
N PHE C 365 -11.94 -25.36 -34.07
CA PHE C 365 -13.02 -25.48 -35.03
C PHE C 365 -12.62 -24.99 -36.43
N ARG C 366 -13.36 -25.43 -37.43
CA ARG C 366 -13.09 -25.04 -38.81
C ARG C 366 -14.10 -24.01 -39.31
N ILE C 367 -13.62 -22.98 -39.98
CA ILE C 367 -14.49 -21.97 -40.56
C ILE C 367 -14.34 -21.95 -42.08
N PRO C 368 -15.43 -22.30 -42.80
CA PRO C 368 -15.40 -22.35 -44.26
C PRO C 368 -15.23 -20.97 -44.88
N LYS C 369 -14.72 -20.93 -46.11
CA LYS C 369 -14.56 -19.68 -46.85
C LYS C 369 -15.93 -19.02 -47.10
N GLY C 370 -15.95 -17.69 -47.06
CA GLY C 370 -17.17 -16.95 -47.33
C GLY C 370 -18.11 -16.94 -46.14
N THR C 371 -17.55 -17.21 -44.97
CA THR C 371 -18.34 -17.23 -43.73
C THR C 371 -18.35 -15.85 -43.07
N THR C 372 -19.54 -15.36 -42.78
CA THR C 372 -19.69 -14.10 -42.04
C THR C 372 -19.18 -14.26 -40.61
N LEU C 373 -18.28 -13.37 -40.21
CA LEU C 373 -17.74 -13.39 -38.86
C LEU C 373 -18.27 -12.23 -38.01
N ILE C 374 -18.78 -12.54 -36.83
CA ILE C 374 -19.15 -11.51 -35.87
C ILE C 374 -18.15 -11.47 -34.73
N THR C 375 -17.34 -10.42 -34.70
CA THR C 375 -16.41 -10.22 -33.59
C THR C 375 -17.14 -9.59 -32.42
N ASN C 376 -17.30 -10.35 -31.34
CA ASN C 376 -18.01 -9.89 -30.15
C ASN C 376 -17.09 -9.06 -29.26
N LEU C 377 -16.87 -7.80 -29.65
CA LEU C 377 -15.96 -6.92 -28.93
C LEU C 377 -16.40 -6.71 -27.48
N SER C 378 -17.71 -6.76 -27.25
CA SER C 378 -18.25 -6.66 -25.89
C SER C 378 -17.71 -7.78 -25.00
N SER C 379 -17.59 -8.99 -25.55
CA SER C 379 -17.12 -10.13 -24.80
C SER C 379 -15.64 -10.03 -24.45
N VAL C 380 -14.93 -9.13 -25.14
CA VAL C 380 -13.52 -8.91 -24.86
C VAL C 380 -13.33 -7.77 -23.86
N LEU C 381 -14.15 -6.73 -24.01
CA LEU C 381 -14.09 -5.57 -23.12
C LEU C 381 -14.70 -5.87 -21.76
N LYS C 382 -15.58 -6.86 -21.71
CA LYS C 382 -16.29 -7.20 -20.48
C LYS C 382 -15.97 -8.62 -20.01
N ASP C 383 -14.82 -9.14 -20.42
CA ASP C 383 -14.43 -10.50 -20.08
C ASP C 383 -14.15 -10.67 -18.59
N GLU C 384 -14.83 -11.62 -17.96
CA GLU C 384 -14.65 -11.89 -16.54
C GLU C 384 -13.26 -12.44 -16.23
N ALA C 385 -12.67 -13.11 -17.23
CA ALA C 385 -11.36 -13.73 -17.05
C ALA C 385 -10.21 -12.73 -17.23
N VAL C 386 -10.55 -11.47 -17.45
CA VAL C 386 -9.53 -10.44 -17.65
C VAL C 386 -9.74 -9.23 -16.75
N TRP C 387 -10.97 -8.73 -16.72
CA TRP C 387 -11.27 -7.48 -16.02
C TRP C 387 -11.79 -7.71 -14.60
N GLU C 388 -11.21 -6.96 -13.66
CA GLU C 388 -11.52 -7.07 -12.24
C GLU C 388 -13.02 -6.93 -11.96
N LYS C 389 -13.62 -5.87 -12.50
CA LYS C 389 -15.06 -5.68 -12.38
C LYS C 389 -15.63 -5.22 -13.72
N PRO C 390 -15.88 -6.18 -14.62
CA PRO C 390 -16.27 -5.94 -16.01
C PRO C 390 -17.49 -5.04 -16.19
N PHE C 391 -18.39 -5.00 -15.22
CA PHE C 391 -19.65 -4.28 -15.39
C PHE C 391 -19.77 -3.00 -14.56
N ARG C 392 -18.67 -2.54 -14.00
CA ARG C 392 -18.65 -1.26 -13.31
C ARG C 392 -17.69 -0.29 -13.97
N PHE C 393 -17.96 1.00 -13.79
CA PHE C 393 -17.02 2.03 -14.21
C PHE C 393 -15.84 2.02 -13.23
N HIS C 394 -14.74 1.41 -13.65
CA HIS C 394 -13.61 1.19 -12.76
C HIS C 394 -12.29 1.57 -13.45
N PRO C 395 -11.88 2.83 -13.31
CA PRO C 395 -10.66 3.38 -13.91
C PRO C 395 -9.43 2.55 -13.55
N GLU C 396 -9.45 1.95 -12.37
CA GLU C 396 -8.33 1.17 -11.87
C GLU C 396 -8.04 -0.07 -12.72
N HIS C 397 -8.91 -0.32 -13.71
CA HIS C 397 -8.65 -1.36 -14.71
C HIS C 397 -7.40 -1.05 -15.52
N PHE C 398 -7.03 0.22 -15.55
CA PHE C 398 -5.88 0.65 -16.34
C PHE C 398 -4.83 1.30 -15.44
N LEU C 399 -4.90 0.99 -14.15
CA LEU C 399 -3.93 1.48 -13.18
C LEU C 399 -3.34 0.33 -12.36
N ASP C 400 -2.04 0.36 -12.16
CA ASP C 400 -1.40 -0.59 -11.26
C ASP C 400 -1.35 -0.03 -9.84
N ALA C 401 -0.70 -0.75 -8.94
CA ALA C 401 -0.59 -0.30 -7.56
C ALA C 401 0.22 1.00 -7.47
N GLN C 402 1.14 1.17 -8.42
CA GLN C 402 2.01 2.33 -8.45
C GLN C 402 1.30 3.58 -8.99
N GLY C 403 0.20 3.36 -9.70
CA GLY C 403 -0.58 4.46 -10.24
C GLY C 403 -0.28 4.75 -11.70
N HIS C 404 0.61 3.95 -12.28
CA HIS C 404 0.95 4.09 -13.69
C HIS C 404 -0.17 3.56 -14.57
N PHE C 405 -0.30 4.11 -15.78
CA PHE C 405 -1.29 3.64 -16.73
C PHE C 405 -0.81 2.37 -17.43
N VAL C 406 -1.61 1.32 -17.33
CA VAL C 406 -1.30 0.07 -18.03
C VAL C 406 -2.50 -0.34 -18.89
N LYS C 407 -2.22 -0.83 -20.09
CA LYS C 407 -3.27 -1.20 -21.03
C LYS C 407 -3.30 -2.70 -21.30
N PRO C 408 -4.31 -3.40 -20.75
CA PRO C 408 -4.47 -4.84 -20.98
C PRO C 408 -4.67 -5.16 -22.47
N GLU C 409 -4.30 -6.37 -22.87
CA GLU C 409 -4.40 -6.79 -24.26
C GLU C 409 -5.86 -6.85 -24.71
N ALA C 410 -6.76 -7.00 -23.73
CA ALA C 410 -8.19 -7.14 -24.02
C ALA C 410 -8.84 -5.81 -24.36
N PHE C 411 -8.09 -4.72 -24.25
CA PHE C 411 -8.62 -3.41 -24.63
C PHE C 411 -8.68 -3.30 -26.15
N LEU C 412 -9.79 -3.74 -26.74
CA LEU C 412 -9.95 -3.69 -28.18
C LEU C 412 -11.22 -2.99 -28.64
N PRO C 413 -11.42 -1.71 -28.23
CA PRO C 413 -12.62 -1.02 -28.71
C PRO C 413 -12.54 -0.71 -30.21
N PHE C 414 -11.33 -0.64 -30.74
CA PHE C 414 -11.11 -0.36 -32.15
C PHE C 414 -10.98 -1.64 -32.97
N SER C 415 -11.43 -2.75 -32.38
CA SER C 415 -11.18 -4.09 -32.92
C SER C 415 -9.69 -4.32 -33.11
N ALA C 416 -9.34 -5.18 -34.07
CA ALA C 416 -7.94 -5.53 -34.30
C ALA C 416 -7.72 -6.09 -35.70
N GLY C 417 -6.45 -6.20 -36.09
CA GLY C 417 -6.11 -6.75 -37.39
C GLY C 417 -6.05 -5.69 -38.47
N ARG C 418 -6.08 -6.14 -39.73
CA ARG C 418 -5.93 -5.27 -40.88
C ARG C 418 -7.08 -4.27 -41.03
N ARG C 419 -8.26 -4.62 -40.50
CA ARG C 419 -9.43 -3.77 -40.64
C ARG C 419 -9.67 -2.91 -39.40
N ALA C 420 -8.78 -3.01 -38.42
CA ALA C 420 -8.89 -2.20 -37.21
C ALA C 420 -9.03 -0.73 -37.56
N CYS C 421 -9.84 -0.01 -36.78
CA CYS C 421 -10.17 1.40 -37.02
C CYS C 421 -8.96 2.21 -37.50
N LEU C 422 -9.05 2.77 -38.71
CA LEU C 422 -7.95 3.56 -39.24
C LEU C 422 -7.93 4.93 -38.60
N GLY C 423 -9.04 5.28 -37.94
CA GLY C 423 -9.18 6.60 -37.33
C GLY C 423 -8.77 6.67 -35.88
N GLU C 424 -8.28 5.55 -35.34
CA GLU C 424 -7.88 5.47 -33.93
C GLU C 424 -6.88 6.56 -33.49
N PRO C 425 -5.82 6.82 -34.28
CA PRO C 425 -4.89 7.86 -33.80
C PRO C 425 -5.55 9.22 -33.64
N LEU C 426 -6.49 9.54 -34.52
CA LEU C 426 -7.25 10.79 -34.40
C LEU C 426 -8.23 10.71 -33.24
N ALA C 427 -8.86 9.55 -33.08
CA ALA C 427 -9.83 9.34 -32.01
C ALA C 427 -9.20 9.52 -30.64
N ARG C 428 -8.01 8.93 -30.45
CA ARG C 428 -7.23 9.13 -29.23
C ARG C 428 -7.02 10.60 -28.97
N MET C 429 -6.59 11.32 -30.00
CA MET C 429 -6.32 12.75 -29.89
C MET C 429 -7.59 13.52 -29.53
N GLU C 430 -8.68 13.24 -30.26
CA GLU C 430 -9.96 13.88 -30.00
C GLU C 430 -10.45 13.61 -28.58
N LEU C 431 -10.40 12.35 -28.16
CA LEU C 431 -10.91 11.96 -26.85
C LEU C 431 -10.16 12.67 -25.73
N PHE C 432 -8.82 12.66 -25.78
CA PHE C 432 -8.04 13.31 -24.74
C PHE C 432 -8.24 14.83 -24.73
N LEU C 433 -8.13 15.45 -25.89
CA LEU C 433 -8.19 16.90 -25.98
C LEU C 433 -9.57 17.46 -25.64
N PHE C 434 -10.62 16.85 -26.16
CA PHE C 434 -11.97 17.31 -25.84
C PHE C 434 -12.34 17.05 -24.37
N PHE C 435 -11.99 15.88 -23.86
CA PHE C 435 -12.32 15.49 -22.49
C PHE C 435 -11.61 16.38 -21.47
N THR C 436 -10.30 16.54 -21.64
CA THR C 436 -9.51 17.33 -20.70
C THR C 436 -9.87 18.81 -20.77
N SER C 437 -10.13 19.33 -21.96
CA SER C 437 -10.49 20.75 -22.11
C SER C 437 -11.81 21.05 -21.43
N LEU C 438 -12.78 20.17 -21.59
CA LEU C 438 -14.08 20.34 -20.95
C LEU C 438 -13.97 20.28 -19.42
N LEU C 439 -13.26 19.29 -18.91
CA LEU C 439 -13.13 19.10 -17.46
C LEU C 439 -12.25 20.18 -16.83
N GLN C 440 -11.33 20.73 -17.62
CA GLN C 440 -10.41 21.75 -17.15
C GLN C 440 -11.12 23.00 -16.65
N HIS C 441 -12.19 23.38 -17.34
CA HIS C 441 -12.87 24.64 -17.04
C HIS C 441 -14.28 24.45 -16.53
N PHE C 442 -14.78 23.22 -16.57
CA PHE C 442 -16.14 22.95 -16.11
C PHE C 442 -16.20 21.85 -15.06
N SER C 443 -17.16 21.96 -14.16
CA SER C 443 -17.48 20.88 -13.23
C SER C 443 -18.86 20.33 -13.57
N PHE C 444 -18.91 19.05 -13.90
CA PHE C 444 -20.14 18.45 -14.36
C PHE C 444 -20.80 17.63 -13.26
N SER C 445 -22.11 17.76 -13.14
CA SER C 445 -22.88 17.06 -12.13
C SER C 445 -24.32 16.89 -12.60
N VAL C 446 -25.01 15.94 -11.98
CA VAL C 446 -26.45 15.80 -12.22
C VAL C 446 -27.14 17.08 -11.76
N PRO C 447 -28.18 17.51 -12.49
CA PRO C 447 -28.94 18.69 -12.05
C PRO C 447 -29.66 18.43 -10.74
N THR C 448 -29.61 19.37 -9.81
CA THR C 448 -30.31 19.23 -8.53
C THR C 448 -31.82 19.16 -8.76
N GLY C 449 -32.44 18.10 -8.27
CA GLY C 449 -33.86 17.92 -8.45
C GLY C 449 -34.19 16.86 -9.49
N GLN C 450 -33.15 16.21 -10.00
CA GLN C 450 -33.32 15.17 -11.01
C GLN C 450 -32.84 13.82 -10.48
N PRO C 451 -33.49 12.74 -10.94
CA PRO C 451 -33.08 11.37 -10.60
C PRO C 451 -31.80 10.95 -11.30
N ARG C 452 -30.99 10.16 -10.61
CA ARG C 452 -29.76 9.63 -11.18
C ARG C 452 -30.02 8.86 -12.48
N PRO C 453 -29.36 9.29 -13.57
CA PRO C 453 -29.55 8.69 -14.89
C PRO C 453 -29.00 7.26 -14.96
N SER C 454 -29.55 6.46 -15.88
CA SER C 454 -29.08 5.09 -16.06
C SER C 454 -27.68 5.09 -16.66
N HIS C 455 -26.84 4.14 -16.23
CA HIS C 455 -25.53 3.98 -16.83
C HIS C 455 -25.55 2.83 -17.82
N HIS C 456 -26.76 2.48 -18.27
CA HIS C 456 -26.93 1.43 -19.26
C HIS C 456 -27.56 2.01 -20.52
N GLY C 457 -27.03 1.62 -21.67
CA GLY C 457 -27.46 2.20 -22.93
C GLY C 457 -28.46 1.35 -23.68
N VAL C 458 -29.18 1.98 -24.60
CA VAL C 458 -30.06 1.27 -25.51
C VAL C 458 -29.20 0.58 -26.58
N PHE C 459 -29.31 -0.74 -26.67
CA PHE C 459 -28.49 -1.51 -27.60
C PHE C 459 -28.88 -1.26 -29.05
N ALA C 460 -27.86 -1.15 -29.90
CA ALA C 460 -28.04 -1.04 -31.34
C ALA C 460 -26.72 -1.44 -32.00
N PHE C 461 -26.56 -1.08 -33.27
CA PHE C 461 -25.27 -1.23 -33.93
C PHE C 461 -24.26 -0.38 -33.14
N LEU C 462 -24.70 0.81 -32.77
CA LEU C 462 -23.94 1.65 -31.84
C LEU C 462 -24.72 1.86 -30.55
N VAL C 463 -24.05 1.66 -29.42
CA VAL C 463 -24.69 1.82 -28.13
C VAL C 463 -24.43 3.20 -27.56
N SER C 464 -25.48 4.00 -27.47
CA SER C 464 -25.42 5.36 -26.93
C SER C 464 -25.88 5.39 -25.48
N PRO C 465 -25.42 6.39 -24.72
CA PRO C 465 -25.94 6.56 -23.35
C PRO C 465 -27.44 6.80 -23.36
N SER C 466 -28.10 6.51 -22.24
CA SER C 466 -29.51 6.87 -22.11
C SER C 466 -29.61 8.39 -22.06
N PRO C 467 -30.67 8.96 -22.64
CA PRO C 467 -30.81 10.42 -22.70
C PRO C 467 -30.77 11.08 -21.33
N TYR C 468 -29.85 12.00 -21.14
CA TYR C 468 -29.66 12.65 -19.85
C TYR C 468 -29.38 14.15 -20.00
N GLU C 469 -29.46 14.87 -18.89
CA GLU C 469 -29.08 16.28 -18.85
C GLU C 469 -27.99 16.49 -17.80
N LEU C 470 -27.24 17.58 -17.93
CA LEU C 470 -26.22 17.88 -16.93
C LEU C 470 -26.07 19.37 -16.68
N CYS C 471 -25.34 19.70 -15.62
CA CYS C 471 -25.01 21.08 -15.31
C CYS C 471 -23.52 21.30 -15.47
N ALA C 472 -23.17 22.35 -16.22
CA ALA C 472 -21.77 22.72 -16.37
C ALA C 472 -21.53 24.07 -15.69
N VAL C 473 -20.76 24.04 -14.61
CA VAL C 473 -20.40 25.28 -13.93
C VAL C 473 -18.89 25.51 -14.02
N PRO C 474 -18.51 26.76 -14.33
CA PRO C 474 -17.10 27.15 -14.48
C PRO C 474 -16.29 26.96 -13.20
N ARG C 475 -15.03 26.58 -13.36
CA ARG C 475 -14.13 26.38 -12.22
C ARG C 475 -13.28 27.62 -11.97
N LEU D 11 25.52 38.44 17.74
CA LEU D 11 26.48 37.40 17.36
C LEU D 11 26.02 36.03 17.85
N PRO D 12 26.34 34.98 17.08
CA PRO D 12 26.00 33.60 17.43
C PRO D 12 26.64 33.14 18.74
N PRO D 13 25.90 32.38 19.55
CA PRO D 13 26.42 31.83 20.80
C PRO D 13 27.50 30.78 20.52
N GLY D 14 28.23 30.37 21.56
CA GLY D 14 29.27 29.38 21.38
C GLY D 14 29.96 29.00 22.68
N PRO D 15 30.79 27.95 22.64
CA PRO D 15 31.57 27.50 23.80
C PRO D 15 32.45 28.61 24.36
N LEU D 16 32.72 28.55 25.65
CA LEU D 16 33.54 29.57 26.31
C LEU D 16 34.99 29.46 25.87
N PRO D 17 35.49 30.49 25.15
CA PRO D 17 36.85 30.49 24.62
C PRO D 17 37.90 30.56 25.73
N LEU D 18 38.82 29.59 25.74
CA LEU D 18 39.89 29.57 26.74
C LEU D 18 40.94 30.65 26.45
N THR D 32 35.23 15.60 14.44
CA THR D 32 34.64 16.94 14.45
C THR D 32 33.13 16.96 14.13
N PRO D 33 32.68 16.25 13.06
CA PRO D 33 31.24 16.30 12.79
C PRO D 33 30.41 15.71 13.92
N TYR D 34 30.92 14.67 14.57
CA TYR D 34 30.26 14.12 15.75
C TYR D 34 30.25 15.14 16.88
N CYS D 35 31.30 15.95 16.93
CA CYS D 35 31.45 16.97 17.97
C CYS D 35 30.60 18.20 17.67
N PHE D 36 30.51 18.57 16.39
CA PHE D 36 29.71 19.72 15.99
C PHE D 36 28.23 19.50 16.27
N ASP D 37 27.79 18.25 16.16
CA ASP D 37 26.39 17.91 16.41
C ASP D 37 26.02 18.21 17.85
N GLN D 38 26.96 17.97 18.78
CA GLN D 38 26.72 18.22 20.18
C GLN D 38 26.62 19.73 20.45
N LEU D 39 27.46 20.50 19.78
CA LEU D 39 27.40 21.96 19.88
C LEU D 39 26.10 22.46 19.27
N ARG D 40 25.63 21.76 18.24
CA ARG D 40 24.35 22.04 17.62
C ARG D 40 23.20 21.82 18.60
N ARG D 41 23.25 20.69 19.31
CA ARG D 41 22.24 20.37 20.32
C ARG D 41 22.25 21.42 21.44
N ARG D 42 23.43 21.95 21.72
CA ARG D 42 23.64 22.80 22.88
C ARG D 42 23.42 24.30 22.59
N PHE D 43 23.82 24.75 21.40
CA PHE D 43 23.76 26.18 21.08
C PHE D 43 22.77 26.51 19.96
N GLY D 44 22.55 25.56 19.05
CA GLY D 44 21.61 25.78 17.97
C GLY D 44 22.20 25.57 16.58
N ASP D 45 21.43 25.97 15.56
CA ASP D 45 21.84 25.77 14.18
C ASP D 45 23.00 26.67 13.75
N VAL D 46 23.14 27.81 14.42
CA VAL D 46 24.18 28.77 14.06
C VAL D 46 25.00 29.19 15.27
N PHE D 47 26.20 28.63 15.40
CA PHE D 47 27.06 28.99 16.53
C PHE D 47 28.44 29.45 16.08
N SER D 48 29.22 29.97 17.04
CA SER D 48 30.55 30.49 16.76
C SER D 48 31.64 29.64 17.40
N LEU D 49 32.85 29.71 16.84
CA LEU D 49 34.00 29.02 17.38
C LEU D 49 35.27 29.84 17.19
N GLN D 50 36.21 29.68 18.12
CA GLN D 50 37.49 30.37 18.01
C GLN D 50 38.61 29.37 17.78
N LEU D 51 38.90 29.10 16.52
CA LEU D 51 39.99 28.20 16.17
C LEU D 51 41.29 28.99 16.00
N ALA D 52 42.07 29.08 17.07
CA ALA D 52 43.32 29.82 17.10
C ALA D 52 43.12 31.28 16.71
N TRP D 53 43.75 31.68 15.61
CA TRP D 53 43.70 33.07 15.15
C TRP D 53 42.50 33.33 14.24
N THR D 54 41.57 32.38 14.17
CA THR D 54 40.46 32.48 13.23
C THR D 54 39.10 32.32 13.90
N PRO D 55 38.28 33.38 13.85
CA PRO D 55 36.87 33.30 14.26
C PRO D 55 36.05 32.56 13.21
N VAL D 56 35.23 31.61 13.65
CA VAL D 56 34.49 30.76 12.72
C VAL D 56 33.03 30.60 13.12
N VAL D 57 32.13 30.79 12.15
CA VAL D 57 30.72 30.54 12.37
C VAL D 57 30.28 29.28 11.62
N VAL D 58 29.79 28.29 12.36
CA VAL D 58 29.33 27.04 11.76
C VAL D 58 27.85 27.11 11.44
N LEU D 59 27.50 26.76 10.22
CA LEU D 59 26.10 26.73 9.77
C LEU D 59 25.58 25.30 9.80
N ASN D 60 24.44 25.09 10.43
CA ASN D 60 23.85 23.76 10.54
C ASN D 60 22.40 23.73 10.04
N GLY D 61 22.04 22.62 9.39
CA GLY D 61 20.70 22.46 8.86
C GLY D 61 20.47 23.19 7.56
N LEU D 62 19.48 22.72 6.79
CA LEU D 62 19.17 23.27 5.48
C LEU D 62 18.87 24.76 5.52
N ALA D 63 18.13 25.19 6.53
CA ALA D 63 17.68 26.57 6.63
C ALA D 63 18.84 27.56 6.74
N ALA D 64 19.74 27.31 7.69
CA ALA D 64 20.87 28.20 7.92
C ALA D 64 21.83 28.19 6.73
N VAL D 65 21.93 27.05 6.05
CA VAL D 65 22.81 26.93 4.89
C VAL D 65 22.25 27.69 3.71
N ARG D 66 20.98 27.45 3.39
CA ARG D 66 20.32 28.14 2.28
C ARG D 66 20.35 29.65 2.45
N GLU D 67 19.99 30.11 3.65
CA GLU D 67 19.92 31.54 3.92
C GLU D 67 21.29 32.20 3.78
N ALA D 68 22.34 31.44 4.06
CA ALA D 68 23.70 31.96 3.95
C ALA D 68 24.24 31.85 2.52
N LEU D 69 23.99 30.73 1.87
CA LEU D 69 24.58 30.47 0.56
C LEU D 69 23.69 30.92 -0.60
N VAL D 70 22.39 31.07 -0.37
CA VAL D 70 21.50 31.51 -1.44
C VAL D 70 20.95 32.91 -1.18
N THR D 71 20.26 33.10 -0.05
CA THR D 71 19.68 34.39 0.29
C THR D 71 20.77 35.48 0.36
N HIS D 72 21.89 35.14 0.97
CA HIS D 72 23.05 36.02 0.98
C HIS D 72 24.16 35.45 0.10
N GLY D 73 23.78 34.97 -1.09
CA GLY D 73 24.70 34.34 -2.00
C GLY D 73 25.89 35.19 -2.40
N GLU D 74 25.63 36.46 -2.69
CA GLU D 74 26.68 37.39 -3.12
C GLU D 74 27.71 37.65 -2.03
N ASP D 75 27.28 37.53 -0.78
CA ASP D 75 28.11 37.95 0.33
C ASP D 75 28.85 36.80 1.00
N THR D 76 28.56 35.58 0.58
CA THR D 76 29.17 34.39 1.18
C THR D 76 29.84 33.48 0.15
N ALA D 77 30.14 34.05 -1.02
CA ALA D 77 30.72 33.27 -2.11
C ALA D 77 32.22 33.45 -2.19
N ASP D 78 32.81 33.90 -1.08
CA ASP D 78 34.25 34.16 -1.03
C ASP D 78 34.98 33.08 -0.24
N ARG D 79 36.30 32.99 -0.42
CA ARG D 79 37.10 32.01 0.31
C ARG D 79 38.05 32.72 1.28
N PRO D 80 38.31 32.09 2.42
CA PRO D 80 39.34 32.58 3.33
C PRO D 80 40.70 32.59 2.63
N PRO D 81 41.56 33.56 2.94
CA PRO D 81 42.89 33.60 2.31
C PRO D 81 43.75 32.42 2.70
N VAL D 82 44.43 31.82 1.72
CA VAL D 82 45.37 30.74 1.98
C VAL D 82 46.76 31.13 1.49
N PRO D 83 47.54 31.78 2.35
CA PRO D 83 48.87 32.32 2.04
C PRO D 83 49.86 31.31 1.46
N ILE D 84 49.74 30.04 1.83
CA ILE D 84 50.71 29.03 1.41
C ILE D 84 50.59 28.72 -0.09
N THR D 85 49.50 29.17 -0.69
CA THR D 85 49.27 28.93 -2.12
C THR D 85 50.27 29.70 -2.99
N GLN D 86 51.01 30.63 -2.37
CA GLN D 86 52.03 31.40 -3.08
C GLN D 86 53.12 30.50 -3.66
N ILE D 87 53.40 29.40 -2.97
CA ILE D 87 54.40 28.44 -3.41
C ILE D 87 53.99 27.76 -4.71
N LEU D 88 52.68 27.64 -4.92
CA LEU D 88 52.13 26.92 -6.07
C LEU D 88 51.99 27.85 -7.29
N GLY D 89 52.29 29.12 -7.12
CA GLY D 89 52.26 30.07 -8.22
C GLY D 89 50.99 30.90 -8.26
N PHE D 90 50.31 30.99 -7.13
CA PHE D 90 49.07 31.76 -7.05
C PHE D 90 49.32 33.27 -7.11
N GLY D 91 48.48 33.96 -7.88
CA GLY D 91 48.56 35.40 -8.01
C GLY D 91 47.18 35.97 -8.31
N PRO D 92 47.01 37.29 -8.15
CA PRO D 92 45.73 37.99 -8.33
C PRO D 92 44.92 37.57 -9.56
N ARG D 93 45.59 37.34 -10.68
CA ARG D 93 44.90 36.87 -11.89
C ARG D 93 45.23 35.41 -12.18
N SER D 94 45.59 34.66 -11.14
CA SER D 94 45.91 33.24 -11.30
C SER D 94 45.65 32.45 -10.02
N GLN D 95 44.37 32.23 -9.72
CA GLN D 95 43.98 31.57 -8.48
C GLN D 95 43.18 30.30 -8.73
N GLY D 96 43.17 29.83 -9.97
CA GLY D 96 42.34 28.70 -10.34
C GLY D 96 40.88 29.01 -10.08
N VAL D 97 40.13 27.99 -9.69
CA VAL D 97 38.71 28.18 -9.38
C VAL D 97 38.42 27.87 -7.93
N PHE D 98 38.89 26.73 -7.46
CA PHE D 98 38.56 26.19 -6.14
C PHE D 98 38.81 27.14 -4.98
N LEU D 99 40.05 27.61 -4.84
CA LEU D 99 40.43 28.49 -3.74
C LEU D 99 40.48 29.95 -4.16
N ALA D 100 40.01 30.24 -5.37
CA ALA D 100 40.05 31.60 -5.90
C ALA D 100 39.18 32.53 -5.07
N ARG D 101 39.70 33.73 -4.80
CA ARG D 101 38.92 34.73 -4.10
C ARG D 101 37.73 35.14 -4.96
N TYR D 102 36.65 35.58 -4.32
CA TYR D 102 35.46 35.99 -5.05
C TYR D 102 35.77 37.25 -5.86
N GLY D 103 35.57 37.16 -7.18
CA GLY D 103 35.90 38.26 -8.07
C GLY D 103 35.93 37.85 -9.54
N PRO D 104 36.48 38.73 -10.39
CA PRO D 104 36.55 38.48 -11.83
C PRO D 104 37.40 37.25 -12.20
N ALA D 105 38.55 37.10 -11.55
CA ALA D 105 39.42 35.96 -11.80
C ALA D 105 38.68 34.64 -11.56
N TRP D 106 37.99 34.55 -10.43
CA TRP D 106 37.18 33.37 -10.14
C TRP D 106 36.05 33.21 -11.13
N ARG D 107 35.31 34.29 -11.37
CA ARG D 107 34.11 34.26 -12.20
C ARG D 107 34.43 33.87 -13.64
N GLU D 108 35.49 34.46 -14.20
CA GLU D 108 35.89 34.17 -15.57
C GLU D 108 36.25 32.69 -15.73
N GLN D 109 37.08 32.18 -14.84
CA GLN D 109 37.48 30.78 -14.91
C GLN D 109 36.28 29.88 -14.65
N ARG D 110 35.40 30.32 -13.76
CA ARG D 110 34.18 29.59 -13.44
C ARG D 110 33.30 29.46 -14.68
N ARG D 111 32.97 30.59 -15.30
CA ARG D 111 32.16 30.59 -16.50
C ARG D 111 32.82 29.83 -17.64
N PHE D 112 34.14 29.96 -17.75
CA PHE D 112 34.91 29.27 -18.78
C PHE D 112 34.80 27.76 -18.65
N SER D 113 35.11 27.24 -17.47
CA SER D 113 35.06 25.79 -17.24
C SER D 113 33.65 25.24 -17.45
N VAL D 114 32.66 25.94 -16.90
CA VAL D 114 31.27 25.51 -17.04
C VAL D 114 30.84 25.46 -18.51
N SER D 115 31.12 26.53 -19.25
CA SER D 115 30.68 26.61 -20.64
C SER D 115 31.52 25.71 -21.56
N THR D 116 32.79 25.51 -21.23
CA THR D 116 33.65 24.64 -22.03
C THR D 116 33.22 23.17 -21.91
N LEU D 117 32.97 22.73 -20.69
CA LEU D 117 32.49 21.36 -20.46
C LEU D 117 31.21 21.11 -21.23
N ARG D 118 30.32 22.10 -21.22
CA ARG D 118 29.04 22.01 -21.92
C ARG D 118 29.22 21.94 -23.43
N ASN D 119 30.07 22.81 -23.98
CA ASN D 119 30.21 22.94 -25.43
C ASN D 119 30.85 21.72 -26.10
N LEU D 120 31.84 21.13 -25.43
CA LEU D 120 32.51 19.94 -25.96
C LEU D 120 31.52 18.82 -26.23
N GLY D 121 30.58 18.63 -25.31
CA GLY D 121 29.63 17.54 -25.39
C GLY D 121 28.53 17.71 -26.43
N LEU D 122 28.17 18.95 -26.74
CA LEU D 122 27.04 19.20 -27.63
C LEU D 122 27.28 18.73 -29.06
N GLY D 123 28.53 18.81 -29.51
CA GLY D 123 28.86 18.49 -30.89
C GLY D 123 28.78 17.02 -31.26
N LYS D 124 29.45 16.18 -30.48
CA LYS D 124 29.55 14.76 -30.81
C LYS D 124 29.20 13.86 -29.62
N LYS D 125 28.42 14.37 -28.69
CA LYS D 125 28.13 13.69 -27.42
C LYS D 125 29.45 13.33 -26.73
N SER D 126 30.42 14.23 -26.82
CA SER D 126 31.78 13.99 -26.35
C SER D 126 31.84 13.71 -24.85
N LEU D 127 30.84 14.20 -24.12
CA LEU D 127 30.73 13.91 -22.70
C LEU D 127 30.40 12.43 -22.48
N GLU D 128 29.16 12.06 -22.79
CA GLU D 128 28.68 10.68 -22.63
C GLU D 128 29.63 9.65 -23.21
N GLN D 129 30.13 9.93 -24.42
CA GLN D 129 31.00 9.00 -25.13
C GLN D 129 32.25 8.68 -24.30
N TRP D 130 32.94 9.72 -23.86
CA TRP D 130 34.15 9.56 -23.06
C TRP D 130 33.90 8.85 -21.74
N VAL D 131 32.68 8.95 -21.22
CA VAL D 131 32.33 8.29 -19.97
C VAL D 131 31.98 6.82 -20.20
N THR D 132 31.10 6.57 -21.17
CA THR D 132 30.69 5.19 -21.47
C THR D 132 31.85 4.36 -22.00
N GLU D 133 32.77 5.00 -22.70
CA GLU D 133 33.97 4.32 -23.18
C GLU D 133 34.88 3.93 -22.03
N GLU D 134 35.07 4.86 -21.09
CA GLU D 134 35.89 4.56 -19.91
C GLU D 134 35.17 3.58 -18.99
N ALA D 135 33.84 3.58 -19.05
CA ALA D 135 33.05 2.61 -18.31
C ALA D 135 33.32 1.21 -18.85
N ALA D 136 33.46 1.11 -20.16
CA ALA D 136 33.77 -0.16 -20.81
C ALA D 136 35.13 -0.67 -20.36
N CYS D 137 36.11 0.22 -20.31
CA CYS D 137 37.45 -0.13 -19.85
C CYS D 137 37.43 -0.56 -18.38
N LEU D 138 36.52 0.03 -17.61
CA LEU D 138 36.39 -0.28 -16.20
C LEU D 138 35.84 -1.69 -16.01
N CYS D 139 34.79 -2.02 -16.76
CA CYS D 139 34.21 -3.36 -16.73
C CYS D 139 35.24 -4.44 -17.02
N ALA D 140 36.05 -4.20 -18.05
CA ALA D 140 37.08 -5.16 -18.46
C ALA D 140 38.16 -5.27 -17.40
N ALA D 141 38.42 -4.16 -16.71
CA ALA D 141 39.38 -4.17 -15.62
C ALA D 141 38.83 -5.01 -14.46
N PHE D 142 37.55 -4.83 -14.17
CA PHE D 142 36.87 -5.62 -13.15
C PHE D 142 36.83 -7.09 -13.56
N ALA D 143 36.53 -7.32 -14.83
CA ALA D 143 36.42 -8.68 -15.36
C ALA D 143 37.73 -9.45 -15.24
N ASN D 144 38.85 -8.73 -15.29
CA ASN D 144 40.16 -9.34 -15.14
C ASN D 144 40.49 -9.64 -13.68
N HIS D 145 39.63 -9.16 -12.78
CA HIS D 145 39.79 -9.40 -11.35
C HIS D 145 38.75 -10.39 -10.84
N SER D 146 38.00 -11.00 -11.76
CA SER D 146 36.84 -11.81 -11.42
C SER D 146 37.15 -13.07 -10.60
N GLY D 147 38.39 -13.55 -10.68
CA GLY D 147 38.76 -14.76 -9.99
C GLY D 147 38.83 -14.63 -8.48
N ARG D 148 39.42 -13.54 -8.01
CA ARG D 148 39.72 -13.37 -6.59
C ARG D 148 39.12 -12.08 -6.02
N PRO D 149 39.00 -12.00 -4.69
CA PRO D 149 38.59 -10.75 -4.06
C PRO D 149 39.63 -9.64 -4.25
N PHE D 150 39.18 -8.39 -4.33
CA PHE D 150 40.07 -7.27 -4.57
C PHE D 150 39.45 -5.95 -4.12
N ARG D 151 40.29 -4.98 -3.75
CA ARG D 151 39.81 -3.63 -3.44
C ARG D 151 39.55 -2.86 -4.73
N PRO D 152 38.31 -2.39 -4.92
CA PRO D 152 37.91 -1.75 -6.17
C PRO D 152 38.29 -0.26 -6.25
N ASN D 153 38.89 0.27 -5.18
CA ASN D 153 39.19 1.70 -5.09
C ASN D 153 40.15 2.18 -6.17
N GLY D 154 41.25 1.46 -6.35
CA GLY D 154 42.28 1.83 -7.30
C GLY D 154 41.78 1.92 -8.73
N LEU D 155 40.91 0.98 -9.11
CA LEU D 155 40.37 0.96 -10.46
C LEU D 155 39.36 2.09 -10.66
N LEU D 156 38.62 2.42 -9.61
CA LEU D 156 37.64 3.49 -9.68
C LEU D 156 38.34 4.84 -9.84
N ASP D 157 39.43 5.04 -9.11
CA ASP D 157 40.22 6.26 -9.24
C ASP D 157 40.69 6.47 -10.67
N LYS D 158 41.26 5.41 -11.26
CA LYS D 158 41.79 5.46 -12.61
C LYS D 158 40.73 5.81 -13.64
N ALA D 159 39.59 5.14 -13.56
CA ALA D 159 38.51 5.35 -14.52
C ALA D 159 37.95 6.76 -14.41
N VAL D 160 37.84 7.26 -13.19
CA VAL D 160 37.30 8.59 -12.95
C VAL D 160 38.32 9.64 -13.40
N SER D 161 39.61 9.35 -13.19
CA SER D 161 40.67 10.23 -13.63
C SER D 161 40.69 10.37 -15.16
N ASN D 162 40.52 9.25 -15.85
CA ASN D 162 40.56 9.25 -17.31
C ASN D 162 39.45 10.08 -17.94
N VAL D 163 38.31 10.16 -17.26
CA VAL D 163 37.19 10.94 -17.77
C VAL D 163 37.53 12.42 -17.81
N ILE D 164 38.11 12.93 -16.72
CA ILE D 164 38.45 14.34 -16.63
C ILE D 164 39.73 14.61 -17.43
N ALA D 165 40.63 13.62 -17.45
CA ALA D 165 41.82 13.69 -18.27
C ALA D 165 41.42 13.83 -19.74
N SER D 166 40.39 13.10 -20.13
CA SER D 166 39.89 13.13 -21.50
C SER D 166 39.23 14.47 -21.81
N LEU D 167 38.59 15.06 -20.82
CA LEU D 167 37.90 16.33 -21.01
C LEU D 167 38.87 17.51 -21.01
N THR D 168 39.84 17.47 -20.10
CA THR D 168 40.77 18.59 -19.97
C THR D 168 41.96 18.48 -20.92
N CYS D 169 42.40 17.26 -21.21
CA CYS D 169 43.63 17.07 -21.98
C CYS D 169 43.44 16.30 -23.28
N GLY D 170 42.24 15.78 -23.51
CA GLY D 170 41.95 15.09 -24.74
C GLY D 170 42.58 13.71 -24.87
N ARG D 171 42.85 13.06 -23.74
CA ARG D 171 43.40 11.71 -23.77
C ARG D 171 43.06 10.92 -22.52
N ARG D 172 43.27 9.62 -22.60
CA ARG D 172 43.17 8.75 -21.43
C ARG D 172 44.51 8.08 -21.21
N PHE D 173 44.68 7.46 -20.05
CA PHE D 173 45.87 6.70 -19.76
C PHE D 173 45.50 5.25 -19.50
N GLU D 174 46.36 4.32 -19.94
CA GLU D 174 46.16 2.92 -19.63
C GLU D 174 46.28 2.74 -18.13
N TYR D 175 45.60 1.73 -17.58
CA TYR D 175 45.59 1.52 -16.13
C TYR D 175 46.94 1.08 -15.59
N ASP D 176 47.84 0.67 -16.49
CA ASP D 176 49.16 0.20 -16.07
C ASP D 176 50.26 1.21 -16.43
N ASP D 177 49.83 2.37 -16.92
CA ASP D 177 50.74 3.45 -17.31
C ASP D 177 51.48 4.00 -16.10
N PRO D 178 52.82 3.86 -16.07
CA PRO D 178 53.67 4.33 -14.98
C PRO D 178 53.46 5.80 -14.63
N ARG D 179 53.39 6.67 -15.64
CA ARG D 179 53.19 8.09 -15.40
C ARG D 179 51.82 8.38 -14.81
N PHE D 180 50.83 7.59 -15.21
CA PHE D 180 49.47 7.73 -14.70
C PHE D 180 49.42 7.37 -13.23
N LEU D 181 50.05 6.25 -12.87
CA LEU D 181 50.09 5.80 -11.49
C LEU D 181 50.75 6.82 -10.58
N ARG D 182 51.87 7.39 -11.05
CA ARG D 182 52.57 8.40 -10.29
C ARG D 182 51.69 9.64 -10.11
N LEU D 183 50.96 9.99 -11.16
CA LEU D 183 50.05 11.14 -11.11
C LEU D 183 48.96 10.92 -10.07
N LEU D 184 48.33 9.76 -10.10
CA LEU D 184 47.27 9.44 -9.17
C LEU D 184 47.78 9.33 -7.74
N ASP D 185 48.95 8.74 -7.57
CA ASP D 185 49.55 8.58 -6.26
C ASP D 185 49.89 9.92 -5.64
N LEU D 186 50.56 10.78 -6.40
CA LEU D 186 50.92 12.11 -5.96
C LEU D 186 49.69 12.93 -5.58
N ALA D 187 48.60 12.73 -6.30
CA ALA D 187 47.37 13.47 -6.07
C ALA D 187 46.75 13.15 -4.71
N GLN D 188 46.74 11.87 -4.36
CA GLN D 188 46.15 11.45 -3.09
C GLN D 188 47.04 11.83 -1.91
N GLU D 189 48.35 11.77 -2.12
CA GLU D 189 49.29 12.25 -1.12
C GLU D 189 49.15 13.76 -0.94
N GLY D 190 48.94 14.46 -2.05
CA GLY D 190 48.77 15.90 -2.04
C GLY D 190 47.47 16.30 -1.38
N LEU D 191 46.48 15.41 -1.41
CA LEU D 191 45.22 15.63 -0.74
C LEU D 191 45.42 15.52 0.77
N LYS D 192 46.26 14.57 1.18
CA LYS D 192 46.59 14.37 2.58
C LYS D 192 47.35 15.57 3.14
N GLU D 193 48.01 16.31 2.27
CA GLU D 193 48.79 17.47 2.69
C GLU D 193 47.91 18.71 2.90
N GLU D 194 46.68 18.67 2.40
CA GLU D 194 45.76 19.78 2.60
C GLU D 194 45.09 19.67 3.96
N SER D 195 45.30 18.54 4.63
CA SER D 195 44.77 18.33 5.97
C SER D 195 45.86 17.82 6.91
N GLY D 196 46.92 18.61 7.06
CA GLY D 196 48.03 18.23 7.92
C GLY D 196 48.33 19.27 8.98
N PHE D 197 49.16 18.89 9.95
CA PHE D 197 49.53 19.79 11.04
C PHE D 197 50.27 21.02 10.50
N LEU D 198 51.34 20.77 9.74
CA LEU D 198 52.21 21.83 9.26
C LEU D 198 51.50 22.81 8.33
N ARG D 199 50.42 22.38 7.69
CA ARG D 199 49.71 23.26 6.77
C ARG D 199 49.09 24.44 7.50
N GLU D 200 48.10 24.16 8.35
CA GLU D 200 47.38 25.20 9.08
C GLU D 200 48.31 26.05 9.92
N VAL D 201 49.37 25.43 10.44
CA VAL D 201 50.40 26.15 11.18
C VAL D 201 51.05 27.20 10.29
N LEU D 202 51.59 26.75 9.16
CA LEU D 202 52.25 27.64 8.21
C LEU D 202 51.23 28.52 7.50
N ASN D 203 49.98 28.04 7.46
CA ASN D 203 48.89 28.83 6.90
C ASN D 203 48.55 30.00 7.82
N ALA D 204 48.75 29.80 9.12
CA ALA D 204 48.46 30.81 10.12
C ALA D 204 49.52 31.92 10.12
N VAL D 205 50.76 31.56 9.84
CA VAL D 205 51.85 32.53 9.81
C VAL D 205 52.59 32.51 8.47
N PRO D 206 52.18 33.38 7.53
CA PRO D 206 52.80 33.49 6.22
C PRO D 206 54.25 33.98 6.30
N VAL D 207 54.59 34.64 7.40
CA VAL D 207 55.95 35.11 7.61
C VAL D 207 56.89 33.94 7.92
N LEU D 208 56.31 32.86 8.43
CA LEU D 208 57.07 31.65 8.75
C LEU D 208 57.51 30.95 7.47
N LEU D 209 56.82 31.24 6.38
CA LEU D 209 57.12 30.64 5.08
C LEU D 209 58.44 31.17 4.50
N HIS D 210 58.95 32.25 5.07
CA HIS D 210 60.22 32.82 4.64
C HIS D 210 61.36 31.82 4.81
N ILE D 211 61.23 30.97 5.83
CA ILE D 211 62.19 29.89 6.06
C ILE D 211 62.16 28.91 4.90
N PRO D 212 63.30 28.71 4.23
CA PRO D 212 63.40 27.80 3.08
C PRO D 212 63.18 26.35 3.49
N ALA D 213 63.47 26.03 4.74
CA ALA D 213 63.31 24.67 5.26
C ALA D 213 61.83 24.31 5.37
N LEU D 214 61.04 25.21 5.94
CA LEU D 214 59.61 24.95 6.13
C LEU D 214 58.84 25.16 4.84
N ALA D 215 59.46 25.81 3.86
CA ALA D 215 58.84 25.99 2.56
C ALA D 215 59.19 24.84 1.63
N GLY D 216 60.17 24.04 2.04
CA GLY D 216 60.65 22.94 1.23
C GLY D 216 59.79 21.69 1.31
N LYS D 217 59.45 21.27 2.52
CA LYS D 217 58.69 20.04 2.71
C LYS D 217 57.28 20.26 3.23
N VAL D 218 56.75 21.47 3.03
CA VAL D 218 55.38 21.77 3.45
C VAL D 218 54.38 21.12 2.49
N LEU D 219 54.63 21.27 1.19
CA LEU D 219 53.73 20.76 0.18
C LEU D 219 54.50 20.10 -0.96
N ARG D 220 55.43 19.20 -0.61
CA ARG D 220 56.26 18.55 -1.60
C ARG D 220 55.44 17.75 -2.62
N PHE D 221 54.44 17.03 -2.12
CA PHE D 221 53.62 16.18 -2.98
C PHE D 221 52.72 17.01 -3.90
N GLN D 222 52.14 18.08 -3.36
CA GLN D 222 51.32 18.98 -4.18
C GLN D 222 52.20 19.65 -5.23
N LYS D 223 53.45 19.91 -4.88
CA LYS D 223 54.40 20.47 -5.83
C LYS D 223 54.81 19.42 -6.86
N ALA D 224 55.12 18.21 -6.40
CA ALA D 224 55.48 17.12 -7.29
C ALA D 224 54.36 16.82 -8.26
N PHE D 225 53.12 16.88 -7.76
CA PHE D 225 51.93 16.70 -8.57
C PHE D 225 51.85 17.75 -9.68
N LEU D 226 52.04 19.01 -9.29
CA LEU D 226 52.01 20.13 -10.23
C LEU D 226 53.11 20.01 -11.27
N THR D 227 54.26 19.49 -10.87
CA THR D 227 55.37 19.29 -11.79
C THR D 227 55.05 18.22 -12.82
N GLN D 228 54.49 17.10 -12.35
CA GLN D 228 54.07 16.01 -13.24
C GLN D 228 53.03 16.50 -14.24
N LEU D 229 52.17 17.40 -13.80
CA LEU D 229 51.12 17.95 -14.64
C LEU D 229 51.71 18.88 -15.71
N ASP D 230 52.73 19.64 -15.32
CA ASP D 230 53.44 20.54 -16.24
C ASP D 230 53.98 19.77 -17.44
N GLU D 231 54.55 18.61 -17.17
CA GLU D 231 55.10 17.75 -18.21
C GLU D 231 54.02 17.33 -19.22
N LEU D 232 52.82 17.06 -18.73
CA LEU D 232 51.72 16.63 -19.58
C LEU D 232 51.13 17.80 -20.37
N LEU D 233 51.12 18.99 -19.79
CA LEU D 233 50.63 20.17 -20.49
C LEU D 233 51.60 20.57 -21.59
N THR D 234 52.90 20.47 -21.30
CA THR D 234 53.94 20.76 -22.29
C THR D 234 53.82 19.83 -23.49
N GLU D 235 53.62 18.54 -23.24
CA GLU D 235 53.37 17.58 -24.31
C GLU D 235 52.13 17.97 -25.10
N HIS D 236 51.04 18.19 -24.38
CA HIS D 236 49.74 18.51 -24.98
C HIS D 236 49.83 19.77 -25.83
N ARG D 237 50.63 20.73 -25.36
CA ARG D 237 50.83 21.99 -26.07
C ARG D 237 51.54 21.76 -27.41
N MET D 238 52.26 20.65 -27.51
CA MET D 238 52.96 20.28 -28.73
C MET D 238 52.03 19.61 -29.75
N THR D 239 50.98 18.95 -29.26
CA THR D 239 50.08 18.22 -30.14
C THR D 239 48.86 19.04 -30.52
N TRP D 240 48.64 20.13 -29.81
CA TRP D 240 47.52 21.03 -30.09
C TRP D 240 47.52 21.52 -31.54
N ASP D 241 46.38 21.40 -32.20
CA ASP D 241 46.21 21.90 -33.56
C ASP D 241 45.27 23.10 -33.58
N PRO D 242 45.82 24.32 -33.50
CA PRO D 242 45.02 25.55 -33.35
C PRO D 242 44.14 25.79 -34.58
N ALA D 243 44.51 25.21 -35.71
CA ALA D 243 43.73 25.36 -36.94
C ALA D 243 42.37 24.70 -36.82
N GLN D 244 42.25 23.78 -35.88
CA GLN D 244 41.00 23.08 -35.62
C GLN D 244 40.37 23.61 -34.33
N PRO D 245 39.02 23.50 -34.22
CA PRO D 245 38.35 23.91 -32.98
C PRO D 245 38.85 23.11 -31.79
N PRO D 246 38.99 23.76 -30.63
CA PRO D 246 39.40 23.10 -29.38
C PRO D 246 38.70 21.77 -29.16
N ARG D 247 39.50 20.74 -28.90
CA ARG D 247 39.01 19.38 -28.72
C ARG D 247 38.78 19.08 -27.25
N ASP D 248 39.43 19.87 -26.40
CA ASP D 248 39.38 19.68 -24.96
C ASP D 248 39.55 21.01 -24.26
N LEU D 249 39.45 21.01 -22.93
CA LEU D 249 39.45 22.24 -22.15
C LEU D 249 40.79 22.99 -22.22
N THR D 250 41.90 22.26 -22.25
CA THR D 250 43.21 22.89 -22.28
C THR D 250 43.44 23.65 -23.60
N GLU D 251 42.98 23.07 -24.71
CA GLU D 251 43.09 23.74 -26.00
C GLU D 251 42.27 25.03 -26.02
N ALA D 252 41.04 24.95 -25.51
CA ALA D 252 40.16 26.11 -25.41
C ALA D 252 40.82 27.20 -24.58
N PHE D 253 41.47 26.79 -23.50
CA PHE D 253 42.21 27.69 -22.63
C PHE D 253 43.39 28.33 -23.37
N LEU D 254 44.18 27.50 -24.04
CA LEU D 254 45.33 27.97 -24.79
C LEU D 254 44.92 28.97 -25.87
N ALA D 255 43.81 28.70 -26.54
CA ALA D 255 43.26 29.61 -27.55
C ALA D 255 42.89 30.94 -26.92
N GLU D 256 42.26 30.90 -25.75
CA GLU D 256 41.92 32.12 -25.03
C GLU D 256 43.18 32.86 -24.61
N MET D 257 44.18 32.10 -24.15
CA MET D 257 45.45 32.65 -23.71
C MET D 257 46.08 33.51 -24.81
N GLU D 258 46.03 33.01 -26.04
CA GLU D 258 46.57 33.72 -27.20
C GLU D 258 45.81 35.02 -27.46
N LYS D 259 44.47 34.96 -27.40
CA LYS D 259 43.65 36.14 -27.53
C LYS D 259 43.96 37.16 -26.44
N ALA D 260 44.40 36.67 -25.29
CA ALA D 260 44.60 37.51 -24.12
C ALA D 260 46.00 38.11 -24.02
N LYS D 261 46.88 37.77 -24.96
CA LYS D 261 48.24 38.31 -24.93
C LYS D 261 48.19 39.83 -25.02
N GLY D 262 48.77 40.49 -24.03
CA GLY D 262 48.72 41.94 -23.94
C GLY D 262 47.64 42.46 -23.01
N ASN D 263 46.86 41.54 -22.43
CA ASN D 263 45.78 41.92 -21.52
C ASN D 263 46.08 41.48 -20.09
N PRO D 264 46.63 42.38 -19.28
CA PRO D 264 47.02 42.10 -17.89
C PRO D 264 45.85 41.78 -16.96
N GLU D 265 44.62 41.95 -17.45
CA GLU D 265 43.45 41.69 -16.63
C GLU D 265 42.92 40.26 -16.78
N SER D 266 43.37 39.58 -17.83
CA SER D 266 42.87 38.23 -18.13
C SER D 266 43.36 37.21 -17.11
N SER D 267 42.52 36.22 -16.82
CA SER D 267 42.93 35.12 -15.97
C SER D 267 43.46 33.96 -16.82
N PHE D 268 43.42 34.12 -18.13
CA PHE D 268 43.97 33.12 -19.04
C PHE D 268 45.47 33.34 -19.25
N ASN D 269 46.28 32.68 -18.42
CA ASN D 269 47.73 32.77 -18.50
C ASN D 269 48.38 31.44 -18.09
N ASP D 270 49.67 31.30 -18.36
CA ASP D 270 50.41 30.06 -18.10
C ASP D 270 50.30 29.60 -16.66
N GLU D 271 50.42 30.54 -15.73
CA GLU D 271 50.38 30.23 -14.31
C GLU D 271 49.01 29.70 -13.88
N ASN D 272 47.96 30.22 -14.50
CA ASN D 272 46.60 29.83 -14.14
C ASN D 272 46.15 28.55 -14.83
N LEU D 273 46.76 28.27 -15.98
CA LEU D 273 46.47 27.04 -16.71
C LEU D 273 46.74 25.81 -15.86
N ARG D 274 47.91 25.77 -15.24
CA ARG D 274 48.29 24.62 -14.45
C ARG D 274 47.45 24.52 -13.18
N ILE D 275 47.04 25.66 -12.63
CA ILE D 275 46.22 25.64 -11.42
C ILE D 275 44.79 25.19 -11.74
N VAL D 276 44.20 25.75 -12.79
CA VAL D 276 42.85 25.38 -13.19
C VAL D 276 42.77 23.89 -13.52
N VAL D 277 43.69 23.42 -14.35
CA VAL D 277 43.73 21.99 -14.69
C VAL D 277 43.92 21.13 -13.44
N ALA D 278 44.83 21.54 -12.56
CA ALA D 278 45.08 20.81 -11.33
C ALA D 278 43.85 20.79 -10.42
N ASP D 279 43.09 21.89 -10.44
CA ASP D 279 41.85 21.97 -9.68
C ASP D 279 40.82 20.98 -10.21
N LEU D 280 40.53 21.09 -11.52
CA LEU D 280 39.55 20.24 -12.17
C LEU D 280 39.87 18.76 -12.03
N PHE D 281 41.09 18.40 -12.38
CA PHE D 281 41.54 17.01 -12.39
C PHE D 281 41.32 16.35 -11.04
N SER D 282 41.84 16.98 -10.00
CA SER D 282 41.86 16.37 -8.67
C SER D 282 40.52 16.48 -7.93
N ALA D 283 39.85 17.63 -8.04
CA ALA D 283 38.56 17.80 -7.37
C ALA D 283 37.51 16.88 -7.97
N GLY D 284 37.75 16.45 -9.21
CA GLY D 284 36.82 15.57 -9.90
C GLY D 284 37.11 14.11 -9.69
N MET D 285 38.32 13.80 -9.24
CA MET D 285 38.72 12.41 -9.03
C MET D 285 38.30 11.90 -7.66
N VAL D 286 38.92 12.47 -6.63
CA VAL D 286 38.81 11.95 -5.28
C VAL D 286 37.38 11.97 -4.74
N THR D 287 36.55 12.85 -5.27
CA THR D 287 35.15 12.91 -4.83
C THR D 287 34.29 11.88 -5.55
N THR D 288 34.40 11.83 -6.87
CA THR D 288 33.56 10.94 -7.69
C THR D 288 33.85 9.46 -7.47
N SER D 289 35.13 9.11 -7.33
CA SER D 289 35.51 7.71 -7.19
C SER D 289 35.22 7.22 -5.77
N THR D 290 35.38 8.11 -4.80
CA THR D 290 35.06 7.78 -3.41
C THR D 290 33.56 7.51 -3.29
N THR D 291 32.76 8.33 -3.97
CA THR D 291 31.32 8.13 -4.02
C THR D 291 30.99 6.78 -4.64
N LEU D 292 31.74 6.40 -5.67
CA LEU D 292 31.57 5.09 -6.29
C LEU D 292 32.09 3.98 -5.39
N ALA D 293 33.11 4.30 -4.58
CA ALA D 293 33.63 3.33 -3.63
C ALA D 293 32.60 3.08 -2.53
N TRP D 294 31.90 4.14 -2.11
CA TRP D 294 30.80 4.01 -1.16
C TRP D 294 29.68 3.18 -1.78
N GLY D 295 29.42 3.42 -3.07
CA GLY D 295 28.37 2.72 -3.79
C GLY D 295 28.52 1.21 -3.76
N LEU D 296 29.66 0.72 -4.23
CA LEU D 296 29.91 -0.71 -4.28
C LEU D 296 29.91 -1.35 -2.89
N LEU D 297 30.28 -0.55 -1.88
CA LEU D 297 30.26 -1.03 -0.50
C LEU D 297 28.82 -1.25 -0.06
N LEU D 298 27.97 -0.25 -0.30
CA LEU D 298 26.58 -0.31 0.10
C LEU D 298 25.80 -1.36 -0.71
N MET D 299 26.36 -1.78 -1.84
CA MET D 299 25.72 -2.78 -2.67
C MET D 299 26.01 -4.20 -2.17
N ILE D 300 27.19 -4.39 -1.59
CA ILE D 300 27.53 -5.70 -1.03
C ILE D 300 27.01 -5.83 0.40
N LEU D 301 26.73 -4.70 1.03
CA LEU D 301 26.15 -4.69 2.37
C LEU D 301 24.64 -4.89 2.29
N HIS D 302 24.05 -4.42 1.18
CA HIS D 302 22.62 -4.52 0.98
C HIS D 302 22.31 -5.20 -0.35
N PRO D 303 22.52 -6.52 -0.44
CA PRO D 303 22.37 -7.27 -1.69
C PRO D 303 20.96 -7.17 -2.26
N ASP D 304 19.98 -6.98 -1.39
CA ASP D 304 18.60 -6.81 -1.83
C ASP D 304 18.48 -5.60 -2.76
N VAL D 305 19.07 -4.50 -2.34
CA VAL D 305 19.07 -3.27 -3.13
C VAL D 305 19.77 -3.47 -4.47
N GLN D 306 20.89 -4.18 -4.43
CA GLN D 306 21.67 -4.46 -5.64
C GLN D 306 20.85 -5.23 -6.67
N ARG D 307 20.12 -6.25 -6.21
CA ARG D 307 19.30 -7.07 -7.10
C ARG D 307 18.18 -6.27 -7.76
N ARG D 308 17.54 -5.40 -6.98
CA ARG D 308 16.46 -4.58 -7.51
C ARG D 308 16.98 -3.62 -8.58
N VAL D 309 18.17 -3.08 -8.35
CA VAL D 309 18.81 -2.21 -9.32
C VAL D 309 19.12 -3.00 -10.59
N GLN D 310 19.74 -4.17 -10.39
CA GLN D 310 20.11 -5.05 -11.49
C GLN D 310 18.90 -5.48 -12.31
N GLN D 311 17.77 -5.69 -11.63
CA GLN D 311 16.55 -6.07 -12.33
C GLN D 311 16.02 -4.89 -13.14
N GLU D 312 16.19 -3.68 -12.62
CA GLU D 312 15.74 -2.48 -13.32
C GLU D 312 16.60 -2.23 -14.57
N ILE D 313 17.87 -2.63 -14.50
CA ILE D 313 18.76 -2.52 -15.64
C ILE D 313 18.30 -3.46 -16.75
N ASP D 314 17.98 -4.70 -16.38
CA ASP D 314 17.53 -5.70 -17.33
C ASP D 314 16.22 -5.29 -18.01
N ASP D 315 15.30 -4.74 -17.22
CA ASP D 315 13.98 -4.37 -17.73
C ASP D 315 14.03 -3.19 -18.68
N VAL D 316 14.96 -2.27 -18.44
CA VAL D 316 15.02 -1.02 -19.20
C VAL D 316 16.12 -1.02 -20.25
N ILE D 317 17.29 -1.53 -19.90
CA ILE D 317 18.45 -1.45 -20.76
C ILE D 317 18.79 -2.78 -21.45
N GLY D 318 18.88 -3.84 -20.65
CA GLY D 318 19.28 -5.13 -21.17
C GLY D 318 20.69 -5.45 -20.72
N GLN D 319 21.23 -6.58 -21.15
CA GLN D 319 22.57 -6.98 -20.71
C GLN D 319 23.59 -7.00 -21.85
N VAL D 320 23.30 -6.27 -22.92
CA VAL D 320 24.25 -6.16 -24.02
C VAL D 320 24.52 -4.69 -24.36
N ARG D 321 23.46 -3.90 -24.45
CA ARG D 321 23.58 -2.49 -24.78
C ARG D 321 24.17 -1.69 -23.61
N ARG D 322 25.06 -0.77 -23.93
CA ARG D 322 25.63 0.13 -22.93
C ARG D 322 24.58 1.10 -22.41
N PRO D 323 24.61 1.40 -21.10
CA PRO D 323 23.70 2.39 -20.50
C PRO D 323 23.89 3.78 -21.09
N GLU D 324 22.77 4.50 -21.26
CA GLU D 324 22.81 5.88 -21.75
C GLU D 324 22.07 6.79 -20.77
N MET D 325 22.36 8.09 -20.83
CA MET D 325 21.75 9.05 -19.92
C MET D 325 20.24 9.18 -20.11
N GLY D 326 19.74 8.67 -21.22
CA GLY D 326 18.31 8.69 -21.48
C GLY D 326 17.56 7.65 -20.68
N ASP D 327 18.31 6.67 -20.16
CA ASP D 327 17.73 5.58 -19.38
C ASP D 327 17.37 6.02 -17.96
N GLN D 328 18.04 7.06 -17.47
CA GLN D 328 17.85 7.53 -16.11
C GLN D 328 16.41 7.97 -15.84
N ALA D 329 15.78 8.55 -16.85
CA ALA D 329 14.41 9.03 -16.72
C ALA D 329 13.42 7.89 -16.56
N HIS D 330 13.88 6.66 -16.77
CA HIS D 330 13.01 5.49 -16.68
C HIS D 330 13.51 4.49 -15.65
N MET D 331 14.51 4.89 -14.87
CA MET D 331 15.04 4.06 -13.80
C MET D 331 15.06 4.80 -12.47
N PRO D 332 13.87 5.07 -11.89
CA PRO D 332 13.77 5.90 -10.69
C PRO D 332 14.40 5.25 -9.45
N TYR D 333 14.44 3.92 -9.39
CA TYR D 333 15.01 3.25 -8.23
C TYR D 333 16.53 3.38 -8.22
N THR D 334 17.17 3.11 -9.35
CA THR D 334 18.62 3.27 -9.48
C THR D 334 19.02 4.71 -9.18
N THR D 335 18.22 5.64 -9.68
CA THR D 335 18.46 7.06 -9.41
C THR D 335 18.36 7.34 -7.92
N ALA D 336 17.41 6.67 -7.27
CA ALA D 336 17.20 6.83 -5.84
C ALA D 336 18.38 6.24 -5.06
N VAL D 337 18.81 5.05 -5.47
CA VAL D 337 19.96 4.41 -4.83
C VAL D 337 21.19 5.29 -4.91
N ILE D 338 21.50 5.77 -6.11
CA ILE D 338 22.65 6.63 -6.35
C ILE D 338 22.64 7.86 -5.45
N HIS D 339 21.51 8.57 -5.42
CA HIS D 339 21.35 9.73 -4.55
C HIS D 339 21.54 9.36 -3.09
N GLU D 340 21.05 8.18 -2.71
CA GLU D 340 21.13 7.74 -1.33
C GLU D 340 22.55 7.36 -0.95
N VAL D 341 23.31 6.90 -1.94
CA VAL D 341 24.74 6.64 -1.74
C VAL D 341 25.46 7.94 -1.39
N GLN D 342 25.12 9.01 -2.09
CA GLN D 342 25.72 10.31 -1.83
C GLN D 342 25.29 10.85 -0.47
N ARG D 343 24.00 10.75 -0.17
CA ARG D 343 23.46 11.25 1.09
C ARG D 343 24.05 10.51 2.27
N PHE D 344 24.16 9.19 2.15
CA PHE D 344 24.73 8.36 3.21
C PHE D 344 26.24 8.49 3.22
N GLY D 345 26.83 8.54 2.03
CA GLY D 345 28.27 8.65 1.88
C GLY D 345 28.84 9.89 2.56
N ASP D 346 28.17 11.02 2.38
CA ASP D 346 28.47 12.24 3.11
C ASP D 346 29.97 12.58 3.05
N ILE D 347 30.53 12.51 1.85
CA ILE D 347 31.98 12.49 1.67
C ILE D 347 32.62 13.86 1.93
N VAL D 348 31.84 14.93 1.83
CA VAL D 348 32.32 16.26 2.19
C VAL D 348 31.47 16.82 3.32
N PRO D 349 31.63 16.28 4.54
CA PRO D 349 30.74 16.59 5.67
C PRO D 349 30.73 18.05 6.06
N LEU D 350 31.92 18.67 6.08
CA LEU D 350 32.04 20.06 6.48
C LEU D 350 32.24 20.98 5.27
N GLY D 351 31.94 20.46 4.09
CA GLY D 351 32.03 21.22 2.87
C GLY D 351 33.39 21.86 2.64
N VAL D 352 33.40 22.94 1.87
CA VAL D 352 34.59 23.75 1.69
C VAL D 352 34.32 25.10 2.34
N THR D 353 35.30 25.62 3.08
CA THR D 353 35.08 26.84 3.85
C THR D 353 34.79 28.05 2.98
N HIS D 354 33.83 28.86 3.41
CA HIS D 354 33.51 30.12 2.77
C HIS D 354 33.98 31.28 3.65
N MET D 355 33.85 32.50 3.13
CA MET D 355 34.10 33.70 3.92
C MET D 355 33.09 34.78 3.56
N THR D 356 32.65 35.53 4.57
CA THR D 356 31.75 36.65 4.34
C THR D 356 32.51 37.85 3.79
N SER D 357 32.02 38.39 2.67
CA SER D 357 32.64 39.55 2.07
C SER D 357 32.08 40.85 2.64
N ARG D 358 30.97 40.74 3.37
CA ARG D 358 30.39 41.87 4.07
C ARG D 358 29.60 41.39 5.29
N ASP D 359 28.90 42.32 5.94
CA ASP D 359 28.05 41.97 7.09
C ASP D 359 26.73 41.37 6.61
N ILE D 360 26.38 40.21 7.17
CA ILE D 360 25.14 39.54 6.82
C ILE D 360 24.37 39.11 8.06
N GLU D 361 23.15 38.62 7.83
CA GLU D 361 22.28 38.18 8.92
C GLU D 361 21.72 36.79 8.63
N VAL D 362 22.01 35.84 9.50
CA VAL D 362 21.53 34.47 9.34
C VAL D 362 20.77 34.01 10.59
N GLN D 363 19.54 33.54 10.39
CA GLN D 363 18.69 33.04 11.47
C GLN D 363 18.57 34.07 12.60
N GLY D 364 18.62 35.35 12.24
CA GLY D 364 18.56 36.41 13.22
C GLY D 364 19.91 36.96 13.61
N PHE D 365 20.90 36.07 13.76
CA PHE D 365 22.24 36.46 14.20
C PHE D 365 22.95 37.33 13.17
N ARG D 366 23.95 38.07 13.63
CA ARG D 366 24.73 38.94 12.76
C ARG D 366 26.10 38.35 12.51
N ILE D 367 26.49 38.25 11.24
CA ILE D 367 27.80 37.72 10.87
C ILE D 367 28.68 38.83 10.32
N PRO D 368 29.72 39.20 11.08
CA PRO D 368 30.68 40.25 10.69
C PRO D 368 31.43 39.91 9.41
N LYS D 369 31.85 40.93 8.68
CA LYS D 369 32.63 40.75 7.45
C LYS D 369 33.97 40.07 7.74
N GLY D 370 34.39 39.18 6.83
CA GLY D 370 35.67 38.50 6.96
C GLY D 370 35.57 37.30 7.88
N THR D 371 34.35 36.80 8.07
CA THR D 371 34.13 35.64 8.93
C THR D 371 34.17 34.34 8.15
N THR D 372 35.02 33.42 8.59
CA THR D 372 35.09 32.08 8.00
C THR D 372 33.81 31.31 8.26
N LEU D 373 33.18 30.85 7.19
CA LEU D 373 31.94 30.08 7.31
C LEU D 373 32.19 28.60 7.04
N ILE D 374 31.76 27.75 7.96
CA ILE D 374 31.76 26.31 7.74
C ILE D 374 30.35 25.83 7.46
N THR D 375 30.12 25.34 6.25
CA THR D 375 28.83 24.76 5.91
C THR D 375 28.82 23.29 6.32
N ASN D 376 28.00 22.96 7.30
CA ASN D 376 27.91 21.59 7.78
C ASN D 376 26.95 20.77 6.91
N LEU D 377 27.43 20.39 5.72
CA LEU D 377 26.62 19.63 4.77
C LEU D 377 26.15 18.31 5.36
N SER D 378 26.94 17.77 6.29
CA SER D 378 26.56 16.56 7.03
C SER D 378 25.27 16.79 7.81
N SER D 379 25.16 17.95 8.45
CA SER D 379 23.96 18.27 9.23
C SER D 379 22.75 18.46 8.34
N VAL D 380 22.97 18.72 7.05
CA VAL D 380 21.88 18.89 6.10
C VAL D 380 21.46 17.54 5.55
N LEU D 381 22.43 16.70 5.22
CA LEU D 381 22.18 15.37 4.66
C LEU D 381 21.66 14.38 5.70
N LYS D 382 21.97 14.64 6.97
CA LYS D 382 21.61 13.71 8.04
C LYS D 382 20.62 14.32 9.02
N ASP D 383 19.89 15.34 8.56
CA ASP D 383 18.93 16.07 9.39
C ASP D 383 17.78 15.16 9.84
N GLU D 384 17.61 15.03 11.15
CA GLU D 384 16.60 14.14 11.72
C GLU D 384 15.18 14.62 11.42
N ALA D 385 15.05 15.88 11.07
CA ALA D 385 13.74 16.49 10.82
C ALA D 385 13.41 16.54 9.33
N VAL D 386 14.21 15.86 8.51
CA VAL D 386 13.96 15.80 7.08
C VAL D 386 13.92 14.36 6.58
N TRP D 387 14.85 13.55 7.06
CA TRP D 387 15.01 12.18 6.57
C TRP D 387 14.47 11.15 7.55
N GLU D 388 13.77 10.15 7.03
CA GLU D 388 13.17 9.10 7.84
C GLU D 388 14.20 8.31 8.63
N LYS D 389 15.24 7.87 7.93
CA LYS D 389 16.32 7.09 8.54
C LYS D 389 17.68 7.71 8.23
N PRO D 390 17.98 8.86 8.83
CA PRO D 390 19.19 9.63 8.50
C PRO D 390 20.50 8.86 8.63
N PHE D 391 20.53 7.80 9.41
CA PHE D 391 21.80 7.09 9.61
C PHE D 391 21.79 5.67 9.03
N ARG D 392 20.79 5.37 8.22
CA ARG D 392 20.74 4.10 7.51
C ARG D 392 20.83 4.30 6.01
N PHE D 393 21.31 3.29 5.31
CA PHE D 393 21.21 3.28 3.85
C PHE D 393 19.78 2.96 3.48
N HIS D 394 19.04 3.98 3.07
CA HIS D 394 17.60 3.87 2.84
C HIS D 394 17.20 4.56 1.54
N PRO D 395 17.28 3.84 0.42
CA PRO D 395 16.96 4.34 -0.92
C PRO D 395 15.58 5.00 -1.01
N GLU D 396 14.62 4.55 -0.19
CA GLU D 396 13.27 5.10 -0.22
C GLU D 396 13.22 6.56 0.24
N HIS D 397 14.35 7.08 0.72
CA HIS D 397 14.47 8.50 1.02
C HIS D 397 14.16 9.35 -0.22
N PHE D 398 14.43 8.78 -1.39
CA PHE D 398 14.25 9.49 -2.65
C PHE D 398 13.12 8.88 -3.47
N LEU D 399 12.23 8.17 -2.78
CA LEU D 399 11.08 7.54 -3.43
C LEU D 399 9.79 7.86 -2.68
N ASP D 400 8.71 8.09 -3.42
CA ASP D 400 7.39 8.20 -2.82
C ASP D 400 6.75 6.82 -2.74
N ALA D 401 5.48 6.75 -2.36
CA ALA D 401 4.78 5.47 -2.25
C ALA D 401 4.50 4.89 -3.62
N GLN D 402 4.50 5.74 -4.64
CA GLN D 402 4.21 5.33 -6.00
C GLN D 402 5.40 4.65 -6.67
N GLY D 403 6.60 5.02 -6.23
CA GLY D 403 7.82 4.45 -6.79
C GLY D 403 8.57 5.45 -7.65
N HIS D 404 8.02 6.65 -7.77
CA HIS D 404 8.67 7.72 -8.51
C HIS D 404 9.89 8.21 -7.74
N PHE D 405 10.84 8.83 -8.44
CA PHE D 405 11.99 9.43 -7.80
C PHE D 405 11.71 10.88 -7.42
N VAL D 406 11.98 11.23 -6.16
CA VAL D 406 11.82 12.60 -5.70
C VAL D 406 13.07 13.07 -4.94
N LYS D 407 13.48 14.31 -5.19
CA LYS D 407 14.68 14.85 -4.58
C LYS D 407 14.36 15.93 -3.56
N PRO D 408 14.51 15.60 -2.26
CA PRO D 408 14.30 16.56 -1.18
C PRO D 408 15.30 17.72 -1.27
N GLU D 409 14.87 18.92 -0.87
CA GLU D 409 15.71 20.10 -0.93
C GLU D 409 16.95 19.98 -0.03
N ALA D 410 16.92 19.03 0.90
CA ALA D 410 18.02 18.83 1.83
C ALA D 410 19.18 18.08 1.17
N PHE D 411 18.93 17.51 0.00
CA PHE D 411 19.99 16.82 -0.74
C PHE D 411 20.99 17.83 -1.27
N LEU D 412 22.00 18.16 -0.46
CA LEU D 412 23.01 19.14 -0.86
C LEU D 412 24.46 18.64 -0.73
N PRO D 413 24.81 17.52 -1.39
CA PRO D 413 26.21 17.07 -1.30
C PRO D 413 27.14 17.96 -2.13
N PHE D 414 26.59 18.68 -3.09
CA PHE D 414 27.38 19.60 -3.91
C PHE D 414 27.32 21.01 -3.34
N SER D 415 26.83 21.12 -2.10
CA SER D 415 26.56 22.40 -1.45
C SER D 415 25.56 23.21 -2.26
N ALA D 416 25.65 24.53 -2.16
CA ALA D 416 24.70 25.40 -2.85
C ALA D 416 25.25 26.81 -3.05
N GLY D 417 24.53 27.63 -3.81
CA GLY D 417 24.94 29.00 -4.06
C GLY D 417 25.89 29.12 -5.23
N ARG D 418 26.62 30.23 -5.25
CA ARG D 418 27.52 30.52 -6.37
C ARG D 418 28.75 29.63 -6.43
N ARG D 419 29.20 29.12 -5.27
CA ARG D 419 30.37 28.26 -5.23
C ARG D 419 30.04 26.78 -5.34
N ALA D 420 28.76 26.47 -5.50
CA ALA D 420 28.33 25.07 -5.62
C ALA D 420 29.14 24.36 -6.70
N CYS D 421 29.43 23.07 -6.46
CA CYS D 421 30.27 22.27 -7.35
C CYS D 421 29.99 22.50 -8.82
N LEU D 422 30.99 22.94 -9.57
CA LEU D 422 30.79 23.22 -10.98
C LEU D 422 30.76 21.92 -11.77
N GLY D 423 31.36 20.88 -11.20
CA GLY D 423 31.47 19.59 -11.88
C GLY D 423 30.30 18.65 -11.61
N GLU D 424 29.26 19.16 -10.96
CA GLU D 424 28.07 18.35 -10.67
C GLU D 424 27.41 17.74 -11.91
N PRO D 425 27.22 18.51 -12.99
CA PRO D 425 26.64 17.88 -14.18
C PRO D 425 27.47 16.69 -14.68
N LEU D 426 28.80 16.81 -14.57
CA LEU D 426 29.68 15.72 -14.94
C LEU D 426 29.60 14.59 -13.93
N ALA D 427 29.63 14.94 -12.65
CA ALA D 427 29.56 13.96 -11.57
C ALA D 427 28.30 13.11 -11.67
N ARG D 428 27.17 13.75 -11.97
CA ARG D 428 25.91 13.05 -12.19
C ARG D 428 26.06 11.99 -13.27
N MET D 429 26.64 12.42 -14.40
CA MET D 429 26.85 11.56 -15.55
C MET D 429 27.77 10.38 -15.21
N GLU D 430 28.88 10.67 -14.55
CA GLU D 430 29.84 9.64 -14.16
C GLU D 430 29.23 8.63 -13.19
N LEU D 431 28.48 9.13 -12.20
CA LEU D 431 27.88 8.25 -11.20
C LEU D 431 26.88 7.30 -11.83
N PHE D 432 25.98 7.84 -12.65
CA PHE D 432 24.96 7.01 -13.29
C PHE D 432 25.56 6.00 -14.26
N LEU D 433 26.49 6.44 -15.10
CA LEU D 433 27.02 5.58 -16.14
C LEU D 433 28.00 4.54 -15.62
N PHE D 434 28.84 4.90 -14.65
CA PHE D 434 29.77 3.95 -14.05
C PHE D 434 29.04 2.90 -13.19
N PHE D 435 28.12 3.36 -12.36
CA PHE D 435 27.41 2.49 -11.42
C PHE D 435 26.51 1.49 -12.16
N THR D 436 25.74 1.98 -13.12
CA THR D 436 24.85 1.12 -13.90
C THR D 436 25.62 0.13 -14.76
N SER D 437 26.77 0.54 -15.29
CA SER D 437 27.57 -0.34 -16.13
C SER D 437 28.19 -1.48 -15.33
N LEU D 438 28.68 -1.17 -14.13
CA LEU D 438 29.24 -2.18 -13.26
C LEU D 438 28.19 -3.18 -12.79
N LEU D 439 27.02 -2.67 -12.40
CA LEU D 439 25.95 -3.53 -11.90
C LEU D 439 25.27 -4.32 -13.01
N GLN D 440 25.40 -3.83 -14.24
CA GLN D 440 24.78 -4.48 -15.40
C GLN D 440 25.43 -5.84 -15.68
N HIS D 441 26.72 -5.95 -15.44
CA HIS D 441 27.46 -7.15 -15.82
C HIS D 441 28.06 -7.88 -14.63
N PHE D 442 27.99 -7.29 -13.45
CA PHE D 442 28.58 -7.92 -12.27
C PHE D 442 27.63 -7.96 -11.07
N SER D 443 27.64 -9.10 -10.38
CA SER D 443 27.00 -9.20 -9.09
C SER D 443 28.05 -9.01 -8.00
N PHE D 444 27.88 -8.00 -7.17
CA PHE D 444 28.85 -7.72 -6.13
C PHE D 444 28.37 -8.23 -4.78
N SER D 445 29.29 -8.82 -4.03
CA SER D 445 28.98 -9.37 -2.72
C SER D 445 30.23 -9.44 -1.87
N VAL D 446 30.05 -9.60 -0.56
CA VAL D 446 31.17 -9.80 0.35
C VAL D 446 31.84 -11.14 0.06
N PRO D 447 33.18 -11.18 0.09
CA PRO D 447 33.89 -12.44 -0.12
C PRO D 447 33.59 -13.43 0.99
N THR D 448 33.19 -14.65 0.65
CA THR D 448 32.88 -15.67 1.65
C THR D 448 34.12 -15.97 2.49
N GLY D 449 33.93 -16.00 3.81
CA GLY D 449 35.03 -16.28 4.71
C GLY D 449 35.58 -15.05 5.40
N GLN D 450 34.97 -13.89 5.11
CA GLN D 450 35.43 -12.63 5.68
C GLN D 450 34.26 -11.91 6.37
N PRO D 451 34.58 -11.17 7.45
CA PRO D 451 33.55 -10.45 8.20
C PRO D 451 32.93 -9.28 7.43
N ARG D 452 31.64 -9.04 7.65
CA ARG D 452 30.94 -7.92 7.03
C ARG D 452 31.66 -6.60 7.32
N PRO D 453 31.98 -5.85 6.27
CA PRO D 453 32.73 -4.60 6.40
C PRO D 453 31.91 -3.52 7.09
N SER D 454 32.58 -2.56 7.72
CA SER D 454 31.89 -1.48 8.41
C SER D 454 31.25 -0.50 7.43
N HIS D 455 30.14 0.10 7.84
CA HIS D 455 29.50 1.14 7.05
C HIS D 455 29.91 2.51 7.60
N HIS D 456 30.77 2.49 8.60
CA HIS D 456 31.29 3.71 9.21
C HIS D 456 32.60 4.12 8.57
N GLY D 457 32.68 5.37 8.12
CA GLY D 457 33.88 5.86 7.47
C GLY D 457 34.80 6.60 8.41
N VAL D 458 36.10 6.57 8.10
CA VAL D 458 37.08 7.35 8.84
C VAL D 458 36.97 8.82 8.42
N PHE D 459 36.80 9.70 9.41
CA PHE D 459 36.57 11.11 9.13
C PHE D 459 37.83 11.84 8.66
N ALA D 460 37.63 12.75 7.71
CA ALA D 460 38.67 13.66 7.23
C ALA D 460 38.00 14.82 6.52
N PHE D 461 38.76 15.56 5.72
CA PHE D 461 38.17 16.54 4.82
C PHE D 461 37.28 15.79 3.84
N LEU D 462 37.77 14.63 3.40
CA LEU D 462 36.98 13.70 2.61
C LEU D 462 36.78 12.39 3.36
N VAL D 463 35.53 11.94 3.41
CA VAL D 463 35.20 10.72 4.12
C VAL D 463 35.15 9.54 3.17
N SER D 464 36.12 8.64 3.30
CA SER D 464 36.18 7.44 2.48
C SER D 464 35.61 6.26 3.25
N PRO D 465 35.07 5.26 2.52
CA PRO D 465 34.65 4.02 3.16
C PRO D 465 35.86 3.33 3.80
N SER D 466 35.64 2.55 4.85
CA SER D 466 36.70 1.75 5.42
C SER D 466 37.20 0.77 4.36
N PRO D 467 38.49 0.41 4.40
CA PRO D 467 39.06 -0.52 3.43
C PRO D 467 38.32 -1.85 3.38
N TYR D 468 37.79 -2.20 2.21
CA TYR D 468 37.05 -3.45 2.04
C TYR D 468 37.44 -4.15 0.76
N GLU D 469 37.12 -5.44 0.69
CA GLU D 469 37.30 -6.20 -0.54
C GLU D 469 35.96 -6.73 -1.01
N LEU D 470 35.84 -7.02 -2.30
CA LEU D 470 34.61 -7.58 -2.82
C LEU D 470 34.88 -8.64 -3.88
N CYS D 471 33.84 -9.38 -4.23
CA CYS D 471 33.89 -10.32 -5.34
C CYS D 471 33.01 -9.80 -6.46
N ALA D 472 33.51 -9.90 -7.69
CA ALA D 472 32.75 -9.48 -8.85
C ALA D 472 32.51 -10.66 -9.77
N VAL D 473 31.31 -11.22 -9.72
CA VAL D 473 30.96 -12.34 -10.59
C VAL D 473 30.07 -11.89 -11.74
N PRO D 474 30.46 -12.26 -12.97
CA PRO D 474 29.71 -11.92 -14.19
C PRO D 474 28.29 -12.50 -14.19
N ARG D 475 27.35 -11.73 -14.71
CA ARG D 475 25.95 -12.14 -14.73
C ARG D 475 25.58 -12.82 -16.05
CHA HEM E . 11.15 -1.22 36.73
CHB HEM E . 9.62 1.69 33.14
CHC HEM E . 5.65 2.81 35.70
CHD HEM E . 7.35 0.17 39.41
C1A HEM E . 11.11 -0.50 35.55
C2A HEM E . 12.16 -0.43 34.55
C3A HEM E . 11.74 0.37 33.57
C4A HEM E . 10.40 0.83 33.90
CMA HEM E . 12.53 0.71 32.33
CAA HEM E . 13.52 -1.14 34.61
CBA HEM E . 13.39 -2.63 34.31
CGA HEM E . 14.76 -3.24 34.41
O1A HEM E . 15.42 -3.06 35.46
O2A HEM E . 15.20 -3.90 33.44
C1B HEM E . 8.40 2.22 33.50
C2B HEM E . 7.55 3.06 32.66
C3B HEM E . 6.45 3.37 33.37
C4B HEM E . 6.57 2.75 34.67
CMB HEM E . 7.92 3.47 31.26
CAB HEM E . 5.23 4.24 32.98
CBB HEM E . 5.05 4.83 31.80
C1C HEM E . 5.71 2.12 36.90
C2C HEM E . 4.63 1.93 37.86
C3C HEM E . 5.11 1.20 38.88
C4C HEM E . 6.50 0.91 38.60
CMC HEM E . 3.24 2.50 37.66
CAC HEM E . 4.42 0.70 40.18
CBC HEM E . 3.14 0.91 40.51
C1D HEM E . 8.52 -0.43 39.02
C2D HEM E . 9.36 -1.29 39.84
C3D HEM E . 10.41 -1.68 39.11
C4D HEM E . 10.27 -1.08 37.79
CMD HEM E . 9.09 -1.67 41.27
CAD HEM E . 11.56 -2.60 39.57
CBD HEM E . 11.21 -4.05 39.21
CGD HEM E . 12.34 -4.99 39.61
O1D HEM E . 12.09 -6.22 39.71
O2D HEM E . 13.48 -4.51 39.84
NA HEM E . 10.06 0.28 35.12
NB HEM E . 7.77 2.05 34.71
NC HEM E . 6.83 1.48 37.38
ND HEM E . 9.12 -0.33 37.78
FE HEM E . 8.43 0.85 36.24
C1 SI5 F . 13.41 7.52 43.68
C2 SI5 F . 14.16 7.30 44.81
C3 SI5 F . 14.06 8.10 45.93
C4 SI5 F . 13.19 9.15 45.88
C5 SI5 F . 12.42 9.43 44.79
C6 SI5 F . 12.53 8.61 43.71
F1 SI5 F . 11.75 8.85 42.64
C7 SI5 F . 13.88 7.45 41.19
O1 SI5 F . 13.80 6.67 39.99
C8 SI5 F . 12.53 6.09 39.83
C9 SI5 F . 12.35 5.02 40.88
C10 SI5 F . 12.55 5.51 38.45
F2 SI5 F . 13.09 9.96 46.98
C11 SI5 F . 13.60 6.58 42.46
C12 SI5 F . 12.33 5.69 42.26
C13 SI5 F . 12.18 4.69 43.39
S1 SI5 F . 13.57 3.56 43.65
C14 SI5 F . 14.92 4.60 43.06
N1 SI5 F . 14.86 5.82 42.59
N2 SI5 F . 16.10 3.97 43.13
C15 SI5 F . 13.22 6.06 37.30
N3 SI5 F . 13.05 5.28 36.26
N4 SI5 F . 12.26 4.23 36.70
C16 SI5 F . 11.95 4.33 37.99
C17 SI5 F . 11.87 3.17 35.77
ZN ZN G . -5.80 0.57 54.25
ZN ZN H . 0.33 6.11 51.63
ZN ZN I . -16.90 17.65 29.32
ZN ZN J . -4.91 -5.44 9.87
CHA HEM K . -31.52 -22.19 6.02
CHB HEM K . -27.22 -21.83 3.78
CHC HEM K . -25.53 -25.59 6.37
CHD HEM K . -29.92 -26.12 8.37
C1A HEM K . -30.51 -21.78 5.18
C2A HEM K . -30.60 -20.69 4.22
C3A HEM K . -29.43 -20.60 3.60
C4A HEM K . -28.52 -21.61 4.15
CMA HEM K . -29.10 -19.59 2.52
CAA HEM K . -31.85 -19.83 3.94
CBA HEM K . -31.97 -18.64 4.88
CGA HEM K . -33.25 -17.91 4.56
O1A HEM K . -34.33 -18.57 4.53
O2A HEM K . -33.22 -16.68 4.34
C1B HEM K . -26.37 -22.80 4.29
C2B HEM K . -24.98 -23.02 3.92
C3B HEM K . -24.51 -24.06 4.64
C4B HEM K . -25.59 -24.53 5.49
CMB HEM K . -24.25 -22.17 2.90
CAB HEM K . -23.10 -24.72 4.67
CBB HEM K . -22.03 -24.26 4.02
C1C HEM K . -26.55 -26.02 7.21
C2C HEM K . -26.43 -26.95 8.31
C3C HEM K . -27.65 -27.11 8.86
C4C HEM K . -28.57 -26.25 8.12
CMC HEM K . -25.13 -27.61 8.71
CAC HEM K . -28.13 -27.97 10.06
CBC HEM K . -27.33 -28.68 10.86
C1D HEM K . -30.74 -25.11 7.93
C2D HEM K . -32.13 -24.90 8.30
C3D HEM K . -32.56 -23.81 7.65
C4D HEM K . -31.47 -23.30 6.84
CMD HEM K . -32.92 -25.74 9.25
CAD HEM K . -33.98 -23.20 7.74
CBD HEM K . -34.01 -22.18 8.87
CGD HEM K . -35.32 -21.45 8.92
O1D HEM K . -35.62 -20.81 9.96
O2D HEM K . -36.09 -21.51 7.93
NA HEM K . -29.23 -22.30 5.12
NB HEM K . -26.70 -23.75 5.24
NC HEM K . -27.86 -25.61 7.12
ND HEM K . -30.37 -24.12 7.03
FE HEM K . -28.46 -23.82 6.31
C1 SI5 L . -34.44 -31.68 0.90
C2 SI5 L . -35.76 -32.12 0.90
C3 SI5 L . -36.07 -33.45 0.71
C4 SI5 L . -35.06 -34.33 0.50
C5 SI5 L . -33.74 -33.98 0.47
C6 SI5 L . -33.47 -32.65 0.67
F1 SI5 L . -32.16 -32.26 0.66
C7 SI5 L . -33.38 -29.67 -0.15
O1 SI5 L . -32.84 -28.36 0.04
C8 SI5 L . -31.95 -28.32 1.12
C9 SI5 L . -32.76 -28.48 2.39
C10 SI5 L . -31.29 -26.98 1.00
F2 SI5 L . -35.37 -35.65 0.31
C11 SI5 L . -34.16 -30.18 1.10
C12 SI5 L . -33.33 -29.90 2.40
C13 SI5 L . -34.16 -30.18 3.65
S1 SI5 L . -35.70 -29.24 3.80
C14 SI5 L . -36.10 -29.02 2.06
N1 SI5 L . -35.42 -29.42 1.02
N2 SI5 L . -37.23 -28.34 1.90
C15 SI5 L . -30.82 -26.39 -0.21
N3 SI5 L . -30.29 -25.20 0.02
N4 SI5 L . -30.43 -25.00 1.39
C16 SI5 L . -31.00 -26.04 2.01
C17 SI5 L . -29.95 -23.76 1.98
ZN ZN M . -29.57 -41.27 21.11
ZN ZN N . -30.52 -40.81 12.39
ZN ZN O . -0.61 -37.62 7.25
CHA HEM P . -13.44 0.83 -38.42
CHB HEM P . -14.30 1.77 -33.74
CHC HEM P . -13.40 6.48 -34.49
CHD HEM P . -13.01 5.59 -39.24
C1A HEM P . -13.79 0.66 -37.10
C2A HEM P . -14.23 -0.57 -36.46
C3A HEM P . -14.46 -0.31 -35.17
C4A HEM P . -14.17 1.10 -34.94
CMA HEM P . -14.93 -1.31 -34.15
CAA HEM P . -14.40 -1.94 -37.15
CBA HEM P . -13.08 -2.70 -37.18
CGA HEM P . -13.31 -4.01 -37.88
O1A HEM P . -13.70 -3.98 -39.08
O2A HEM P . -13.09 -5.08 -37.26
C1B HEM P . -14.11 3.11 -33.52
C2B HEM P . -14.17 3.80 -32.23
C3B HEM P . -13.93 5.11 -32.44
C4B HEM P . -13.69 5.29 -33.86
CMB HEM P . -14.48 3.08 -30.93
CAB HEM P . -13.87 6.29 -31.44
CBB HEM P . -14.00 6.18 -30.11
C1C HEM P . -13.13 6.64 -35.83
C2C HEM P . -12.55 7.82 -36.46
C3C HEM P . -12.45 7.56 -37.78
C4C HEM P . -12.95 6.22 -38.02
CMC HEM P . -12.16 9.07 -35.71
CAC HEM P . -11.90 8.45 -38.94
CBC HEM P . -11.24 9.59 -38.78
C1D HEM P . -13.08 4.23 -39.44
C2D HEM P . -12.99 3.55 -40.72
C3D HEM P . -13.10 2.23 -40.50
C4D HEM P . -13.28 2.03 -39.07
CMD HEM P . -12.80 4.22 -42.05
CAD HEM P . -13.05 1.14 -41.57
CBD HEM P . -11.62 0.60 -41.61
CGD HEM P . -11.50 -0.58 -42.56
O1D HEM P . -10.35 -0.97 -42.86
O2D HEM P . -12.54 -1.11 -43.02
NA HEM P . -13.76 1.66 -36.13
NB HEM P . -13.81 4.06 -34.49
NC HEM P . -13.36 5.69 -36.81
ND HEM P . -13.26 3.27 -38.47
FE HEM P . -13.57 3.66 -36.50
C1 SI5 Q . -23.22 5.44 -41.83
C2 SI5 Q . -23.63 5.21 -43.14
C3 SI5 Q . -24.50 6.07 -43.80
C4 SI5 Q . -24.96 7.16 -43.11
C5 SI5 Q . -24.61 7.44 -41.82
C6 SI5 Q . -23.74 6.57 -41.21
F1 SI5 Q . -23.35 6.85 -39.95
C7 SI5 Q . -22.89 3.98 -39.81
O1 SI5 Q . -21.95 3.22 -39.03
C8 SI5 Q . -20.81 3.97 -38.71
C9 SI5 Q . -20.01 4.20 -39.98
C10 SI5 Q . -20.10 3.13 -37.70
F2 SI5 Q . -25.82 8.01 -43.74
C11 SI5 Q . -22.27 4.42 -41.17
C12 SI5 Q . -20.85 5.06 -40.93
C13 SI5 Q . -20.14 5.33 -42.25
S1 SI5 Q . -19.87 3.87 -43.28
C14 SI5 Q . -21.30 2.87 -42.81
N1 SI5 Q . -22.23 3.17 -41.93
N2 SI5 Q . -21.33 1.71 -43.45
C15 SI5 Q . -20.70 2.38 -36.65
N3 SI5 Q . -19.79 1.73 -35.95
N4 SI5 Q . -18.58 2.07 -36.53
C16 SI5 Q . -18.72 2.91 -37.56
C17 SI5 Q . -17.35 1.52 -35.99
ZN ZN R . -9.40 22.36 -49.20
ZN ZN S . -16.99 18.54 -45.95
ZN ZN T . -21.26 3.56 -11.63
ZN ZN U . -11.68 28.21 -16.56
ZN ZN V . -32.25 -13.74 -25.84
CHA HEM W . 33.33 22.48 -5.31
CHB HEM W . 31.27 18.27 -4.03
CHC HEM W . 32.72 16.21 -8.18
CHD HEM W . 35.05 20.31 -9.30
C1A HEM W . 32.67 21.51 -4.59
C2A HEM W . 32.11 21.67 -3.25
C3A HEM W . 31.54 20.52 -2.91
C4A HEM W . 31.71 19.58 -4.00
CMA HEM W . 30.85 20.23 -1.60
CAA HEM W . 32.17 22.95 -2.40
CBA HEM W . 31.00 23.89 -2.71
CGA HEM W . 31.17 25.17 -1.94
O1A HEM W . 32.32 25.68 -1.84
O2A HEM W . 30.15 25.69 -1.41
C1B HEM W . 31.48 17.35 -5.05
C2B HEM W . 30.98 15.99 -5.06
C3B HEM W . 31.37 15.41 -6.20
C4B HEM W . 32.13 16.40 -6.95
CMB HEM W . 30.16 15.41 -3.92
CAB HEM W . 31.13 13.97 -6.74
CBB HEM W . 30.38 13.04 -6.14
C1C HEM W . 33.41 17.18 -8.91
C2C HEM W . 33.79 17.11 -10.30
C3C HEM W . 34.45 18.25 -10.60
C4C HEM W . 34.48 19.07 -9.41
CMC HEM W . 33.50 15.92 -11.19
CAC HEM W . 35.08 18.73 -11.94
CBC HEM W . 34.87 18.16 -13.14
C1D HEM W . 34.79 21.26 -8.33
C2D HEM W . 35.30 22.62 -8.30
C3D HEM W . 34.83 23.21 -7.20
C4D HEM W . 34.00 22.26 -6.49
CMD HEM W . 36.20 23.23 -9.33
CAD HEM W . 35.10 24.67 -6.77
CBD HEM W . 33.97 25.53 -7.33
CGD HEM W . 34.08 26.96 -6.85
O1D HEM W . 33.41 27.84 -7.44
O2D HEM W . 34.84 27.20 -5.87
NA HEM W . 32.40 20.23 -5.01
NB HEM W . 32.17 17.56 -6.22
NC HEM W . 33.83 18.38 -8.39
ND HEM W . 34.01 21.08 -7.21
FE HEM W . 32.94 19.36 -6.80
C1 SI5 X . 43.77 18.86 -4.03
C2 SI5 X . 44.84 19.73 -3.88
C3 SI5 X . 46.13 19.35 -4.19
C4 SI5 X . 46.33 18.09 -4.68
C5 SI5 X . 45.33 17.19 -4.86
C6 SI5 X . 44.06 17.61 -4.54
F1 SI5 X . 43.04 16.72 -4.72
C7 SI5 X . 41.84 18.33 -2.53
O1 SI5 X . 40.46 18.53 -2.25
C8 SI5 X . 39.65 18.37 -3.40
C9 SI5 X . 39.93 19.53 -4.34
C10 SI5 X . 38.26 18.39 -2.85
F2 SI5 X . 47.60 17.71 -4.99
C11 SI5 X . 42.37 19.33 -3.60
C12 SI5 X . 41.38 19.39 -4.83
C13 SI5 X . 41.78 20.50 -5.80
S1 SI5 X . 41.86 22.16 -5.09
C14 SI5 X . 42.29 21.77 -3.39
N1 SI5 X . 42.47 20.59 -2.86
N2 SI5 X . 42.41 22.87 -2.64
C15 SI5 X . 37.88 17.94 -1.55
N3 SI5 X . 36.59 18.09 -1.35
N4 SI5 X . 36.11 18.66 -2.52
C16 SI5 X . 37.06 18.84 -3.44
C17 SI5 X . 34.69 18.98 -2.63
ZN ZN Y . 44.04 18.35 -26.92
ZN ZN Z . 46.21 15.94 -18.51
ZN ZN AA . 23.05 -1.14 6.23
ZN ZN BA . 27.18 -9.32 -19.03
ZN ZN CA . 33.76 16.16 20.90
#